data_9H49
#
_entry.id   9H49
#
_cell.length_a   88.184
_cell.length_b   103.680
_cell.length_c   200.283
_cell.angle_alpha   90.00
_cell.angle_beta   90.00
_cell.angle_gamma   90.00
#
_symmetry.space_group_name_H-M   'P 21 21 21'
#
loop_
_entity.id
_entity.type
_entity.pdbx_description
1 polymer Serotransferrin
2 non-polymer 'CITRIC ACID'
3 non-polymer 'PLATINUM (II) ION'
4 non-polymer AMMONIA
5 water water
#
_entity_poly.entity_id   1
_entity_poly.type   'polypeptide(L)'
_entity_poly.pdbx_seq_one_letter_code
;VPDKTVRWCAVSEHEATKCQSFRDHMKSVIPSDGPSVACVKKASYLDCIRAIAANEADAVTLDAGLVYDAYLAPNNLKPV
VAEFYGSKEDPQTFYYAVAVVKKDSGFQMNQLRGKKSCHTGLGRSAGWNIPIGLLYCDLPEPRKPLEKAVANFFSGSCAP
CADGTDFPQLCQLCPGCGCSTLNQYFGYSGAFKCLKDGAGDVAFVKHSTIFENLANKADRDQYELLCLDNTRKPVDEYKD
CHLAQVPSHTVVARSMGGKEDLIWELLNQAQEHFGKDKSKEFQLFSSPHGKDLLFKDSAHGFLKVPPRMDAKMYLGYEYV
TAIRNLREGTCPEAPTDECKPVKWCALSHHERLKCDEWSVNSVGKIECVSAETTEDCIAKIMNGEADAMSLDGGFVYIAG
KCGLVPVLAENYNKSDNCEDTPEAGYFAVAVVKKSASDLTWDNLKGKKSCHTAVGRTAGWNIPMGLLYNKINHCRFDEFF
SEGCAPGSKKDSSLCKLCMGSGLNLCEPNNKEGYYGYTGAFRCLVEKGDVAFVKHQTVPQNTGGKNPDPWAKNLNEKDYE
LLCLDGTRKPVEEYANCHLARAPNHAVVTRKDKEACVHKILRQQQHLFGSNVTDCSGNFCLFRSETKDLLFRDDTVCLAK
LHDRNTYEKYLGEEYVKAVGNLRKCSTSSLLEACTFRRP
;
_entity_poly.pdbx_strand_id   A,B
#
# COMPACT_ATOMS: atom_id res chain seq x y z
N LYS A 4 1.88 30.59 -3.63
CA LYS A 4 2.80 30.58 -4.80
C LYS A 4 3.92 29.56 -4.57
N THR A 5 3.76 28.75 -3.50
CA THR A 5 4.74 27.73 -3.17
C THR A 5 4.16 26.37 -3.54
N VAL A 6 4.84 25.67 -4.46
CA VAL A 6 4.49 24.31 -4.84
C VAL A 6 5.12 23.37 -3.82
N ARG A 7 4.27 22.60 -3.13
CA ARG A 7 4.73 21.63 -2.15
C ARG A 7 5.06 20.33 -2.87
N TRP A 8 6.34 20.16 -3.21
CA TRP A 8 6.81 18.95 -3.85
C TRP A 8 6.97 17.85 -2.81
N CYS A 9 6.72 16.61 -3.26
CA CYS A 9 6.68 15.47 -2.35
C CYS A 9 7.93 14.61 -2.54
N ALA A 10 8.56 14.26 -1.41
CA ALA A 10 9.72 13.38 -1.40
C ALA A 10 9.34 12.04 -0.78
N VAL A 11 9.87 10.95 -1.36
CA VAL A 11 9.53 9.62 -0.91
C VAL A 11 10.66 9.04 -0.05
N SER A 12 11.84 9.67 -0.11
CA SER A 12 12.98 9.26 0.68
C SER A 12 13.67 10.47 1.30
N GLU A 13 14.70 10.22 2.11
CA GLU A 13 15.52 11.27 2.69
C GLU A 13 16.42 11.87 1.61
N HIS A 14 16.86 11.02 0.69
CA HIS A 14 17.70 11.44 -0.43
C HIS A 14 16.92 12.41 -1.31
N GLU A 15 15.65 12.09 -1.59
CA GLU A 15 14.80 12.92 -2.44
C GLU A 15 14.57 14.27 -1.76
N ALA A 16 14.40 14.26 -0.44
CA ALA A 16 14.15 15.47 0.33
C ALA A 16 15.33 16.43 0.21
N THR A 17 16.55 15.87 0.30
CA THR A 17 17.79 16.64 0.21
C THR A 17 17.82 17.39 -1.12
N LYS A 18 17.62 16.65 -2.22
CA LYS A 18 17.64 17.22 -3.55
C LYS A 18 16.56 18.28 -3.68
N CYS A 19 15.37 17.97 -3.14
CA CYS A 19 14.26 18.91 -3.11
C CYS A 19 14.69 20.19 -2.39
N GLN A 20 15.46 20.04 -1.31
CA GLN A 20 15.88 21.15 -0.47
C GLN A 20 16.79 22.09 -1.27
N SER A 21 17.81 21.51 -1.93
CA SER A 21 18.73 22.28 -2.76
C SER A 21 17.98 22.88 -3.95
N PHE A 22 16.96 22.15 -4.41
CA PHE A 22 16.11 22.58 -5.51
C PHE A 22 15.24 23.76 -5.06
N ARG A 23 14.98 23.84 -3.75
CA ARG A 23 14.32 25.00 -3.17
C ARG A 23 15.29 26.17 -3.14
N ASP A 24 16.56 25.88 -2.83
CA ASP A 24 17.58 26.88 -2.59
C ASP A 24 18.01 27.55 -3.89
N HIS A 25 18.20 26.74 -4.94
CA HIS A 25 18.73 27.23 -6.20
C HIS A 25 17.65 27.98 -6.98
N MET A 26 16.41 27.52 -6.85
CA MET A 26 15.26 28.17 -7.48
C MET A 26 14.91 29.45 -6.72
N LYS A 27 15.47 29.59 -5.51
CA LYS A 27 15.22 30.72 -4.64
C LYS A 27 16.00 31.94 -5.16
N SER A 28 17.21 31.68 -5.68
CA SER A 28 18.13 32.70 -6.13
C SER A 28 17.68 33.29 -7.47
N VAL A 29 17.49 32.40 -8.45
CA VAL A 29 17.36 32.79 -9.85
C VAL A 29 15.96 33.33 -10.14
N ILE A 30 15.05 33.18 -9.18
CA ILE A 30 13.67 33.60 -9.35
C ILE A 30 13.41 34.87 -8.54
N PRO A 31 12.70 35.88 -9.12
CA PRO A 31 12.28 37.06 -8.36
C PRO A 31 11.11 36.71 -7.44
N SER A 32 10.91 37.53 -6.41
CA SER A 32 9.81 37.36 -5.47
C SER A 32 8.52 37.05 -6.22
N ASP A 33 8.31 37.78 -7.33
CA ASP A 33 7.22 37.53 -8.25
C ASP A 33 7.58 36.36 -9.16
N GLY A 34 7.54 35.14 -8.59
CA GLY A 34 7.89 33.93 -9.31
C GLY A 34 7.57 32.67 -8.49
N PRO A 35 7.83 31.46 -9.03
CA PRO A 35 7.53 30.21 -8.33
C PRO A 35 8.56 29.86 -7.25
N SER A 36 8.09 29.17 -6.20
CA SER A 36 8.91 28.73 -5.09
C SER A 36 8.58 27.29 -4.72
N VAL A 37 9.56 26.60 -4.13
CA VAL A 37 9.46 25.16 -3.88
C VAL A 37 9.39 24.92 -2.37
N ALA A 38 8.45 24.05 -1.96
CA ALA A 38 8.38 23.52 -0.61
C ALA A 38 8.65 22.02 -0.65
N CYS A 39 9.21 21.48 0.44
CA CYS A 39 9.61 20.07 0.47
C CYS A 39 8.88 19.34 1.59
N VAL A 40 7.75 18.71 1.22
CA VAL A 40 7.00 17.85 2.12
C VAL A 40 7.51 16.42 1.93
N LYS A 41 7.76 15.73 3.06
CA LYS A 41 8.45 14.44 3.02
C LYS A 41 7.56 13.35 3.63
N LYS A 42 7.07 12.47 2.75
CA LYS A 42 6.31 11.29 3.14
C LYS A 42 7.20 10.05 3.01
N ALA A 43 6.59 8.87 3.13
CA ALA A 43 7.35 7.64 3.27
C ALA A 43 7.22 6.73 2.04
N SER A 44 6.22 6.99 1.19
CA SER A 44 6.02 6.23 -0.03
C SER A 44 5.27 7.06 -1.07
N TYR A 45 5.23 6.55 -2.31
CA TYR A 45 4.51 7.18 -3.40
C TYR A 45 3.03 7.23 -3.07
N LEU A 46 2.51 6.14 -2.47
CA LEU A 46 1.13 6.07 -2.02
C LEU A 46 0.85 7.22 -1.05
N ASP A 47 1.75 7.41 -0.08
CA ASP A 47 1.60 8.44 0.94
C ASP A 47 1.65 9.82 0.30
N CYS A 48 2.46 9.96 -0.75
CA CYS A 48 2.54 11.19 -1.52
C CYS A 48 1.22 11.46 -2.23
N ILE A 49 0.61 10.40 -2.77
CA ILE A 49 -0.65 10.52 -3.50
C ILE A 49 -1.73 11.01 -2.55
N ARG A 50 -1.81 10.39 -1.37
CA ARG A 50 -2.83 10.72 -0.37
C ARG A 50 -2.60 12.14 0.15
N ALA A 51 -1.32 12.53 0.26
CA ALA A 51 -0.95 13.85 0.73
C ALA A 51 -1.46 14.91 -0.24
N ILE A 52 -1.16 14.74 -1.54
CA ILE A 52 -1.57 15.67 -2.58
C ILE A 52 -3.09 15.85 -2.54
N ALA A 53 -3.80 14.71 -2.53
CA ALA A 53 -5.25 14.70 -2.58
C ALA A 53 -5.84 15.35 -1.33
N ALA A 54 -5.16 15.17 -0.19
CA ALA A 54 -5.59 15.75 1.06
C ALA A 54 -5.05 17.16 1.22
N ASN A 55 -4.53 17.72 0.11
CA ASN A 55 -4.09 19.10 0.01
C ASN A 55 -2.99 19.36 1.05
N GLU A 56 -1.99 18.47 1.08
CA GLU A 56 -0.84 18.58 1.98
C GLU A 56 0.45 18.67 1.15
N ALA A 57 0.38 18.14 -0.07
CA ALA A 57 1.38 18.35 -1.11
C ALA A 57 0.68 18.81 -2.37
N ASP A 58 1.44 19.12 -3.43
CA ASP A 58 0.85 19.71 -4.62
C ASP A 58 1.16 18.88 -5.87
N ALA A 59 2.38 18.31 -5.92
CA ALA A 59 2.80 17.55 -7.08
C ALA A 59 3.81 16.48 -6.68
N VAL A 60 3.73 15.34 -7.39
CA VAL A 60 4.75 14.30 -7.34
C VAL A 60 4.78 13.62 -8.71
N THR A 61 5.95 13.06 -9.05
CA THR A 61 6.13 12.43 -10.36
C THR A 61 6.23 10.92 -10.18
N LEU A 62 5.48 10.19 -11.02
CA LEU A 62 5.17 8.79 -10.79
C LEU A 62 5.38 7.98 -12.06
N ASP A 63 5.59 6.67 -11.87
CA ASP A 63 5.57 5.69 -12.95
C ASP A 63 4.13 5.36 -13.28
N ALA A 64 3.89 4.93 -14.53
CA ALA A 64 2.56 4.73 -15.09
C ALA A 64 1.62 4.01 -14.12
N GLY A 65 2.18 3.03 -13.39
CA GLY A 65 1.42 2.25 -12.41
C GLY A 65 0.76 3.15 -11.36
N LEU A 66 1.54 4.09 -10.83
CA LEU A 66 1.11 4.98 -9.76
C LEU A 66 0.25 6.11 -10.33
N VAL A 67 0.39 6.38 -11.63
CA VAL A 67 -0.41 7.39 -12.31
C VAL A 67 -1.87 6.95 -12.27
N TYR A 68 -2.08 5.63 -12.46
CA TYR A 68 -3.40 5.03 -12.42
C TYR A 68 -3.92 5.01 -10.99
N ASP A 69 -3.05 4.65 -10.04
CA ASP A 69 -3.41 4.62 -8.63
C ASP A 69 -3.91 6.00 -8.19
N ALA A 70 -3.22 7.04 -8.68
CA ALA A 70 -3.52 8.42 -8.33
C ALA A 70 -4.89 8.83 -8.89
N TYR A 71 -5.26 8.26 -10.04
CA TYR A 71 -6.49 8.58 -10.73
C TYR A 71 -7.70 8.10 -9.93
N LEU A 72 -7.55 6.94 -9.27
CA LEU A 72 -8.66 6.24 -8.64
C LEU A 72 -9.19 7.03 -7.45
N ALA A 73 -10.50 6.86 -7.19
CA ALA A 73 -11.15 7.40 -6.01
C ALA A 73 -10.40 6.94 -4.77
N PRO A 74 -10.27 7.78 -3.70
CA PRO A 74 -10.83 9.13 -3.69
C PRO A 74 -9.88 10.24 -4.13
N ASN A 75 -8.67 9.85 -4.53
CA ASN A 75 -7.57 10.77 -4.75
C ASN A 75 -7.85 11.65 -5.97
N ASN A 76 -8.19 10.98 -7.08
CA ASN A 76 -8.58 11.66 -8.32
C ASN A 76 -7.53 12.70 -8.68
N LEU A 77 -6.35 12.23 -9.08
CA LEU A 77 -5.24 13.09 -9.49
C LEU A 77 -5.01 12.92 -10.99
N LYS A 78 -4.46 13.95 -11.63
CA LYS A 78 -4.35 13.99 -13.08
C LYS A 78 -2.92 14.35 -13.50
N PRO A 79 -2.44 13.80 -14.65
CA PRO A 79 -1.19 14.23 -15.26
C PRO A 79 -1.21 15.72 -15.60
N VAL A 80 -0.08 16.40 -15.36
CA VAL A 80 0.02 17.84 -15.56
C VAL A 80 1.30 18.16 -16.34
N VAL A 81 2.38 17.44 -16.02
CA VAL A 81 3.70 17.65 -16.63
C VAL A 81 4.28 16.29 -16.97
N ALA A 82 5.00 16.24 -18.10
CA ALA A 82 5.64 15.01 -18.55
C ALA A 82 7.15 15.21 -18.67
N GLU A 83 7.91 14.13 -18.42
CA GLU A 83 9.33 14.08 -18.71
C GLU A 83 9.53 13.55 -20.13
N PHE A 84 10.52 14.12 -20.83
CA PHE A 84 10.86 13.66 -22.17
C PHE A 84 12.35 13.27 -22.23
N TYR A 85 12.69 12.41 -23.19
CA TYR A 85 13.92 11.64 -23.14
C TYR A 85 14.73 11.76 -24.42
N GLY A 86 14.50 12.83 -25.19
CA GLY A 86 15.23 13.04 -26.42
C GLY A 86 15.51 14.52 -26.67
N SER A 87 14.94 15.05 -27.75
CA SER A 87 15.04 16.45 -28.11
C SER A 87 13.65 17.10 -28.03
N LYS A 88 13.56 18.36 -28.44
CA LYS A 88 12.29 19.07 -28.51
C LYS A 88 11.47 18.52 -29.67
N GLU A 89 12.16 18.10 -30.73
CA GLU A 89 11.54 17.58 -31.94
C GLU A 89 11.29 16.07 -31.80
N ASP A 90 12.05 15.42 -30.90
CA ASP A 90 11.90 14.01 -30.63
C ASP A 90 11.79 13.79 -29.12
N PRO A 91 10.63 14.14 -28.49
CA PRO A 91 10.49 14.08 -27.03
C PRO A 91 10.57 12.68 -26.43
N GLN A 92 9.78 11.76 -27.00
CA GLN A 92 9.67 10.38 -26.52
C GLN A 92 9.28 10.39 -25.04
N THR A 93 8.09 10.89 -24.75
CA THR A 93 7.60 10.93 -23.38
C THR A 93 6.94 9.59 -23.05
N PHE A 94 6.60 8.84 -24.09
CA PHE A 94 5.95 7.55 -23.96
C PHE A 94 6.87 6.44 -24.47
N TYR A 95 6.56 5.21 -24.07
CA TYR A 95 7.14 4.02 -24.69
C TYR A 95 5.99 3.11 -25.12
N TYR A 96 6.33 2.01 -25.80
CA TYR A 96 5.34 1.10 -26.34
C TYR A 96 5.72 -0.34 -26.02
N ALA A 97 4.95 -0.96 -25.13
CA ALA A 97 5.05 -2.39 -24.88
C ALA A 97 4.55 -3.13 -26.12
N VAL A 98 5.41 -4.00 -26.67
CA VAL A 98 5.14 -4.64 -27.94
C VAL A 98 5.24 -6.15 -27.78
N ALA A 99 4.88 -6.87 -28.85
CA ALA A 99 5.08 -8.31 -28.95
C ALA A 99 5.79 -8.63 -30.26
N VAL A 100 7.11 -8.85 -30.16
CA VAL A 100 7.95 -9.13 -31.31
C VAL A 100 7.93 -10.64 -31.56
N VAL A 101 7.79 -11.00 -32.85
CA VAL A 101 7.69 -12.40 -33.27
C VAL A 101 8.58 -12.62 -34.49
N LYS A 102 8.76 -13.90 -34.84
CA LYS A 102 9.40 -14.30 -36.08
C LYS A 102 8.48 -13.96 -37.25
N LYS A 103 9.09 -13.66 -38.41
CA LYS A 103 8.35 -13.40 -39.64
C LYS A 103 7.65 -14.69 -40.08
N ASP A 104 6.37 -14.56 -40.43
CA ASP A 104 5.54 -15.62 -40.99
C ASP A 104 5.51 -16.83 -40.06
N SER A 105 5.68 -16.58 -38.75
CA SER A 105 5.56 -17.64 -37.76
C SER A 105 4.11 -18.11 -37.68
N GLY A 106 3.20 -17.29 -38.21
CA GLY A 106 1.85 -17.72 -38.57
C GLY A 106 0.94 -17.89 -37.36
N PHE A 107 0.69 -16.77 -36.65
CA PHE A 107 -0.27 -16.70 -35.56
C PHE A 107 -0.49 -15.25 -35.19
N GLN A 108 -1.58 -14.98 -34.46
CA GLN A 108 -1.93 -13.63 -34.04
C GLN A 108 -2.05 -13.56 -32.52
N MET A 109 -2.55 -12.42 -32.03
CA MET A 109 -2.65 -12.14 -30.60
C MET A 109 -3.63 -13.12 -29.95
N ASN A 110 -4.69 -13.48 -30.68
CA ASN A 110 -5.75 -14.32 -30.16
C ASN A 110 -5.41 -15.80 -30.35
N GLN A 111 -4.15 -16.07 -30.75
CA GLN A 111 -3.70 -17.42 -31.04
C GLN A 111 -2.45 -17.74 -30.22
N LEU A 112 -2.34 -17.13 -29.03
CA LEU A 112 -1.13 -17.23 -28.24
C LEU A 112 -1.17 -18.42 -27.29
N ARG A 113 -2.37 -18.99 -27.07
CA ARG A 113 -2.54 -20.12 -26.17
C ARG A 113 -1.74 -21.30 -26.70
N GLY A 114 -0.87 -21.85 -25.85
CA GLY A 114 -0.10 -23.04 -26.17
C GLY A 114 1.19 -22.73 -26.93
N LYS A 115 1.50 -21.44 -27.06
CA LYS A 115 2.74 -21.00 -27.67
C LYS A 115 3.82 -20.88 -26.60
N LYS A 116 5.03 -20.48 -27.03
CA LYS A 116 6.14 -20.23 -26.12
C LYS A 116 6.38 -18.72 -26.05
N SER A 117 6.72 -18.25 -24.84
CA SER A 117 6.84 -16.82 -24.58
C SER A 117 8.16 -16.48 -23.91
N CYS A 118 8.63 -15.25 -24.16
CA CYS A 118 9.85 -14.72 -23.59
C CYS A 118 9.54 -13.39 -22.91
N HIS A 119 9.76 -13.35 -21.59
CA HIS A 119 9.44 -12.17 -20.78
C HIS A 119 10.73 -11.52 -20.33
N THR A 120 10.69 -10.19 -20.14
CA THR A 120 11.83 -9.45 -19.63
C THR A 120 12.05 -9.84 -18.16
N GLY A 121 10.93 -10.00 -17.44
CA GLY A 121 10.93 -10.43 -16.06
C GLY A 121 9.53 -10.34 -15.46
N LEU A 122 9.24 -11.23 -14.50
CA LEU A 122 7.96 -11.23 -13.82
C LEU A 122 7.82 -9.93 -13.03
N GLY A 123 6.74 -9.19 -13.30
CA GLY A 123 6.43 -7.98 -12.55
C GLY A 123 6.88 -6.72 -13.28
N ARG A 124 7.66 -6.91 -14.35
CA ARG A 124 8.00 -5.82 -15.25
C ARG A 124 6.74 -5.43 -16.00
N SER A 125 6.57 -4.13 -16.28
CA SER A 125 5.36 -3.62 -16.91
C SER A 125 5.27 -4.13 -18.35
N ALA A 126 6.23 -3.72 -19.19
CA ALA A 126 6.24 -4.03 -20.60
C ALA A 126 6.38 -5.53 -20.83
N GLY A 127 7.12 -6.20 -19.94
CA GLY A 127 7.50 -7.59 -20.12
C GLY A 127 6.45 -8.57 -19.61
N TRP A 128 5.72 -8.17 -18.55
CA TRP A 128 4.85 -9.09 -17.84
C TRP A 128 3.46 -8.49 -17.66
N ASN A 129 3.39 -7.39 -16.89
CA ASN A 129 2.14 -6.82 -16.43
C ASN A 129 1.22 -6.52 -17.61
N ILE A 130 1.76 -5.83 -18.63
CA ILE A 130 0.96 -5.39 -19.76
C ILE A 130 0.47 -6.60 -20.57
N PRO A 131 1.36 -7.48 -21.07
CA PRO A 131 0.94 -8.65 -21.84
C PRO A 131 -0.10 -9.49 -21.10
N ILE A 132 0.30 -10.01 -19.94
CA ILE A 132 -0.55 -10.88 -19.13
C ILE A 132 -1.87 -10.18 -18.83
N GLY A 133 -1.79 -8.90 -18.48
CA GLY A 133 -2.97 -8.07 -18.24
C GLY A 133 -3.98 -8.18 -19.38
N LEU A 134 -3.49 -8.02 -20.62
CA LEU A 134 -4.32 -8.11 -21.80
C LEU A 134 -4.81 -9.55 -21.98
N LEU A 135 -3.93 -10.51 -21.68
CA LEU A 135 -4.16 -11.92 -21.96
C LEU A 135 -5.10 -12.55 -20.93
N TYR A 136 -5.53 -11.75 -19.95
CA TYR A 136 -6.11 -12.25 -18.71
C TYR A 136 -7.30 -13.17 -18.97
N CYS A 137 -8.24 -12.72 -19.81
CA CYS A 137 -9.50 -13.43 -19.97
C CYS A 137 -9.34 -14.74 -20.74
N ASP A 138 -8.13 -14.98 -21.25
CA ASP A 138 -7.86 -16.16 -22.05
C ASP A 138 -7.18 -17.23 -21.21
N LEU A 139 -6.79 -16.86 -19.98
CA LEU A 139 -6.10 -17.76 -19.06
C LEU A 139 -7.11 -18.73 -18.44
N PRO A 140 -6.74 -20.02 -18.24
CA PRO A 140 -7.65 -20.99 -17.63
C PRO A 140 -7.80 -20.84 -16.12
N GLU A 141 -8.93 -21.33 -15.60
CA GLU A 141 -9.28 -21.20 -14.19
C GLU A 141 -8.55 -22.27 -13.38
N PRO A 142 -8.13 -21.98 -12.12
CA PRO A 142 -8.18 -20.62 -11.57
C PRO A 142 -6.97 -19.80 -12.02
N ARG A 143 -7.18 -18.48 -12.13
CA ARG A 143 -6.18 -17.57 -12.69
C ARG A 143 -5.21 -17.14 -11.61
N LYS A 144 -5.62 -17.29 -10.35
CA LYS A 144 -4.75 -17.06 -9.21
C LYS A 144 -4.24 -18.41 -8.70
N PRO A 145 -2.92 -18.57 -8.42
CA PRO A 145 -1.94 -17.51 -8.62
C PRO A 145 -1.64 -17.27 -10.10
N LEU A 146 -1.36 -16.01 -10.44
CA LEU A 146 -1.18 -15.58 -11.82
C LEU A 146 -0.12 -16.42 -12.51
N GLU A 147 0.93 -16.78 -11.75
CA GLU A 147 2.05 -17.56 -12.26
C GLU A 147 1.56 -18.92 -12.76
N LYS A 148 0.61 -19.52 -12.02
CA LYS A 148 0.11 -20.86 -12.31
C LYS A 148 -0.72 -20.86 -13.57
N ALA A 149 -1.56 -19.83 -13.73
CA ALA A 149 -2.50 -19.73 -14.84
C ALA A 149 -1.76 -19.46 -16.15
N VAL A 150 -0.70 -18.66 -16.07
CA VAL A 150 0.12 -18.33 -17.22
C VAL A 150 0.96 -19.55 -17.59
N ALA A 151 1.32 -20.35 -16.58
CA ALA A 151 2.05 -21.59 -16.77
C ALA A 151 1.21 -22.58 -17.59
N ASN A 152 -0.09 -22.64 -17.29
CA ASN A 152 -1.00 -23.53 -17.98
C ASN A 152 -1.37 -22.97 -19.35
N PHE A 153 -1.12 -21.67 -19.55
CA PHE A 153 -1.50 -20.99 -20.77
C PHE A 153 -0.46 -21.27 -21.86
N PHE A 154 0.78 -20.82 -21.63
CA PHE A 154 1.86 -21.06 -22.57
C PHE A 154 2.39 -22.48 -22.35
N SER A 155 2.75 -23.14 -23.46
CA SER A 155 3.33 -24.47 -23.43
C SER A 155 4.59 -24.47 -22.57
N GLY A 156 5.54 -23.60 -22.95
CA GLY A 156 6.74 -23.32 -22.17
C GLY A 156 7.06 -21.83 -22.24
N SER A 157 7.87 -21.34 -21.29
CA SER A 157 8.18 -19.93 -21.22
C SER A 157 9.53 -19.69 -20.55
N CYS A 158 10.07 -18.48 -20.79
CA CYS A 158 11.15 -17.96 -19.97
C CYS A 158 10.63 -16.75 -19.19
N ALA A 159 10.28 -16.98 -17.93
CA ALA A 159 9.78 -15.93 -17.05
C ALA A 159 10.80 -15.66 -15.95
N PRO A 160 11.74 -14.71 -16.17
CA PRO A 160 12.77 -14.39 -15.17
C PRO A 160 12.13 -13.98 -13.84
N CYS A 161 12.65 -14.56 -12.75
CA CYS A 161 12.29 -14.20 -11.38
C CYS A 161 11.00 -14.91 -10.95
N ALA A 162 10.43 -15.71 -11.86
CA ALA A 162 9.24 -16.49 -11.55
C ALA A 162 9.60 -17.63 -10.61
N ASP A 163 8.61 -18.12 -9.86
CA ASP A 163 8.79 -19.24 -8.96
C ASP A 163 8.98 -20.51 -9.79
N GLY A 164 10.24 -20.96 -9.87
CA GLY A 164 10.62 -22.10 -10.68
C GLY A 164 10.17 -23.42 -10.05
N THR A 165 10.38 -23.56 -8.74
CA THR A 165 10.15 -24.80 -8.02
C THR A 165 8.67 -25.18 -8.09
N ASP A 166 7.79 -24.17 -8.14
CA ASP A 166 6.36 -24.40 -8.04
C ASP A 166 5.73 -24.54 -9.43
N PHE A 167 6.07 -23.62 -10.33
CA PHE A 167 5.44 -23.57 -11.65
C PHE A 167 6.52 -23.70 -12.72
N PRO A 168 7.01 -24.94 -13.00
CA PRO A 168 8.24 -25.13 -13.77
C PRO A 168 8.24 -24.71 -15.25
N GLN A 169 7.04 -24.66 -15.85
CA GLN A 169 6.89 -24.42 -17.27
C GLN A 169 7.31 -22.99 -17.62
N LEU A 170 7.38 -22.13 -16.60
CA LEU A 170 7.77 -20.75 -16.77
C LEU A 170 9.29 -20.63 -16.89
N CYS A 171 9.99 -21.73 -16.57
CA CYS A 171 11.44 -21.76 -16.64
C CYS A 171 11.90 -22.59 -17.83
N GLN A 172 10.94 -23.18 -18.57
CA GLN A 172 11.22 -24.17 -19.60
C GLN A 172 12.32 -23.70 -20.54
N LEU A 173 12.29 -22.41 -20.90
CA LEU A 173 13.21 -21.84 -21.89
C LEU A 173 14.49 -21.38 -21.21
N CYS A 174 14.39 -20.97 -19.94
CA CYS A 174 15.53 -20.53 -19.15
C CYS A 174 15.46 -21.17 -17.76
N PRO A 175 15.89 -22.45 -17.61
CA PRO A 175 15.71 -23.17 -16.36
C PRO A 175 16.36 -22.45 -15.17
N GLY A 176 15.64 -22.40 -14.05
CA GLY A 176 16.07 -21.68 -12.87
C GLY A 176 15.44 -20.30 -12.80
N CYS A 177 15.11 -19.74 -13.98
CA CYS A 177 14.49 -18.43 -14.13
C CYS A 177 15.35 -17.37 -13.43
N GLY A 178 16.66 -17.42 -13.71
CA GLY A 178 17.63 -16.50 -13.14
C GLY A 178 17.15 -15.06 -13.24
N CYS A 179 17.20 -14.35 -12.11
CA CYS A 179 16.67 -13.00 -12.00
C CYS A 179 17.80 -11.99 -12.15
N SER A 180 18.83 -12.37 -12.92
CA SER A 180 19.99 -11.54 -13.16
C SER A 180 20.53 -11.78 -14.57
N THR A 181 21.58 -11.02 -14.94
CA THR A 181 22.16 -11.08 -16.27
C THR A 181 22.89 -12.40 -16.49
N LEU A 182 23.14 -13.13 -15.41
CA LEU A 182 23.55 -14.53 -15.45
C LEU A 182 22.69 -15.26 -16.48
N ASN A 183 21.37 -15.23 -16.25
CA ASN A 183 20.37 -15.73 -17.18
C ASN A 183 20.52 -14.96 -18.49
N GLN A 184 20.77 -15.70 -19.57
CA GLN A 184 21.01 -15.14 -20.89
C GLN A 184 19.71 -14.62 -21.48
N TYR A 185 18.59 -15.07 -20.90
CA TYR A 185 17.26 -14.75 -21.41
C TYR A 185 16.57 -13.77 -20.46
N PHE A 186 17.37 -13.03 -19.68
CA PHE A 186 16.86 -12.08 -18.71
C PHE A 186 16.98 -10.66 -19.27
N GLY A 187 16.04 -9.80 -18.85
CA GLY A 187 16.07 -8.39 -19.23
C GLY A 187 15.44 -8.18 -20.61
N TYR A 188 15.83 -7.07 -21.26
CA TYR A 188 15.27 -6.72 -22.55
C TYR A 188 15.98 -7.50 -23.66
N SER A 189 17.30 -7.33 -23.75
CA SER A 189 18.10 -8.02 -24.75
C SER A 189 17.97 -9.53 -24.58
N GLY A 190 17.79 -9.96 -23.33
CA GLY A 190 17.68 -11.37 -22.98
C GLY A 190 16.36 -11.97 -23.45
N ALA A 191 15.26 -11.24 -23.21
CA ALA A 191 13.95 -11.66 -23.66
C ALA A 191 13.91 -11.75 -25.17
N PHE A 192 14.80 -11.00 -25.83
CA PHE A 192 14.84 -10.94 -27.28
C PHE A 192 15.62 -12.12 -27.84
N LYS A 193 16.80 -12.39 -27.27
CA LYS A 193 17.64 -13.48 -27.74
C LYS A 193 17.03 -14.81 -27.33
N CYS A 194 15.94 -14.73 -26.56
CA CYS A 194 15.09 -15.88 -26.26
C CYS A 194 14.28 -16.24 -27.49
N LEU A 195 13.96 -15.21 -28.29
CA LEU A 195 13.19 -15.36 -29.52
C LEU A 195 14.15 -15.61 -30.69
N LYS A 196 15.27 -14.89 -30.70
CA LYS A 196 16.27 -14.97 -31.77
C LYS A 196 16.81 -16.40 -31.86
N ASP A 197 16.94 -17.05 -30.70
CA ASP A 197 17.46 -18.41 -30.63
C ASP A 197 16.34 -19.41 -30.93
N GLY A 198 15.13 -18.90 -31.17
CA GLY A 198 13.99 -19.70 -31.59
C GLY A 198 13.45 -20.58 -30.46
N ALA A 199 13.88 -20.28 -29.23
CA ALA A 199 13.44 -21.00 -28.05
C ALA A 199 12.00 -20.63 -27.72
N GLY A 200 11.65 -19.36 -27.97
CA GLY A 200 10.32 -18.83 -27.72
C GLY A 200 9.68 -18.28 -28.99
N ASP A 201 8.34 -18.30 -29.03
CA ASP A 201 7.57 -17.91 -30.20
C ASP A 201 7.36 -16.40 -30.21
N VAL A 202 7.30 -15.79 -29.02
CA VAL A 202 6.97 -14.38 -28.87
C VAL A 202 7.77 -13.80 -27.71
N ALA A 203 8.22 -12.55 -27.88
CA ALA A 203 8.97 -11.83 -26.86
C ALA A 203 8.28 -10.50 -26.56
N PHE A 204 7.89 -10.32 -25.29
CA PHE A 204 7.22 -9.11 -24.85
C PHE A 204 8.28 -8.12 -24.37
N VAL A 205 8.61 -7.17 -25.24
CA VAL A 205 9.67 -6.22 -24.97
C VAL A 205 9.17 -4.82 -25.32
N LYS A 206 10.12 -3.89 -25.53
CA LYS A 206 9.79 -2.52 -25.87
C LYS A 206 10.00 -2.33 -27.37
N HIS A 207 9.41 -1.26 -27.92
CA HIS A 207 9.49 -0.94 -29.33
C HIS A 207 10.94 -0.67 -29.72
N SER A 208 11.74 -0.24 -28.74
CA SER A 208 13.12 0.16 -28.96
C SER A 208 14.08 -1.02 -28.76
N THR A 209 13.58 -2.13 -28.21
CA THR A 209 14.41 -3.27 -27.87
C THR A 209 15.05 -3.84 -29.13
N ILE A 210 14.22 -4.07 -30.16
CA ILE A 210 14.63 -4.70 -31.41
C ILE A 210 15.77 -3.90 -32.05
N PHE A 211 15.70 -2.57 -31.93
CA PHE A 211 16.64 -1.65 -32.57
C PHE A 211 17.99 -1.69 -31.87
N GLU A 212 17.99 -2.06 -30.57
CA GLU A 212 19.17 -2.03 -29.74
C GLU A 212 19.99 -3.31 -29.97
N ASN A 213 19.31 -4.39 -30.30
CA ASN A 213 19.92 -5.71 -30.43
C ASN A 213 20.45 -5.90 -31.85
N LEU A 214 19.60 -5.63 -32.85
CA LEU A 214 19.95 -5.81 -34.25
C LEU A 214 20.17 -4.44 -34.89
N ALA A 215 21.42 -4.15 -35.24
CA ALA A 215 21.81 -2.87 -35.80
C ALA A 215 21.48 -2.81 -37.29
N ASN A 216 21.34 -3.98 -37.91
CA ASN A 216 21.18 -4.11 -39.35
C ASN A 216 19.70 -4.16 -39.70
N LYS A 217 19.31 -3.37 -40.71
CA LYS A 217 17.95 -3.32 -41.21
C LYS A 217 17.58 -4.67 -41.80
N ALA A 218 18.62 -5.44 -42.20
CA ALA A 218 18.46 -6.73 -42.86
C ALA A 218 17.77 -7.73 -41.93
N ASP A 219 18.36 -7.94 -40.74
CA ASP A 219 17.94 -8.99 -39.83
C ASP A 219 16.56 -8.69 -39.25
N ARG A 220 16.28 -7.40 -39.03
CA ARG A 220 15.05 -6.94 -38.39
C ARG A 220 13.84 -7.28 -39.24
N ASP A 221 14.07 -7.57 -40.52
CA ASP A 221 13.02 -7.77 -41.50
C ASP A 221 12.43 -9.18 -41.38
N GLN A 222 13.07 -10.04 -40.58
CA GLN A 222 12.55 -11.37 -40.32
C GLN A 222 11.74 -11.36 -39.02
N TYR A 223 11.37 -10.16 -38.57
CA TYR A 223 10.60 -10.00 -37.34
C TYR A 223 9.42 -9.07 -37.59
N GLU A 224 8.27 -9.42 -36.99
CA GLU A 224 7.06 -8.64 -37.07
C GLU A 224 6.54 -8.36 -35.65
N LEU A 225 5.47 -7.56 -35.56
CA LEU A 225 4.81 -7.24 -34.31
C LEU A 225 3.37 -7.74 -34.33
N LEU A 226 2.91 -8.24 -33.19
CA LEU A 226 1.51 -8.64 -33.03
C LEU A 226 0.70 -7.40 -32.65
N CYS A 227 -0.30 -7.08 -33.48
CA CYS A 227 -1.20 -5.98 -33.21
C CYS A 227 -2.46 -6.52 -32.54
N LEU A 228 -3.16 -5.64 -31.79
CA LEU A 228 -4.29 -6.04 -30.96
C LEU A 228 -5.46 -6.47 -31.83
N ASP A 229 -5.49 -6.01 -33.09
CA ASP A 229 -6.57 -6.28 -34.01
C ASP A 229 -6.37 -7.62 -34.71
N ASN A 230 -5.35 -8.37 -34.26
CA ASN A 230 -5.02 -9.68 -34.80
C ASN A 230 -4.48 -9.53 -36.22
N THR A 231 -3.69 -8.48 -36.45
CA THR A 231 -2.86 -8.38 -37.64
C THR A 231 -1.39 -8.29 -37.21
N ARG A 232 -0.49 -8.38 -38.19
CA ARG A 232 0.92 -8.12 -37.95
C ARG A 232 1.30 -6.83 -38.64
N LYS A 233 2.56 -6.39 -38.42
CA LYS A 233 3.14 -5.22 -39.06
C LYS A 233 4.66 -5.30 -38.94
N PRO A 234 5.43 -4.53 -39.74
CA PRO A 234 6.88 -4.43 -39.57
C PRO A 234 7.26 -3.86 -38.20
N VAL A 235 8.46 -4.21 -37.74
CA VAL A 235 9.00 -3.76 -36.46
C VAL A 235 9.13 -2.25 -36.47
N ASP A 236 8.95 -1.64 -37.64
CA ASP A 236 9.17 -0.22 -37.84
C ASP A 236 7.88 0.57 -37.57
N GLU A 237 6.73 -0.12 -37.62
CA GLU A 237 5.44 0.51 -37.40
C GLU A 237 4.91 0.12 -36.01
N TYR A 238 5.68 0.45 -34.97
CA TYR A 238 5.33 0.06 -33.61
C TYR A 238 4.21 0.96 -33.09
N LYS A 239 4.17 2.21 -33.57
CA LYS A 239 3.20 3.20 -33.11
C LYS A 239 1.80 2.80 -33.56
N ASP A 240 1.71 1.80 -34.43
CA ASP A 240 0.46 1.35 -35.01
C ASP A 240 0.21 -0.11 -34.66
N CYS A 241 1.13 -0.70 -33.87
CA CYS A 241 1.07 -2.12 -33.58
C CYS A 241 1.71 -2.42 -32.23
N HIS A 242 1.18 -1.79 -31.17
CA HIS A 242 1.70 -1.96 -29.83
C HIS A 242 0.60 -2.44 -28.90
N LEU A 243 0.99 -3.07 -27.80
CA LEU A 243 0.08 -3.63 -26.82
C LEU A 243 -0.33 -2.56 -25.81
N ALA A 244 0.51 -1.54 -25.64
CA ALA A 244 0.24 -0.42 -24.76
C ALA A 244 1.24 0.71 -24.97
N GLN A 245 0.73 1.95 -24.93
CA GLN A 245 1.55 3.15 -24.90
C GLN A 245 1.59 3.66 -23.45
N VAL A 246 2.81 3.75 -22.90
CA VAL A 246 3.02 3.93 -21.47
C VAL A 246 3.80 5.22 -21.23
N PRO A 247 3.26 6.16 -20.42
CA PRO A 247 3.98 7.38 -20.05
C PRO A 247 5.16 7.08 -19.13
N SER A 248 6.35 7.51 -19.56
CA SER A 248 7.60 7.14 -18.91
C SER A 248 7.65 7.71 -17.49
N HIS A 249 7.46 9.04 -17.38
CA HIS A 249 7.40 9.70 -16.09
C HIS A 249 6.41 10.86 -16.20
N THR A 250 5.59 11.04 -15.16
CA THR A 250 4.48 11.97 -15.22
C THR A 250 4.24 12.59 -13.84
N VAL A 251 4.06 13.92 -13.82
CA VAL A 251 3.73 14.66 -12.62
C VAL A 251 2.20 14.73 -12.51
N VAL A 252 1.69 14.46 -11.30
CA VAL A 252 0.25 14.48 -11.07
C VAL A 252 -0.08 15.45 -9.93
N ALA A 253 -1.22 16.15 -10.10
CA ALA A 253 -1.78 17.03 -9.09
C ALA A 253 -3.28 16.78 -9.00
N ARG A 254 -3.95 17.44 -8.04
CA ARG A 254 -5.39 17.30 -7.86
C ARG A 254 -6.13 17.66 -9.13
N SER A 255 -7.18 16.91 -9.44
CA SER A 255 -7.99 17.10 -10.64
C SER A 255 -8.60 18.50 -10.64
N MET A 256 -8.99 18.96 -9.45
CA MET A 256 -9.47 20.32 -9.27
C MET A 256 -8.59 21.03 -8.25
N GLY A 257 -8.35 22.33 -8.48
CA GLY A 257 -7.54 23.16 -7.61
C GLY A 257 -6.20 22.49 -7.32
N GLY A 258 -5.52 22.05 -8.40
CA GLY A 258 -4.30 21.28 -8.29
C GLY A 258 -3.05 22.15 -8.46
N LYS A 259 -3.26 23.35 -9.01
CA LYS A 259 -2.21 24.33 -9.26
C LYS A 259 -1.33 23.87 -10.43
N GLU A 260 -1.95 23.23 -11.43
CA GLU A 260 -1.26 22.65 -12.56
C GLU A 260 -0.56 23.74 -13.37
N ASP A 261 -0.89 25.00 -13.09
CA ASP A 261 -0.23 26.13 -13.74
C ASP A 261 1.01 26.52 -12.95
N LEU A 262 0.88 26.58 -11.62
CA LEU A 262 2.00 26.84 -10.72
C LEU A 262 3.11 25.81 -10.97
N ILE A 263 2.71 24.54 -11.09
CA ILE A 263 3.64 23.44 -11.29
C ILE A 263 4.37 23.63 -12.61
N TRP A 264 3.62 23.88 -13.70
CA TRP A 264 4.22 24.04 -15.00
C TRP A 264 5.16 25.26 -15.01
N GLU A 265 4.71 26.35 -14.37
CA GLU A 265 5.47 27.58 -14.31
C GLU A 265 6.83 27.32 -13.67
N LEU A 266 6.81 26.56 -12.57
CA LEU A 266 8.01 26.25 -11.80
C LEU A 266 8.96 25.40 -12.65
N LEU A 267 8.43 24.27 -13.15
CA LEU A 267 9.23 23.26 -13.81
C LEU A 267 9.74 23.75 -15.16
N ASN A 268 9.05 24.73 -15.75
CA ASN A 268 9.48 25.32 -17.00
C ASN A 268 10.73 26.17 -16.76
N GLN A 269 10.72 26.94 -15.66
CA GLN A 269 11.82 27.81 -15.30
C GLN A 269 12.97 26.98 -14.72
N ALA A 270 12.63 25.86 -14.09
CA ALA A 270 13.60 24.98 -13.46
C ALA A 270 14.43 24.25 -14.51
N GLN A 271 13.78 23.88 -15.62
CA GLN A 271 14.43 23.15 -16.70
C GLN A 271 15.23 24.13 -17.57
N GLU A 272 14.93 25.42 -17.44
CA GLU A 272 15.59 26.46 -18.21
C GLU A 272 16.92 26.80 -17.54
N HIS A 273 16.87 26.99 -16.21
CA HIS A 273 18.01 27.43 -15.43
C HIS A 273 18.90 26.24 -15.04
N PHE A 274 18.28 25.10 -14.72
CA PHE A 274 19.00 23.96 -14.19
C PHE A 274 18.70 22.70 -14.99
N GLY A 275 18.30 22.88 -16.25
CA GLY A 275 17.89 21.77 -17.09
C GLY A 275 19.08 20.98 -17.63
N LYS A 276 18.90 20.43 -18.83
CA LYS A 276 19.94 19.62 -19.48
C LYS A 276 21.15 20.50 -19.78
N ASP A 277 22.13 20.45 -18.88
CA ASP A 277 23.46 21.03 -19.06
C ASP A 277 23.44 22.53 -18.82
N LYS A 278 22.25 23.14 -18.76
CA LYS A 278 22.11 24.59 -18.77
C LYS A 278 22.61 25.20 -17.47
N SER A 279 23.13 24.36 -16.57
CA SER A 279 23.89 24.77 -15.40
C SER A 279 24.78 23.61 -14.95
N LYS A 280 25.85 23.97 -14.21
CA LYS A 280 26.74 22.97 -13.64
C LYS A 280 26.92 23.25 -12.14
N GLU A 281 25.99 24.04 -11.59
CA GLU A 281 25.96 24.32 -10.17
C GLU A 281 24.91 23.44 -9.51
N PHE A 282 23.79 23.21 -10.22
CA PHE A 282 22.75 22.30 -9.79
C PHE A 282 22.11 21.65 -11.01
N GLN A 283 21.98 20.32 -10.96
CA GLN A 283 21.35 19.56 -12.02
C GLN A 283 20.03 18.98 -11.51
N LEU A 284 18.95 19.38 -12.18
CA LEU A 284 17.59 18.93 -11.91
C LEU A 284 17.51 17.43 -12.17
N PHE A 285 18.19 16.98 -13.23
CA PHE A 285 18.12 15.60 -13.68
C PHE A 285 19.43 14.89 -13.33
N SER A 286 20.07 15.34 -12.24
CA SER A 286 21.26 14.69 -11.73
C SER A 286 21.18 14.58 -10.21
N SER A 287 21.39 13.37 -9.71
CA SER A 287 21.23 13.04 -8.30
C SER A 287 22.60 12.89 -7.64
N PRO A 288 22.94 13.77 -6.67
CA PRO A 288 24.22 13.67 -5.95
C PRO A 288 24.28 12.42 -5.07
N HIS A 289 23.30 12.29 -4.17
CA HIS A 289 23.23 11.18 -3.24
C HIS A 289 22.19 10.17 -3.75
N GLY A 290 22.54 9.46 -4.82
CA GLY A 290 21.70 8.40 -5.36
C GLY A 290 21.50 8.53 -6.87
N LYS A 291 20.36 8.02 -7.35
CA LYS A 291 20.02 8.04 -8.77
C LYS A 291 18.50 8.12 -8.92
N ASP A 292 18.06 8.98 -9.84
CA ASP A 292 16.64 9.18 -10.16
C ASP A 292 15.93 9.78 -8.96
N LEU A 293 16.44 10.91 -8.48
CA LEU A 293 15.83 11.61 -7.34
C LEU A 293 14.91 12.71 -7.87
N LEU A 294 13.64 12.65 -7.44
CA LEU A 294 12.58 13.54 -7.87
C LEU A 294 12.19 13.24 -9.31
N PHE A 295 13.19 13.06 -10.17
CA PHE A 295 12.98 12.84 -11.60
C PHE A 295 14.02 11.85 -12.10
N LYS A 296 13.64 11.03 -13.10
CA LYS A 296 14.56 10.15 -13.76
C LYS A 296 15.69 10.98 -14.36
N ASP A 297 16.93 10.49 -14.22
CA ASP A 297 18.10 11.21 -14.71
C ASP A 297 18.16 11.16 -16.23
N SER A 298 17.34 10.28 -16.81
CA SER A 298 17.18 10.18 -18.26
C SER A 298 16.62 11.47 -18.82
N ALA A 299 15.73 12.11 -18.06
CA ALA A 299 14.94 13.25 -18.49
C ALA A 299 15.82 14.32 -19.12
N HIS A 300 15.43 14.76 -20.32
CA HIS A 300 16.08 15.86 -21.00
C HIS A 300 15.34 17.16 -20.67
N GLY A 301 14.02 17.06 -20.42
CA GLY A 301 13.24 18.22 -20.02
C GLY A 301 11.79 17.87 -19.71
N PHE A 302 10.93 18.90 -19.74
CA PHE A 302 9.54 18.77 -19.38
C PHE A 302 8.65 19.22 -20.53
N LEU A 303 7.43 18.66 -20.57
CA LEU A 303 6.38 19.12 -21.46
C LEU A 303 5.12 19.40 -20.62
N LYS A 304 4.36 20.41 -21.04
CA LYS A 304 3.05 20.66 -20.45
C LYS A 304 2.05 19.67 -21.03
N VAL A 305 1.30 19.02 -20.14
CA VAL A 305 0.22 18.12 -20.53
C VAL A 305 -1.02 18.96 -20.81
N PRO A 306 -1.68 18.78 -21.98
CA PRO A 306 -2.89 19.54 -22.31
C PRO A 306 -3.96 19.46 -21.22
N PRO A 307 -4.82 20.50 -21.08
CA PRO A 307 -5.75 20.59 -19.94
C PRO A 307 -6.84 19.53 -19.86
N ARG A 308 -7.32 19.06 -21.02
CA ARG A 308 -8.50 18.21 -21.07
C ARG A 308 -8.14 16.76 -20.75
N MET A 309 -6.84 16.52 -20.50
CA MET A 309 -6.31 15.18 -20.31
C MET A 309 -6.66 14.66 -18.92
N ASP A 310 -7.38 13.54 -18.87
CA ASP A 310 -7.55 12.77 -17.64
C ASP A 310 -6.65 11.54 -17.72
N ALA A 311 -6.37 10.93 -16.56
CA ALA A 311 -5.40 9.85 -16.47
C ALA A 311 -5.73 8.71 -17.43
N LYS A 312 -7.02 8.36 -17.52
CA LYS A 312 -7.48 7.27 -18.36
C LYS A 312 -7.14 7.54 -19.83
N MET A 313 -7.22 8.82 -20.22
CA MET A 313 -6.95 9.24 -21.59
C MET A 313 -5.44 9.20 -21.84
N TYR A 314 -4.67 9.59 -20.82
CA TYR A 314 -3.22 9.73 -20.91
C TYR A 314 -2.58 8.35 -21.03
N LEU A 315 -3.02 7.42 -20.18
CA LEU A 315 -2.49 6.06 -20.15
C LEU A 315 -2.92 5.31 -21.41
N GLY A 316 -4.16 5.56 -21.86
CA GLY A 316 -4.71 4.90 -23.03
C GLY A 316 -5.48 3.64 -22.65
N TYR A 317 -6.47 3.27 -23.47
CA TYR A 317 -7.44 2.24 -23.12
C TYR A 317 -6.73 0.90 -22.90
N GLU A 318 -5.70 0.63 -23.72
CA GLU A 318 -5.00 -0.64 -23.70
C GLU A 318 -4.32 -0.83 -22.35
N TYR A 319 -3.65 0.22 -21.87
CA TYR A 319 -2.92 0.18 -20.61
C TYR A 319 -3.91 0.01 -19.46
N VAL A 320 -5.02 0.76 -19.51
CA VAL A 320 -5.99 0.77 -18.44
C VAL A 320 -6.82 -0.51 -18.48
N THR A 321 -6.73 -1.25 -19.59
CA THR A 321 -7.35 -2.58 -19.66
C THR A 321 -6.47 -3.56 -18.88
N ALA A 322 -5.17 -3.54 -19.19
CA ALA A 322 -4.19 -4.48 -18.64
C ALA A 322 -4.29 -4.50 -17.11
N ILE A 323 -4.07 -3.34 -16.49
CA ILE A 323 -3.98 -3.21 -15.05
C ILE A 323 -5.35 -3.43 -14.42
N ARG A 324 -6.40 -3.01 -15.12
CA ARG A 324 -7.77 -3.18 -14.64
C ARG A 324 -8.05 -4.66 -14.45
N ASN A 325 -7.55 -5.48 -15.38
CA ASN A 325 -7.72 -6.93 -15.33
C ASN A 325 -6.90 -7.50 -14.18
N LEU A 326 -5.62 -7.11 -14.11
CA LEU A 326 -4.69 -7.62 -13.11
C LEU A 326 -5.24 -7.40 -11.70
N ARG A 327 -6.04 -6.34 -11.53
CA ARG A 327 -6.46 -5.89 -10.22
C ARG A 327 -7.92 -6.30 -9.95
N GLU A 328 -8.82 -5.99 -10.89
CA GLU A 328 -10.23 -6.30 -10.75
C GLU A 328 -10.45 -7.80 -10.94
N GLY A 329 -9.77 -8.36 -11.96
CA GLY A 329 -9.83 -9.77 -12.28
C GLY A 329 -11.27 -10.25 -12.47
N THR A 330 -12.00 -9.55 -13.36
CA THR A 330 -13.40 -9.84 -13.60
C THR A 330 -13.62 -10.02 -15.10
N CYS A 331 -13.66 -11.28 -15.53
CA CYS A 331 -13.92 -11.65 -16.91
C CYS A 331 -15.39 -12.01 -17.09
N PRO A 332 -15.97 -11.79 -18.29
CA PRO A 332 -17.36 -12.16 -18.54
C PRO A 332 -17.50 -13.66 -18.79
N GLU A 333 -18.74 -14.11 -19.03
CA GLU A 333 -19.00 -15.46 -19.48
C GLU A 333 -20.02 -15.40 -20.63
N ALA A 334 -20.24 -14.19 -21.14
CA ALA A 334 -21.07 -13.94 -22.31
C ALA A 334 -20.46 -14.64 -23.52
N PRO A 335 -21.30 -15.14 -24.48
CA PRO A 335 -20.78 -15.93 -25.60
C PRO A 335 -19.66 -15.23 -26.37
N THR A 336 -18.59 -15.98 -26.65
CA THR A 336 -17.35 -15.46 -27.18
C THR A 336 -17.56 -14.90 -28.60
N ASP A 337 -18.57 -15.43 -29.30
CA ASP A 337 -18.81 -15.10 -30.70
C ASP A 337 -19.71 -13.87 -30.80
N GLU A 338 -20.81 -13.87 -30.02
CA GLU A 338 -21.87 -12.88 -30.13
C GLU A 338 -21.32 -11.50 -29.78
N CYS A 339 -21.96 -10.46 -30.35
CA CYS A 339 -21.55 -9.08 -30.16
C CYS A 339 -22.23 -8.50 -28.92
N LYS A 340 -21.45 -7.77 -28.12
CA LYS A 340 -21.94 -7.04 -26.96
C LYS A 340 -22.78 -5.86 -27.45
N PRO A 341 -23.82 -5.44 -26.70
CA PRO A 341 -24.64 -4.30 -27.10
C PRO A 341 -23.81 -3.03 -27.28
N VAL A 342 -24.12 -2.29 -28.36
CA VAL A 342 -23.36 -1.10 -28.74
C VAL A 342 -23.98 0.12 -28.07
N LYS A 343 -23.17 0.75 -27.19
CA LYS A 343 -23.56 1.95 -26.48
C LYS A 343 -23.41 3.16 -27.39
N TRP A 344 -24.56 3.69 -27.85
CA TRP A 344 -24.57 4.85 -28.73
C TRP A 344 -24.57 6.12 -27.89
N CYS A 345 -23.86 7.15 -28.39
CA CYS A 345 -23.64 8.37 -27.65
C CYS A 345 -24.59 9.46 -28.12
N ALA A 346 -25.34 10.04 -27.17
CA ALA A 346 -26.25 11.13 -27.42
C ALA A 346 -25.74 12.39 -26.70
N LEU A 347 -25.94 13.55 -27.33
CA LEU A 347 -25.36 14.79 -26.85
C LEU A 347 -26.42 15.89 -26.73
N SER A 348 -27.68 15.55 -27.00
CA SER A 348 -28.81 16.41 -26.68
C SER A 348 -29.88 15.61 -25.96
N HIS A 349 -30.83 16.31 -25.33
CA HIS A 349 -31.89 15.67 -24.57
C HIS A 349 -32.82 14.91 -25.52
N HIS A 350 -33.05 15.51 -26.70
CA HIS A 350 -33.84 14.86 -27.73
C HIS A 350 -33.06 13.70 -28.32
N GLU A 351 -31.74 13.90 -28.52
CA GLU A 351 -30.86 12.84 -29.00
C GLU A 351 -30.97 11.63 -28.08
N ARG A 352 -31.03 11.91 -26.77
CA ARG A 352 -31.15 10.86 -25.77
C ARG A 352 -32.51 10.17 -25.91
N LEU A 353 -33.57 10.98 -26.07
CA LEU A 353 -34.93 10.50 -26.13
C LEU A 353 -35.13 9.61 -27.36
N LYS A 354 -34.56 10.03 -28.50
CA LYS A 354 -34.64 9.26 -29.73
C LYS A 354 -33.88 7.95 -29.55
N CYS A 355 -32.67 8.06 -28.98
CA CYS A 355 -31.82 6.91 -28.73
C CYS A 355 -32.54 5.91 -27.83
N ASP A 356 -33.28 6.44 -26.85
CA ASP A 356 -34.04 5.63 -25.91
C ASP A 356 -35.10 4.81 -26.63
N GLU A 357 -35.80 5.45 -27.58
CA GLU A 357 -36.83 4.79 -28.37
C GLU A 357 -36.19 3.68 -29.21
N TRP A 358 -35.13 4.05 -29.94
CA TRP A 358 -34.36 3.11 -30.74
C TRP A 358 -33.97 1.89 -29.92
N SER A 359 -33.40 2.13 -28.74
CA SER A 359 -32.82 1.12 -27.87
C SER A 359 -33.82 -0.01 -27.58
N VAL A 360 -35.05 0.36 -27.24
CA VAL A 360 -36.05 -0.62 -26.84
C VAL A 360 -36.46 -1.45 -28.06
N ASN A 361 -36.60 -0.78 -29.21
CA ASN A 361 -37.03 -1.40 -30.45
C ASN A 361 -35.92 -2.25 -31.04
N SER A 362 -34.66 -1.93 -30.66
CA SER A 362 -33.50 -2.70 -31.10
C SER A 362 -33.41 -4.00 -30.30
N VAL A 363 -34.40 -4.20 -29.40
CA VAL A 363 -34.50 -5.33 -28.48
C VAL A 363 -33.22 -5.46 -27.65
N GLY A 364 -32.65 -4.30 -27.28
CA GLY A 364 -31.54 -4.23 -26.36
C GLY A 364 -30.18 -4.36 -27.03
N LYS A 365 -30.18 -4.42 -28.37
CA LYS A 365 -28.95 -4.56 -29.14
C LYS A 365 -28.25 -3.21 -29.26
N ILE A 366 -29.02 -2.13 -29.05
CA ILE A 366 -28.51 -0.78 -28.97
C ILE A 366 -28.76 -0.26 -27.55
N GLU A 367 -27.74 0.38 -26.97
CA GLU A 367 -27.85 1.05 -25.68
C GLU A 367 -27.41 2.50 -25.84
N CYS A 368 -27.73 3.35 -24.85
CA CYS A 368 -27.52 4.78 -24.96
C CYS A 368 -26.66 5.31 -23.82
N VAL A 369 -25.87 6.36 -24.14
CA VAL A 369 -25.05 7.05 -23.18
C VAL A 369 -25.16 8.56 -23.45
N SER A 370 -25.48 9.34 -22.41
CA SER A 370 -25.55 10.79 -22.50
C SER A 370 -24.20 11.40 -22.18
N ALA A 371 -23.80 12.40 -22.97
CA ALA A 371 -22.60 13.19 -22.73
C ALA A 371 -22.89 14.66 -23.00
N GLU A 372 -22.04 15.56 -22.47
CA GLU A 372 -22.30 16.99 -22.54
C GLU A 372 -21.97 17.53 -23.93
N THR A 373 -20.79 17.16 -24.44
CA THR A 373 -20.26 17.72 -25.68
C THR A 373 -20.15 16.63 -26.74
N THR A 374 -19.80 17.04 -27.97
CA THR A 374 -19.41 16.11 -29.02
C THR A 374 -18.03 15.58 -28.71
N GLU A 375 -17.17 16.46 -28.16
CA GLU A 375 -15.81 16.10 -27.77
C GLU A 375 -15.85 15.12 -26.60
N ASP A 376 -16.86 15.29 -25.73
CA ASP A 376 -17.06 14.41 -24.58
C ASP A 376 -17.47 13.03 -25.06
N CYS A 377 -18.34 12.98 -26.08
CA CYS A 377 -18.78 11.72 -26.67
C CYS A 377 -17.58 10.96 -27.25
N ILE A 378 -16.71 11.68 -27.97
CA ILE A 378 -15.55 11.08 -28.60
C ILE A 378 -14.64 10.49 -27.52
N ALA A 379 -14.52 11.20 -26.39
CA ALA A 379 -13.72 10.76 -25.27
C ALA A 379 -14.26 9.45 -24.69
N LYS A 380 -15.59 9.28 -24.75
CA LYS A 380 -16.27 8.12 -24.19
C LYS A 380 -16.05 6.92 -25.11
N ILE A 381 -16.04 7.15 -26.43
CA ILE A 381 -15.76 6.11 -27.41
C ILE A 381 -14.32 5.65 -27.21
N MET A 382 -13.43 6.62 -26.96
CA MET A 382 -12.00 6.37 -26.81
C MET A 382 -11.74 5.44 -25.63
N ASN A 383 -12.31 5.77 -24.46
CA ASN A 383 -12.02 5.07 -23.23
C ASN A 383 -13.12 4.05 -22.93
N GLY A 384 -13.97 3.79 -23.93
CA GLY A 384 -14.91 2.68 -23.90
C GLY A 384 -16.08 2.90 -22.94
N GLU A 385 -16.42 4.17 -22.70
CA GLU A 385 -17.65 4.50 -21.97
C GLU A 385 -18.82 4.55 -22.94
N ALA A 386 -18.50 4.48 -24.24
CA ALA A 386 -19.47 4.42 -25.32
C ALA A 386 -18.86 3.69 -26.51
N ASP A 387 -19.67 3.47 -27.55
CA ASP A 387 -19.26 2.61 -28.66
C ASP A 387 -19.27 3.37 -29.98
N ALA A 388 -20.39 4.01 -30.33
CA ALA A 388 -20.54 4.59 -31.65
C ALA A 388 -21.34 5.89 -31.63
N MET A 389 -21.04 6.76 -32.60
CA MET A 389 -21.76 8.01 -32.85
C MET A 389 -21.40 8.53 -34.23
N SER A 390 -22.25 9.40 -34.78
CA SER A 390 -22.04 9.99 -36.09
C SER A 390 -21.40 11.37 -35.95
N LEU A 391 -20.45 11.67 -36.84
CA LEU A 391 -19.68 12.91 -36.78
C LEU A 391 -19.63 13.56 -38.16
N ASP A 392 -19.62 14.90 -38.17
CA ASP A 392 -19.33 15.66 -39.37
C ASP A 392 -17.87 15.40 -39.78
N GLY A 393 -17.53 15.77 -41.01
CA GLY A 393 -16.18 15.61 -41.54
C GLY A 393 -15.12 16.14 -40.57
N GLY A 394 -15.41 17.29 -39.97
CA GLY A 394 -14.47 17.98 -39.09
C GLY A 394 -14.25 17.24 -37.77
N PHE A 395 -15.24 16.45 -37.35
CA PHE A 395 -15.18 15.71 -36.10
C PHE A 395 -14.68 14.29 -36.36
N VAL A 396 -14.91 13.79 -37.58
CA VAL A 396 -14.31 12.54 -38.04
C VAL A 396 -12.79 12.70 -38.00
N TYR A 397 -12.33 13.92 -38.31
CA TYR A 397 -10.92 14.28 -38.27
C TYR A 397 -10.42 14.23 -36.83
N ILE A 398 -11.08 14.99 -35.95
CA ILE A 398 -10.66 15.11 -34.56
C ILE A 398 -10.64 13.73 -33.92
N ALA A 399 -11.69 12.94 -34.17
CA ALA A 399 -11.80 11.58 -33.67
C ALA A 399 -10.68 10.72 -34.26
N GLY A 400 -10.34 10.98 -35.54
CA GLY A 400 -9.30 10.24 -36.24
C GLY A 400 -7.93 10.41 -35.60
N LYS A 401 -7.57 11.66 -35.30
CA LYS A 401 -6.32 11.99 -34.63
C LYS A 401 -6.34 11.41 -33.21
N CYS A 402 -7.50 10.90 -32.79
CA CYS A 402 -7.68 10.29 -31.49
C CYS A 402 -7.79 8.77 -31.61
N GLY A 403 -7.54 8.25 -32.82
CA GLY A 403 -7.42 6.81 -33.03
C GLY A 403 -8.77 6.11 -33.13
N LEU A 404 -9.82 6.89 -33.45
CA LEU A 404 -11.10 6.32 -33.83
C LEU A 404 -11.09 6.07 -35.33
N VAL A 405 -12.09 5.35 -35.83
CA VAL A 405 -12.15 4.99 -37.24
C VAL A 405 -13.57 5.18 -37.78
N PRO A 406 -13.70 5.74 -39.00
CA PRO A 406 -14.98 5.71 -39.71
C PRO A 406 -15.27 4.28 -40.18
N VAL A 407 -16.54 3.87 -40.09
CA VAL A 407 -16.92 2.51 -40.43
C VAL A 407 -18.09 2.54 -41.42
N LEU A 408 -19.05 3.44 -41.15
CA LEU A 408 -20.23 3.59 -41.98
C LEU A 408 -20.38 5.06 -42.36
N ALA A 409 -20.81 5.31 -43.60
CA ALA A 409 -21.04 6.67 -44.06
C ALA A 409 -22.54 6.87 -44.31
N GLU A 410 -23.01 8.09 -44.01
CA GLU A 410 -24.39 8.46 -44.24
C GLU A 410 -24.58 8.76 -45.73
N ASN A 411 -25.44 7.96 -46.38
CA ASN A 411 -25.76 8.15 -47.78
C ASN A 411 -27.05 8.96 -47.91
N TYR A 412 -27.01 9.96 -48.80
CA TYR A 412 -28.05 10.96 -48.91
C TYR A 412 -28.78 10.84 -50.24
N ASN A 413 -28.11 10.23 -51.24
CA ASN A 413 -28.69 10.06 -52.56
C ASN A 413 -29.32 8.67 -52.65
N LYS A 414 -30.64 8.65 -52.85
CA LYS A 414 -31.39 7.41 -52.98
C LYS A 414 -30.78 6.56 -54.08
N SER A 415 -30.48 5.31 -53.73
CA SER A 415 -29.75 4.38 -54.56
C SER A 415 -30.12 2.96 -54.14
N ASP A 416 -30.46 2.11 -55.12
CA ASP A 416 -31.01 0.79 -54.83
C ASP A 416 -30.02 -0.03 -54.01
N ASN A 417 -28.76 -0.05 -54.44
CA ASN A 417 -27.72 -0.78 -53.72
C ASN A 417 -26.75 0.24 -53.11
N CYS A 418 -27.32 1.19 -52.35
CA CYS A 418 -26.58 2.27 -51.72
C CYS A 418 -25.65 1.72 -50.64
N GLU A 419 -26.14 0.70 -49.91
CA GLU A 419 -25.41 0.08 -48.82
C GLU A 419 -24.02 -0.35 -49.29
N ASP A 420 -23.86 -0.52 -50.60
CA ASP A 420 -22.69 -1.14 -51.19
C ASP A 420 -21.84 -0.09 -51.91
N THR A 421 -22.17 1.19 -51.74
CA THR A 421 -21.45 2.26 -52.43
C THR A 421 -21.41 3.53 -51.58
N PRO A 422 -20.25 3.87 -50.97
CA PRO A 422 -20.06 5.17 -50.32
C PRO A 422 -20.12 6.32 -51.33
N GLU A 423 -20.39 7.52 -50.83
CA GLU A 423 -20.71 8.66 -51.68
C GLU A 423 -19.48 9.54 -51.94
N ALA A 424 -18.81 9.95 -50.85
CA ALA A 424 -17.64 10.82 -50.90
C ALA A 424 -18.07 12.30 -51.05
N GLY A 425 -19.37 12.55 -50.92
CA GLY A 425 -19.91 13.90 -50.74
C GLY A 425 -19.88 14.73 -52.01
N TYR A 426 -19.95 16.06 -51.82
CA TYR A 426 -19.95 17.03 -52.91
C TYR A 426 -18.53 17.55 -53.12
N PHE A 427 -18.40 18.58 -53.97
CA PHE A 427 -17.12 19.13 -54.36
C PHE A 427 -17.07 20.63 -54.03
N ALA A 428 -16.09 21.01 -53.20
CA ALA A 428 -15.85 22.40 -52.85
C ALA A 428 -15.02 23.06 -53.95
N VAL A 429 -15.52 24.19 -54.45
CA VAL A 429 -14.94 24.86 -55.60
C VAL A 429 -14.78 26.35 -55.30
N ALA A 430 -13.78 26.97 -55.94
CA ALA A 430 -13.60 28.41 -55.95
C ALA A 430 -13.91 28.93 -57.35
N VAL A 431 -15.00 29.69 -57.48
CA VAL A 431 -15.45 30.18 -58.77
C VAL A 431 -15.01 31.63 -58.94
N VAL A 432 -14.85 32.05 -60.21
CA VAL A 432 -14.39 33.38 -60.58
C VAL A 432 -14.82 33.64 -62.03
N LYS A 433 -15.09 34.92 -62.34
CA LYS A 433 -15.53 35.34 -63.66
C LYS A 433 -14.44 35.08 -64.69
N LYS A 434 -14.84 34.59 -65.86
CA LYS A 434 -13.95 34.21 -66.95
C LYS A 434 -13.20 35.44 -67.46
N SER A 435 -13.85 36.61 -67.36
CA SER A 435 -13.33 37.87 -67.86
C SER A 435 -11.94 38.15 -67.29
N ALA A 436 -11.82 38.14 -65.96
CA ALA A 436 -10.56 38.37 -65.29
C ALA A 436 -9.66 37.16 -65.45
N SER A 437 -8.92 37.13 -66.57
CA SER A 437 -8.04 36.04 -66.92
C SER A 437 -6.81 36.01 -66.01
N ASP A 438 -6.50 37.16 -65.39
CA ASP A 438 -5.34 37.32 -64.53
C ASP A 438 -5.51 36.49 -63.26
N LEU A 439 -6.77 36.24 -62.88
CA LEU A 439 -7.09 35.57 -61.63
C LEU A 439 -6.74 34.09 -61.69
N THR A 440 -5.72 33.72 -60.90
CA THR A 440 -5.35 32.34 -60.64
C THR A 440 -5.10 32.18 -59.14
N TRP A 441 -4.92 30.91 -58.70
CA TRP A 441 -4.92 30.51 -57.30
C TRP A 441 -3.92 31.32 -56.48
N ASP A 442 -2.89 31.84 -57.14
CA ASP A 442 -1.75 32.43 -56.46
C ASP A 442 -2.02 33.89 -56.09
N ASN A 443 -2.55 34.66 -57.05
CA ASN A 443 -2.64 36.11 -56.92
C ASN A 443 -3.93 36.51 -56.17
N LEU A 444 -4.47 35.58 -55.37
CA LEU A 444 -5.69 35.81 -54.61
C LEU A 444 -5.50 36.94 -53.60
N LYS A 445 -4.25 37.13 -53.14
CA LYS A 445 -3.93 38.11 -52.12
C LYS A 445 -4.48 39.47 -52.51
N GLY A 446 -5.37 40.00 -51.68
CA GLY A 446 -5.82 41.38 -51.77
C GLY A 446 -7.09 41.54 -52.61
N LYS A 447 -7.57 40.44 -53.20
CA LYS A 447 -8.76 40.47 -54.03
C LYS A 447 -10.01 40.49 -53.15
N LYS A 448 -11.16 40.78 -53.77
CA LYS A 448 -12.44 40.71 -53.08
C LYS A 448 -13.01 39.30 -53.22
N SER A 449 -13.74 38.86 -52.19
CA SER A 449 -14.14 37.47 -52.06
C SER A 449 -15.60 37.34 -51.63
N CYS A 450 -16.17 36.16 -51.90
CA CYS A 450 -17.52 35.83 -51.50
C CYS A 450 -17.52 34.45 -50.84
N HIS A 451 -18.19 34.37 -49.69
CA HIS A 451 -18.27 33.16 -48.89
C HIS A 451 -19.75 32.84 -48.64
N THR A 452 -20.06 31.54 -48.59
CA THR A 452 -21.41 31.12 -48.20
C THR A 452 -21.69 31.66 -46.81
N ALA A 453 -20.73 31.43 -45.89
CA ALA A 453 -20.70 32.02 -44.56
C ALA A 453 -19.45 31.54 -43.83
N VAL A 454 -19.17 32.16 -42.67
CA VAL A 454 -18.05 31.76 -41.84
C VAL A 454 -18.45 30.50 -41.07
N GLY A 455 -17.60 29.47 -41.14
CA GLY A 455 -17.86 28.20 -40.50
C GLY A 455 -18.40 27.17 -41.49
N ARG A 456 -18.99 27.66 -42.59
CA ARG A 456 -19.54 26.81 -43.63
C ARG A 456 -18.41 26.05 -44.33
N THR A 457 -18.75 24.85 -44.83
CA THR A 457 -17.75 23.91 -45.31
C THR A 457 -17.02 24.50 -46.52
N ALA A 458 -17.74 24.58 -47.65
CA ALA A 458 -17.15 24.94 -48.93
C ALA A 458 -16.86 26.43 -48.99
N GLY A 459 -17.56 27.21 -48.16
CA GLY A 459 -17.54 28.67 -48.24
C GLY A 459 -16.41 29.29 -47.41
N TRP A 460 -15.86 28.53 -46.46
CA TRP A 460 -14.90 29.08 -45.52
C TRP A 460 -13.78 28.09 -45.21
N ASN A 461 -14.17 26.84 -44.93
CA ASN A 461 -13.27 25.86 -44.34
C ASN A 461 -12.13 25.52 -45.31
N ILE A 462 -12.46 24.82 -46.40
CA ILE A 462 -11.48 24.34 -47.36
C ILE A 462 -10.66 25.52 -47.89
N PRO A 463 -11.29 26.61 -48.39
CA PRO A 463 -10.54 27.77 -48.87
C PRO A 463 -9.49 28.31 -47.88
N MET A 464 -9.93 28.73 -46.70
CA MET A 464 -9.06 29.33 -45.70
C MET A 464 -8.01 28.33 -45.23
N GLY A 465 -8.40 27.05 -45.16
CA GLY A 465 -7.52 25.98 -44.73
C GLY A 465 -6.36 25.79 -45.71
N LEU A 466 -6.66 25.87 -47.00
CA LEU A 466 -5.65 25.73 -48.04
C LEU A 466 -4.83 27.01 -48.15
N LEU A 467 -5.50 28.17 -48.02
CA LEU A 467 -4.86 29.47 -48.16
C LEU A 467 -4.20 29.87 -46.85
N TYR A 468 -4.08 28.92 -45.91
CA TYR A 468 -3.43 29.17 -44.64
C TYR A 468 -1.91 29.19 -44.84
N ASN A 469 -1.43 28.35 -45.76
CA ASN A 469 -0.01 28.26 -46.07
C ASN A 469 0.47 29.59 -46.65
N LYS A 470 -0.41 30.25 -47.40
CA LYS A 470 -0.09 31.48 -48.11
C LYS A 470 -0.20 32.69 -47.18
N ILE A 471 -0.68 32.47 -45.95
CA ILE A 471 -0.82 33.57 -44.99
C ILE A 471 0.01 33.28 -43.74
N ASN A 472 -0.18 32.09 -43.15
CA ASN A 472 0.63 31.55 -42.08
C ASN A 472 0.43 32.34 -40.79
N HIS A 473 -0.73 32.99 -40.67
CA HIS A 473 -1.23 33.55 -39.42
C HIS A 473 -2.76 33.50 -39.42
N CYS A 474 -3.37 33.92 -38.31
CA CYS A 474 -4.78 33.67 -38.05
C CYS A 474 -5.63 34.91 -38.33
N ARG A 475 -5.08 35.85 -39.11
CA ARG A 475 -5.80 37.06 -39.47
C ARG A 475 -6.22 36.95 -40.93
N PHE A 476 -7.32 36.21 -41.16
CA PHE A 476 -7.76 35.78 -42.48
C PHE A 476 -8.34 36.96 -43.27
N ASP A 477 -8.82 37.98 -42.54
CA ASP A 477 -9.44 39.15 -43.15
C ASP A 477 -8.36 40.01 -43.80
N GLU A 478 -7.10 39.80 -43.40
CA GLU A 478 -5.99 40.58 -43.90
C GLU A 478 -5.46 39.99 -45.20
N PHE A 479 -6.00 38.82 -45.59
CA PHE A 479 -5.67 38.22 -46.87
C PHE A 479 -6.42 38.96 -47.96
N PHE A 480 -7.75 38.93 -47.89
CA PHE A 480 -8.62 39.65 -48.79
C PHE A 480 -8.71 41.10 -48.35
N SER A 481 -8.67 42.02 -49.33
CA SER A 481 -8.87 43.43 -49.06
C SER A 481 -10.26 43.64 -48.47
N GLU A 482 -11.27 43.11 -49.18
CA GLU A 482 -12.67 43.19 -48.79
C GLU A 482 -13.33 41.86 -49.15
N GLY A 483 -14.49 41.59 -48.53
CA GLY A 483 -15.20 40.35 -48.81
C GLY A 483 -16.61 40.34 -48.23
N CYS A 484 -17.34 39.25 -48.49
CA CYS A 484 -18.61 38.99 -47.85
C CYS A 484 -18.58 37.61 -47.19
N ALA A 485 -18.31 37.60 -45.88
CA ALA A 485 -18.30 36.39 -45.08
C ALA A 485 -19.35 36.53 -43.97
N PRO A 486 -20.62 36.17 -44.24
CA PRO A 486 -21.69 36.30 -43.25
C PRO A 486 -21.36 35.62 -41.92
N GLY A 487 -21.16 36.45 -40.88
CA GLY A 487 -20.90 35.95 -39.54
C GLY A 487 -19.68 36.62 -38.91
N SER A 488 -18.80 37.18 -39.76
CA SER A 488 -17.61 37.87 -39.32
C SER A 488 -18.02 39.12 -38.53
N LYS A 489 -17.08 39.64 -37.72
CA LYS A 489 -17.30 40.87 -36.96
C LYS A 489 -17.81 41.94 -37.91
N LYS A 490 -18.90 42.62 -37.51
CA LYS A 490 -19.61 43.58 -38.33
C LYS A 490 -18.64 44.63 -38.89
N ASP A 491 -17.49 44.77 -38.22
CA ASP A 491 -16.56 45.87 -38.45
C ASP A 491 -15.38 45.41 -39.32
N SER A 492 -15.29 44.09 -39.58
CA SER A 492 -14.18 43.56 -40.36
C SER A 492 -14.35 43.87 -41.84
N SER A 493 -13.35 43.47 -42.64
CA SER A 493 -13.32 43.75 -44.06
C SER A 493 -14.05 42.65 -44.85
N LEU A 494 -14.51 41.62 -44.13
CA LEU A 494 -15.25 40.53 -44.72
C LEU A 494 -16.75 40.78 -44.59
N CYS A 495 -17.10 41.97 -44.10
CA CYS A 495 -18.49 42.37 -43.97
C CYS A 495 -18.79 43.58 -44.86
N LYS A 496 -17.81 43.96 -45.69
CA LYS A 496 -17.86 45.21 -46.45
C LYS A 496 -18.67 45.03 -47.73
N LEU A 497 -18.87 43.78 -48.16
CA LEU A 497 -19.52 43.50 -49.43
C LEU A 497 -20.83 42.74 -49.22
N CYS A 498 -21.48 42.97 -48.07
CA CYS A 498 -22.72 42.30 -47.73
C CYS A 498 -23.87 43.32 -47.73
N MET A 499 -24.87 43.06 -48.58
CA MET A 499 -25.90 44.02 -48.93
C MET A 499 -27.19 43.69 -48.18
N GLY A 500 -27.07 43.50 -46.86
CA GLY A 500 -28.22 43.30 -45.98
C GLY A 500 -28.56 44.60 -45.27
N SER A 501 -29.86 44.92 -45.20
CA SER A 501 -30.31 46.19 -44.64
C SER A 501 -30.61 46.03 -43.15
N GLY A 502 -30.08 46.96 -42.35
CA GLY A 502 -30.41 47.07 -40.93
C GLY A 502 -29.54 46.16 -40.06
N LEU A 503 -30.20 45.31 -39.28
CA LEU A 503 -29.54 44.39 -38.37
C LEU A 503 -28.98 43.19 -39.13
N ASN A 504 -29.57 42.90 -40.29
CA ASN A 504 -29.20 41.75 -41.10
C ASN A 504 -28.10 42.15 -42.09
N LEU A 505 -27.19 43.02 -41.64
CA LEU A 505 -26.21 43.64 -42.52
C LEU A 505 -25.13 42.63 -42.89
N CYS A 506 -24.72 41.80 -41.92
CA CYS A 506 -23.67 40.82 -42.12
C CYS A 506 -23.99 39.54 -41.36
N GLU A 507 -25.29 39.26 -41.17
CA GLU A 507 -25.76 38.11 -40.42
C GLU A 507 -25.90 36.90 -41.35
N PRO A 508 -25.49 35.69 -40.90
CA PRO A 508 -25.60 34.48 -41.73
C PRO A 508 -27.00 33.88 -41.79
N ASN A 509 -27.95 34.65 -42.35
CA ASN A 509 -29.31 34.20 -42.57
C ASN A 509 -29.77 34.59 -43.97
N ASN A 510 -31.02 34.28 -44.29
CA ASN A 510 -31.57 34.45 -45.63
C ASN A 510 -31.69 35.94 -45.99
N LYS A 511 -31.93 36.77 -44.97
CA LYS A 511 -32.17 38.20 -45.17
C LYS A 511 -30.87 38.92 -45.52
N GLU A 512 -29.76 38.19 -45.45
CA GLU A 512 -28.45 38.69 -45.86
C GLU A 512 -28.44 38.91 -47.36
N GLY A 513 -28.92 37.92 -48.12
CA GLY A 513 -29.03 38.02 -49.56
C GLY A 513 -27.72 37.69 -50.26
N TYR A 514 -26.60 37.87 -49.54
CA TYR A 514 -25.30 37.46 -50.03
C TYR A 514 -24.82 36.22 -49.27
N TYR A 515 -25.76 35.59 -48.55
CA TYR A 515 -25.50 34.41 -47.74
C TYR A 515 -25.89 33.16 -48.53
N GLY A 516 -25.24 32.04 -48.19
CA GLY A 516 -25.57 30.75 -48.78
C GLY A 516 -24.81 30.53 -50.09
N TYR A 517 -25.16 29.44 -50.78
CA TYR A 517 -24.50 29.05 -52.01
C TYR A 517 -24.93 29.98 -53.16
N THR A 518 -26.25 30.17 -53.27
CA THR A 518 -26.81 31.07 -54.26
C THR A 518 -26.33 32.50 -53.98
N GLY A 519 -26.27 32.84 -52.68
CA GLY A 519 -26.00 34.20 -52.22
C GLY A 519 -24.56 34.64 -52.50
N ALA A 520 -23.61 33.71 -52.30
CA ALA A 520 -22.20 33.98 -52.53
C ALA A 520 -21.93 34.12 -54.02
N PHE A 521 -22.79 33.51 -54.83
CA PHE A 521 -22.66 33.56 -56.28
C PHE A 521 -23.20 34.89 -56.79
N ARG A 522 -24.25 35.41 -56.14
CA ARG A 522 -24.76 36.74 -56.43
C ARG A 522 -23.72 37.78 -56.02
N CYS A 523 -23.08 37.52 -54.88
CA CYS A 523 -21.94 38.31 -54.41
C CYS A 523 -20.85 38.28 -55.48
N LEU A 524 -20.71 37.15 -56.17
CA LEU A 524 -19.71 36.98 -57.22
C LEU A 524 -20.12 37.78 -58.45
N VAL A 525 -21.36 37.56 -58.92
CA VAL A 525 -21.82 38.03 -60.22
C VAL A 525 -21.91 39.57 -60.21
N GLU A 526 -22.24 40.14 -59.05
CA GLU A 526 -22.38 41.59 -58.93
C GLU A 526 -21.02 42.20 -58.61
N LYS A 527 -20.54 41.97 -57.39
CA LYS A 527 -19.40 42.71 -56.86
C LYS A 527 -18.40 41.76 -56.18
N GLY A 528 -18.02 40.71 -56.89
CA GLY A 528 -17.10 39.72 -56.35
C GLY A 528 -15.99 39.35 -57.34
N ASP A 529 -14.79 39.08 -56.80
CA ASP A 529 -13.66 38.65 -57.60
C ASP A 529 -13.46 37.15 -57.46
N VAL A 530 -14.12 36.54 -56.46
CA VAL A 530 -14.05 35.11 -56.22
C VAL A 530 -15.15 34.69 -55.24
N ALA A 531 -15.80 33.56 -55.54
CA ALA A 531 -16.81 32.99 -54.66
C ALA A 531 -16.49 31.52 -54.40
N PHE A 532 -16.75 31.08 -53.16
CA PHE A 532 -16.49 29.71 -52.77
C PHE A 532 -17.81 28.97 -52.56
N VAL A 533 -18.12 28.07 -53.50
CA VAL A 533 -19.38 27.34 -53.51
C VAL A 533 -19.12 25.89 -53.89
N LYS A 534 -20.19 25.08 -53.88
CA LYS A 534 -20.12 23.69 -54.28
C LYS A 534 -20.07 23.59 -55.80
N HIS A 535 -20.12 22.36 -56.33
CA HIS A 535 -19.89 22.13 -57.75
C HIS A 535 -21.11 22.48 -58.58
N GLN A 536 -22.31 22.31 -58.00
CA GLN A 536 -23.55 22.42 -58.76
C GLN A 536 -24.22 23.77 -58.50
N THR A 537 -23.50 24.70 -57.89
CA THR A 537 -24.05 26.01 -57.57
C THR A 537 -24.13 26.87 -58.83
N VAL A 538 -23.15 26.72 -59.72
CA VAL A 538 -23.15 27.45 -60.98
C VAL A 538 -24.27 26.94 -61.88
N PRO A 539 -24.35 25.62 -62.18
CA PRO A 539 -25.42 25.08 -63.03
C PRO A 539 -26.89 25.32 -62.66
N GLN A 540 -27.16 25.61 -61.39
CA GLN A 540 -28.53 25.76 -60.92
C GLN A 540 -28.92 27.24 -60.82
N ASN A 541 -27.90 28.12 -60.85
CA ASN A 541 -28.11 29.55 -60.68
C ASN A 541 -27.92 30.26 -62.02
N THR A 542 -27.67 29.48 -63.08
CA THR A 542 -27.46 30.01 -64.42
C THR A 542 -28.33 29.23 -65.41
N GLY A 543 -28.41 29.74 -66.65
CA GLY A 543 -29.15 29.10 -67.72
C GLY A 543 -30.66 29.24 -67.53
N GLY A 544 -31.06 30.31 -66.82
CA GLY A 544 -32.46 30.63 -66.59
C GLY A 544 -33.16 29.60 -65.71
N LYS A 545 -32.39 29.01 -64.78
CA LYS A 545 -32.94 28.10 -63.79
C LYS A 545 -33.39 28.91 -62.57
N ASN A 546 -32.85 30.14 -62.48
CA ASN A 546 -33.15 31.07 -61.40
C ASN A 546 -33.91 32.26 -61.96
N PRO A 547 -35.22 32.41 -61.64
CA PRO A 547 -36.01 33.54 -62.16
C PRO A 547 -35.91 34.83 -61.35
N ASP A 548 -34.92 34.90 -60.46
CA ASP A 548 -34.67 36.09 -59.63
C ASP A 548 -34.13 37.21 -60.50
N PRO A 549 -34.19 38.50 -60.05
CA PRO A 549 -33.80 39.63 -60.89
C PRO A 549 -32.38 39.56 -61.45
N TRP A 550 -31.40 39.40 -60.56
CA TRP A 550 -29.98 39.48 -60.87
C TRP A 550 -29.51 38.27 -61.65
N ALA A 551 -30.31 37.19 -61.66
CA ALA A 551 -29.85 35.88 -62.07
C ALA A 551 -30.42 35.46 -63.42
N LYS A 552 -31.61 35.98 -63.76
CA LYS A 552 -32.35 35.63 -64.95
C LYS A 552 -31.42 35.19 -66.08
N ASN A 553 -30.51 36.10 -66.45
CA ASN A 553 -29.82 36.04 -67.73
C ASN A 553 -28.32 35.80 -67.54
N LEU A 554 -27.97 35.05 -66.49
CA LEU A 554 -26.58 34.66 -66.27
C LEU A 554 -26.36 33.29 -66.89
N ASN A 555 -25.19 33.09 -67.52
CA ASN A 555 -24.92 31.87 -68.27
C ASN A 555 -23.67 31.17 -67.73
N GLU A 556 -23.60 29.86 -67.99
CA GLU A 556 -22.56 28.98 -67.49
C GLU A 556 -21.19 29.37 -68.06
N LYS A 557 -21.17 29.76 -69.33
CA LYS A 557 -19.94 29.99 -70.08
C LYS A 557 -19.13 31.12 -69.42
N ASP A 558 -19.84 32.04 -68.76
CA ASP A 558 -19.30 33.30 -68.31
C ASP A 558 -18.38 33.12 -67.10
N TYR A 559 -18.47 31.95 -66.44
CA TYR A 559 -17.77 31.73 -65.19
C TYR A 559 -16.86 30.50 -65.31
N GLU A 560 -15.65 30.62 -64.75
CA GLU A 560 -14.68 29.54 -64.71
C GLU A 560 -14.23 29.33 -63.27
N LEU A 561 -14.26 28.08 -62.82
CA LEU A 561 -13.81 27.72 -61.48
C LEU A 561 -12.29 27.54 -61.47
N LEU A 562 -11.67 27.95 -60.37
CA LEU A 562 -10.22 28.01 -60.24
C LEU A 562 -9.71 26.73 -59.59
N CYS A 563 -8.51 26.31 -59.99
CA CYS A 563 -7.95 25.03 -59.57
C CYS A 563 -6.76 25.25 -58.64
N LEU A 564 -6.10 24.15 -58.26
CA LEU A 564 -5.09 24.14 -57.20
C LEU A 564 -3.68 24.36 -57.77
N ASP A 565 -3.42 23.81 -58.96
CA ASP A 565 -2.08 23.83 -59.55
C ASP A 565 -1.81 25.16 -60.25
N GLY A 566 -2.84 26.03 -60.30
CA GLY A 566 -2.70 27.37 -60.83
C GLY A 566 -3.60 27.59 -62.06
N THR A 567 -4.18 26.49 -62.57
CA THR A 567 -4.96 26.53 -63.79
C THR A 567 -6.40 26.93 -63.48
N ARG A 568 -7.13 27.28 -64.55
CA ARG A 568 -8.57 27.48 -64.51
C ARG A 568 -9.23 26.39 -65.35
N LYS A 569 -10.48 26.06 -65.03
CA LYS A 569 -11.23 25.03 -65.75
C LYS A 569 -12.68 25.49 -65.97
N PRO A 570 -13.43 24.82 -66.88
CA PRO A 570 -14.86 25.08 -67.03
C PRO A 570 -15.69 24.38 -65.95
N VAL A 571 -16.94 24.84 -65.79
CA VAL A 571 -17.77 24.52 -64.64
C VAL A 571 -18.06 23.03 -64.55
N GLU A 572 -18.17 22.37 -65.72
CA GLU A 572 -18.57 20.97 -65.77
C GLU A 572 -17.36 20.06 -65.58
N GLU A 573 -16.19 20.66 -65.36
CA GLU A 573 -14.97 19.92 -65.06
C GLU A 573 -14.57 20.14 -63.62
N TYR A 574 -15.57 20.14 -62.73
CA TYR A 574 -15.40 20.30 -61.29
C TYR A 574 -14.67 19.08 -60.74
N ALA A 575 -14.89 17.93 -61.37
CA ALA A 575 -14.33 16.65 -60.95
C ALA A 575 -12.80 16.74 -60.91
N ASN A 576 -12.25 17.61 -61.76
CA ASN A 576 -10.81 17.76 -61.93
C ASN A 576 -10.34 19.06 -61.29
N CYS A 577 -11.23 20.06 -61.26
CA CYS A 577 -10.91 21.37 -60.71
C CYS A 577 -11.67 21.59 -59.42
N HIS A 578 -11.11 21.06 -58.32
CA HIS A 578 -11.75 21.14 -57.02
C HIS A 578 -10.73 21.48 -55.94
N LEU A 579 -11.24 21.98 -54.81
CA LEU A 579 -10.43 22.26 -53.63
C LEU A 579 -10.39 21.01 -52.76
N ALA A 580 -11.57 20.50 -52.37
CA ALA A 580 -11.70 19.28 -51.59
C ALA A 580 -13.05 18.61 -51.85
N ARG A 581 -13.24 17.42 -51.27
CA ARG A 581 -14.43 16.62 -51.50
C ARG A 581 -15.29 16.60 -50.24
N ALA A 582 -15.65 17.80 -49.75
CA ALA A 582 -16.46 17.98 -48.56
C ALA A 582 -17.29 16.73 -48.26
N PRO A 583 -16.99 16.00 -47.16
CA PRO A 583 -17.45 14.63 -46.99
C PRO A 583 -18.79 14.52 -46.29
N ASN A 584 -19.35 13.31 -46.30
CA ASN A 584 -20.58 13.00 -45.57
C ASN A 584 -20.25 12.80 -44.10
N HIS A 585 -21.30 12.79 -43.26
CA HIS A 585 -21.17 12.36 -41.88
C HIS A 585 -20.92 10.85 -41.89
N ALA A 586 -20.11 10.39 -40.93
CA ALA A 586 -19.74 8.98 -40.85
C ALA A 586 -19.86 8.48 -39.42
N VAL A 587 -20.27 7.21 -39.28
CA VAL A 587 -20.32 6.53 -37.99
C VAL A 587 -18.89 6.21 -37.57
N VAL A 588 -18.52 6.66 -36.37
CA VAL A 588 -17.17 6.53 -35.84
C VAL A 588 -17.21 5.65 -34.60
N THR A 589 -16.28 4.68 -34.55
CA THR A 589 -16.17 3.75 -33.44
C THR A 589 -14.70 3.40 -33.20
N ARG A 590 -14.45 2.66 -32.11
CA ARG A 590 -13.13 2.20 -31.75
C ARG A 590 -12.77 0.99 -32.60
N LYS A 591 -11.47 0.79 -32.82
CA LYS A 591 -10.96 -0.20 -33.77
C LYS A 591 -11.49 -1.59 -33.41
N ASP A 592 -11.60 -1.86 -32.10
CA ASP A 592 -11.93 -3.18 -31.59
C ASP A 592 -13.41 -3.49 -31.81
N LYS A 593 -14.24 -2.45 -31.87
CA LYS A 593 -15.69 -2.64 -31.95
C LYS A 593 -16.16 -2.46 -33.39
N GLU A 594 -15.21 -2.36 -34.32
CA GLU A 594 -15.49 -2.09 -35.73
C GLU A 594 -16.43 -3.17 -36.29
N ALA A 595 -16.11 -4.43 -36.00
CA ALA A 595 -16.81 -5.58 -36.56
C ALA A 595 -18.27 -5.59 -36.11
N CYS A 596 -18.47 -5.44 -34.79
CA CYS A 596 -19.79 -5.55 -34.18
C CYS A 596 -20.69 -4.41 -34.62
N VAL A 597 -20.10 -3.21 -34.75
CA VAL A 597 -20.84 -2.01 -35.14
C VAL A 597 -21.29 -2.14 -36.60
N HIS A 598 -20.40 -2.64 -37.47
CA HIS A 598 -20.75 -2.92 -38.85
C HIS A 598 -21.96 -3.84 -38.92
N LYS A 599 -21.96 -4.87 -38.06
CA LYS A 599 -23.00 -5.88 -38.03
C LYS A 599 -24.32 -5.26 -37.60
N ILE A 600 -24.36 -4.75 -36.36
CA ILE A 600 -25.59 -4.34 -35.69
C ILE A 600 -26.31 -3.27 -36.50
N LEU A 601 -25.56 -2.23 -36.92
CA LEU A 601 -26.12 -1.07 -37.58
C LEU A 601 -26.75 -1.46 -38.92
N ARG A 602 -26.16 -2.46 -39.58
CA ARG A 602 -26.66 -2.93 -40.86
C ARG A 602 -28.00 -3.65 -40.67
N GLN A 603 -28.13 -4.38 -39.55
CA GLN A 603 -29.35 -5.10 -39.22
C GLN A 603 -30.44 -4.11 -38.84
N GLN A 604 -30.04 -3.07 -38.11
CA GLN A 604 -30.95 -2.08 -37.56
C GLN A 604 -31.59 -1.25 -38.68
N GLN A 605 -30.77 -0.87 -39.67
CA GLN A 605 -31.21 -0.01 -40.76
C GLN A 605 -32.13 -0.79 -41.69
N HIS A 606 -32.17 -2.11 -41.53
CA HIS A 606 -33.12 -2.94 -42.25
C HIS A 606 -34.51 -2.77 -41.62
N LEU A 607 -34.56 -2.77 -40.28
CA LEU A 607 -35.79 -2.72 -39.53
C LEU A 607 -36.38 -1.32 -39.54
N PHE A 608 -35.51 -0.31 -39.35
CA PHE A 608 -35.98 1.04 -39.07
C PHE A 608 -35.41 2.02 -40.10
N GLY A 609 -34.80 1.49 -41.16
CA GLY A 609 -34.19 2.31 -42.20
C GLY A 609 -35.22 3.04 -43.05
N SER A 610 -34.73 3.76 -44.07
CA SER A 610 -35.53 4.56 -44.98
C SER A 610 -36.64 3.72 -45.62
N ASN A 611 -36.45 2.39 -45.63
CA ASN A 611 -37.31 1.47 -46.35
C ASN A 611 -38.62 1.24 -45.59
N VAL A 612 -38.81 1.96 -44.49
CA VAL A 612 -40.01 1.79 -43.67
C VAL A 612 -40.92 3.00 -43.83
N THR A 613 -42.16 2.73 -44.25
CA THR A 613 -43.24 3.71 -44.26
C THR A 613 -44.05 3.53 -42.99
N ASP A 614 -45.21 4.20 -42.91
CA ASP A 614 -46.01 4.25 -41.70
C ASP A 614 -45.08 4.48 -40.51
N CYS A 615 -44.31 5.57 -40.59
CA CYS A 615 -43.31 5.92 -39.60
C CYS A 615 -43.97 6.44 -38.32
N SER A 616 -45.31 6.55 -38.35
CA SER A 616 -46.07 7.02 -37.20
C SER A 616 -46.57 5.83 -36.38
N GLY A 617 -46.49 4.63 -36.98
CA GLY A 617 -46.97 3.40 -36.34
C GLY A 617 -45.81 2.48 -35.98
N ASN A 618 -44.65 2.73 -36.58
CA ASN A 618 -43.44 1.96 -36.32
C ASN A 618 -42.24 2.92 -36.32
N PHE A 619 -41.30 2.68 -35.41
CA PHE A 619 -40.13 3.52 -35.24
C PHE A 619 -39.26 3.47 -36.50
N CYS A 620 -38.74 4.64 -36.90
CA CYS A 620 -37.74 4.71 -37.96
C CYS A 620 -36.58 5.61 -37.52
N LEU A 621 -35.38 5.16 -37.90
CA LEU A 621 -34.12 5.60 -37.33
C LEU A 621 -33.71 6.95 -37.89
N PHE A 622 -34.33 7.34 -39.02
CA PHE A 622 -33.82 8.46 -39.79
C PHE A 622 -34.82 9.62 -39.78
N ARG A 623 -35.84 9.54 -38.92
CA ARG A 623 -36.75 10.65 -38.72
C ARG A 623 -36.63 11.14 -37.28
N SER A 624 -36.33 12.43 -37.14
CA SER A 624 -36.14 13.06 -35.84
C SER A 624 -37.41 13.81 -35.43
N GLU A 625 -37.59 13.96 -34.11
CA GLU A 625 -38.66 14.76 -33.56
C GLU A 625 -38.41 16.24 -33.92
N THR A 626 -37.17 16.69 -33.68
CA THR A 626 -36.76 18.04 -34.01
C THR A 626 -35.97 18.03 -35.33
N LYS A 627 -34.64 17.98 -35.24
CA LYS A 627 -33.82 18.08 -36.43
C LYS A 627 -32.53 17.26 -36.29
N ASP A 628 -32.39 16.27 -37.18
CA ASP A 628 -31.16 15.53 -37.41
C ASP A 628 -30.63 14.93 -36.10
N LEU A 629 -31.49 14.20 -35.40
CA LEU A 629 -31.12 13.50 -34.17
C LEU A 629 -30.36 12.23 -34.53
N LEU A 630 -29.21 12.05 -33.88
CA LEU A 630 -28.33 10.90 -34.06
C LEU A 630 -27.72 10.91 -35.46
N PHE A 631 -28.59 10.84 -36.48
CA PHE A 631 -28.19 10.85 -37.87
C PHE A 631 -28.86 12.03 -38.58
N ARG A 632 -28.22 12.50 -39.65
CA ARG A 632 -28.81 13.52 -40.51
C ARG A 632 -30.06 12.92 -41.17
N ASP A 633 -31.12 13.74 -41.27
CA ASP A 633 -32.42 13.27 -41.72
C ASP A 633 -32.40 12.90 -43.20
N ASP A 634 -31.35 13.34 -43.91
CA ASP A 634 -31.23 13.14 -45.35
C ASP A 634 -30.75 11.71 -45.63
N THR A 635 -30.45 10.96 -44.57
CA THR A 635 -29.89 9.61 -44.70
C THR A 635 -30.93 8.66 -45.29
N VAL A 636 -30.45 7.74 -46.14
CA VAL A 636 -31.27 6.70 -46.73
C VAL A 636 -30.78 5.34 -46.21
N CYS A 637 -29.46 5.24 -46.01
CA CYS A 637 -28.82 4.03 -45.54
C CYS A 637 -27.47 4.39 -44.91
N LEU A 638 -26.76 3.37 -44.42
CA LEU A 638 -25.41 3.52 -43.90
C LEU A 638 -24.48 2.61 -44.68
N ALA A 639 -23.72 3.19 -45.63
CA ALA A 639 -22.87 2.45 -46.53
C ALA A 639 -21.61 1.98 -45.81
N LYS A 640 -21.11 0.79 -46.20
CA LYS A 640 -19.93 0.20 -45.59
C LYS A 640 -18.68 0.85 -46.18
N LEU A 641 -17.65 0.98 -45.33
CA LEU A 641 -16.46 1.76 -45.64
C LEU A 641 -15.23 0.85 -45.77
N HIS A 642 -15.42 -0.36 -46.29
CA HIS A 642 -14.30 -1.23 -46.58
C HIS A 642 -13.37 -0.51 -47.57
N ASP A 643 -12.09 -0.39 -47.19
CA ASP A 643 -11.04 0.27 -47.97
C ASP A 643 -10.91 1.74 -47.56
N ARG A 644 -11.98 2.30 -46.99
CA ARG A 644 -12.01 3.71 -46.64
C ARG A 644 -12.18 3.86 -45.12
N ASN A 645 -11.48 2.99 -44.37
CA ASN A 645 -11.78 2.79 -42.96
C ASN A 645 -10.71 3.40 -42.05
N THR A 646 -10.07 4.49 -42.52
CA THR A 646 -9.33 5.38 -41.65
C THR A 646 -9.75 6.81 -41.95
N TYR A 647 -9.36 7.76 -41.09
CA TYR A 647 -9.76 9.14 -41.24
C TYR A 647 -9.09 9.74 -42.47
N GLU A 648 -7.82 9.36 -42.70
CA GLU A 648 -7.01 9.86 -43.79
C GLU A 648 -7.52 9.31 -45.13
N LYS A 649 -8.19 8.15 -45.07
CA LYS A 649 -8.65 7.46 -46.27
C LYS A 649 -10.12 7.78 -46.57
N TYR A 650 -10.82 8.35 -45.57
CA TYR A 650 -12.21 8.73 -45.74
C TYR A 650 -12.28 10.20 -46.13
N LEU A 651 -11.60 11.04 -45.35
CA LEU A 651 -11.45 12.46 -45.66
C LEU A 651 -10.37 12.61 -46.73
N GLY A 652 -10.54 13.61 -47.60
CA GLY A 652 -9.55 13.90 -48.62
C GLY A 652 -8.24 14.33 -47.99
N GLU A 653 -7.11 13.88 -48.58
CA GLU A 653 -5.79 14.34 -48.21
C GLU A 653 -5.81 15.87 -48.22
N GLU A 654 -6.61 16.42 -49.15
CA GLU A 654 -6.85 17.84 -49.29
C GLU A 654 -7.68 18.35 -48.11
N TYR A 655 -8.81 17.66 -47.84
CA TYR A 655 -9.72 18.03 -46.77
C TYR A 655 -8.95 18.08 -45.45
N VAL A 656 -8.10 17.07 -45.24
CA VAL A 656 -7.31 16.92 -44.03
C VAL A 656 -6.36 18.11 -43.88
N LYS A 657 -5.72 18.48 -44.99
CA LYS A 657 -4.77 19.59 -45.01
C LYS A 657 -5.47 20.87 -44.55
N ALA A 658 -6.70 21.04 -45.03
CA ALA A 658 -7.49 22.25 -44.78
C ALA A 658 -7.91 22.32 -43.30
N VAL A 659 -8.59 21.27 -42.83
CA VAL A 659 -9.08 21.21 -41.47
C VAL A 659 -7.89 21.23 -40.51
N GLY A 660 -6.80 20.57 -40.91
CA GLY A 660 -5.57 20.54 -40.13
C GLY A 660 -5.02 21.94 -39.88
N ASN A 661 -4.94 22.73 -40.96
CA ASN A 661 -4.46 24.10 -40.91
C ASN A 661 -5.43 24.97 -40.10
N LEU A 662 -6.73 24.76 -40.30
CA LEU A 662 -7.77 25.54 -39.65
C LEU A 662 -7.71 25.34 -38.14
N ARG A 663 -7.43 24.10 -37.72
CA ARG A 663 -7.37 23.74 -36.32
C ARG A 663 -6.13 24.33 -35.65
N LYS A 664 -5.30 25.01 -36.45
CA LYS A 664 -4.17 25.76 -35.91
C LYS A 664 -4.69 27.06 -35.28
N CYS A 665 -5.71 27.65 -35.91
CA CYS A 665 -6.29 28.90 -35.45
C CYS A 665 -7.36 28.64 -34.41
N SER A 666 -8.28 27.72 -34.72
CA SER A 666 -9.32 27.30 -33.79
C SER A 666 -8.90 26.02 -33.08
N THR A 667 -8.69 26.13 -31.76
CA THR A 667 -8.14 25.05 -30.98
C THR A 667 -9.25 24.15 -30.45
N SER A 668 -8.90 22.88 -30.24
CA SER A 668 -9.77 21.88 -29.64
C SER A 668 -9.03 21.20 -28.50
N SER A 669 -9.59 21.34 -27.28
CA SER A 669 -8.97 20.84 -26.07
C SER A 669 -8.76 19.32 -26.15
N LEU A 670 -9.60 18.66 -26.96
CA LEU A 670 -9.50 17.22 -27.17
C LEU A 670 -8.43 16.92 -28.22
N LEU A 671 -8.38 17.76 -29.26
CA LEU A 671 -7.45 17.54 -30.37
C LEU A 671 -6.01 17.77 -29.87
N GLU A 672 -5.82 18.80 -29.05
CA GLU A 672 -4.50 19.10 -28.51
C GLU A 672 -4.03 17.96 -27.60
N ALA A 673 -4.99 17.22 -27.04
CA ALA A 673 -4.70 16.14 -26.11
C ALA A 673 -4.24 14.90 -26.87
N CYS A 674 -4.95 14.56 -27.95
CA CYS A 674 -4.69 13.34 -28.70
C CYS A 674 -3.41 13.46 -29.50
N THR A 675 -3.06 14.69 -29.90
CA THR A 675 -1.88 14.95 -30.70
C THR A 675 -0.64 14.97 -29.82
N PHE A 676 -0.83 15.19 -28.51
CA PHE A 676 0.25 15.09 -27.54
C PHE A 676 0.67 13.62 -27.46
N ARG A 677 -0.33 12.73 -27.41
CA ARG A 677 -0.10 11.30 -27.29
C ARG A 677 0.41 10.73 -28.60
N ARG A 678 -0.04 11.31 -29.71
CA ARG A 678 0.38 10.89 -31.04
C ARG A 678 0.55 12.13 -31.93
N PRO A 679 1.76 12.73 -31.97
CA PRO A 679 2.03 13.85 -32.87
C PRO A 679 2.41 13.39 -34.28
N ASP B 3 6.21 -29.55 -1.05
CA ASP B 3 6.18 -30.21 0.28
C ASP B 3 7.47 -29.92 1.03
N LYS B 4 7.32 -29.47 2.29
CA LYS B 4 8.44 -29.15 3.17
C LYS B 4 9.37 -28.14 2.52
N THR B 5 8.79 -27.28 1.67
CA THR B 5 9.52 -26.24 0.97
C THR B 5 9.04 -24.89 1.49
N VAL B 6 9.99 -24.05 1.89
CA VAL B 6 9.68 -22.69 2.32
C VAL B 6 9.80 -21.76 1.11
N ARG B 7 8.70 -21.08 0.80
CA ARG B 7 8.67 -20.09 -0.26
C ARG B 7 8.99 -18.73 0.34
N TRP B 8 10.20 -18.23 0.05
CA TRP B 8 10.64 -16.94 0.53
C TRP B 8 10.11 -15.84 -0.40
N CYS B 9 10.01 -14.63 0.14
CA CYS B 9 9.46 -13.50 -0.60
C CYS B 9 10.55 -12.48 -0.84
N ALA B 10 10.66 -12.02 -2.09
CA ALA B 10 11.61 -10.98 -2.47
C ALA B 10 10.84 -9.75 -2.94
N VAL B 11 11.43 -8.57 -2.71
CA VAL B 11 10.73 -7.32 -2.97
C VAL B 11 11.39 -6.60 -4.15
N SER B 12 12.65 -6.92 -4.42
CA SER B 12 13.36 -6.41 -5.59
C SER B 12 13.97 -7.57 -6.37
N GLU B 13 14.53 -7.25 -7.54
CA GLU B 13 15.17 -8.24 -8.37
C GLU B 13 16.47 -8.71 -7.71
N HIS B 14 17.21 -7.75 -7.15
CA HIS B 14 18.45 -8.04 -6.44
C HIS B 14 18.20 -9.02 -5.30
N GLU B 15 17.07 -8.83 -4.60
CA GLU B 15 16.67 -9.71 -3.50
C GLU B 15 16.38 -11.11 -4.03
N ALA B 16 15.70 -11.18 -5.18
CA ALA B 16 15.29 -12.44 -5.77
C ALA B 16 16.52 -13.26 -6.19
N THR B 17 17.55 -12.56 -6.65
CA THR B 17 18.78 -13.19 -7.11
C THR B 17 19.52 -13.81 -5.92
N LYS B 18 19.70 -13.01 -4.87
CA LYS B 18 20.35 -13.47 -3.65
C LYS B 18 19.55 -14.64 -3.07
N CYS B 19 18.23 -14.63 -3.32
CA CYS B 19 17.34 -15.70 -2.93
C CYS B 19 17.63 -16.95 -3.75
N GLN B 20 17.90 -16.76 -5.04
CA GLN B 20 18.07 -17.87 -5.97
C GLN B 20 19.35 -18.64 -5.65
N SER B 21 20.45 -17.91 -5.45
CA SER B 21 21.73 -18.52 -5.10
C SER B 21 21.67 -19.12 -3.70
N PHE B 22 20.73 -18.62 -2.89
CA PHE B 22 20.48 -19.13 -1.55
C PHE B 22 19.82 -20.50 -1.65
N ARG B 23 18.86 -20.63 -2.56
CA ARG B 23 18.22 -21.91 -2.87
C ARG B 23 19.28 -22.91 -3.30
N ASP B 24 20.17 -22.45 -4.19
CA ASP B 24 21.15 -23.31 -4.86
C ASP B 24 22.18 -23.83 -3.85
N HIS B 25 22.59 -22.97 -2.92
CA HIS B 25 23.59 -23.33 -1.93
C HIS B 25 22.97 -24.23 -0.86
N MET B 26 21.69 -24.02 -0.58
CA MET B 26 20.95 -24.85 0.37
C MET B 26 20.58 -26.18 -0.28
N LYS B 27 20.54 -26.19 -1.62
CA LYS B 27 20.21 -27.39 -2.38
C LYS B 27 21.30 -28.43 -2.18
N SER B 28 22.54 -27.96 -2.06
CA SER B 28 23.73 -28.82 -2.00
C SER B 28 23.84 -29.49 -0.62
N VAL B 29 23.87 -28.67 0.43
CA VAL B 29 24.32 -29.11 1.74
C VAL B 29 23.15 -29.70 2.54
N ILE B 30 22.01 -29.94 1.89
CA ILE B 30 20.83 -30.47 2.55
C ILE B 30 20.40 -31.75 1.85
N PRO B 31 20.00 -32.81 2.60
CA PRO B 31 19.56 -34.08 2.00
C PRO B 31 18.26 -33.99 1.22
N SER B 32 17.84 -35.14 0.67
CA SER B 32 16.63 -35.24 -0.15
C SER B 32 15.39 -35.03 0.70
N ASP B 33 15.55 -35.15 2.03
CA ASP B 33 14.51 -34.84 3.00
C ASP B 33 14.92 -33.62 3.79
N GLY B 34 13.93 -32.81 4.17
CA GLY B 34 14.16 -31.63 4.99
C GLY B 34 13.77 -30.34 4.25
N PRO B 35 14.49 -29.21 4.49
CA PRO B 35 14.12 -27.91 3.92
C PRO B 35 14.70 -27.60 2.55
N SER B 36 13.94 -26.82 1.78
CA SER B 36 14.35 -26.31 0.48
C SER B 36 13.79 -24.91 0.27
N VAL B 37 14.45 -24.12 -0.58
CA VAL B 37 14.12 -22.71 -0.76
C VAL B 37 13.42 -22.53 -2.11
N ALA B 38 12.27 -21.84 -2.06
CA ALA B 38 11.58 -21.37 -3.25
C ALA B 38 11.52 -19.84 -3.21
N CYS B 39 11.71 -19.20 -4.36
CA CYS B 39 11.79 -17.75 -4.41
C CYS B 39 10.60 -17.18 -5.17
N VAL B 40 9.70 -16.54 -4.42
CA VAL B 40 8.58 -15.80 -4.98
C VAL B 40 8.97 -14.32 -5.01
N LYS B 41 8.77 -13.68 -6.16
CA LYS B 41 9.14 -12.29 -6.35
C LYS B 41 7.89 -11.43 -6.37
N LYS B 42 7.85 -10.44 -5.45
CA LYS B 42 6.75 -9.49 -5.35
C LYS B 42 7.31 -8.07 -5.47
N ALA B 43 6.41 -7.08 -5.41
CA ALA B 43 6.75 -5.71 -5.72
C ALA B 43 7.14 -4.93 -4.46
N SER B 44 6.48 -5.23 -3.34
CA SER B 44 6.71 -4.50 -2.11
C SER B 44 6.53 -5.41 -0.89
N TYR B 45 6.90 -4.88 0.28
CA TYR B 45 6.75 -5.56 1.56
C TYR B 45 5.26 -5.82 1.80
N LEU B 46 4.43 -4.81 1.53
CA LEU B 46 2.98 -4.94 1.63
C LEU B 46 2.51 -6.10 0.75
N ASP B 47 2.97 -6.09 -0.50
CA ASP B 47 2.67 -7.15 -1.46
C ASP B 47 3.07 -8.50 -0.86
N CYS B 48 4.28 -8.54 -0.29
CA CYS B 48 4.83 -9.77 0.29
C CYS B 48 3.97 -10.25 1.45
N ILE B 49 3.45 -9.31 2.25
CA ILE B 49 2.63 -9.64 3.41
C ILE B 49 1.34 -10.29 2.94
N ARG B 50 0.65 -9.63 1.99
CA ARG B 50 -0.61 -10.12 1.46
C ARG B 50 -0.39 -11.48 0.78
N ALA B 51 0.73 -11.59 0.05
CA ALA B 51 1.10 -12.81 -0.65
C ALA B 51 1.20 -13.96 0.34
N ILE B 52 1.93 -13.74 1.44
CA ILE B 52 2.12 -14.75 2.49
C ILE B 52 0.76 -15.13 3.07
N ALA B 53 -0.06 -14.11 3.36
CA ALA B 53 -1.39 -14.31 3.90
C ALA B 53 -2.24 -15.16 2.95
N ALA B 54 -2.21 -14.79 1.66
CA ALA B 54 -3.01 -15.45 0.64
C ALA B 54 -2.47 -16.85 0.35
N ASN B 55 -1.32 -17.18 0.94
CA ASN B 55 -0.68 -18.47 0.81
C ASN B 55 -0.11 -18.63 -0.60
N GLU B 56 0.74 -17.67 -0.98
CA GLU B 56 1.50 -17.73 -2.23
C GLU B 56 2.99 -17.71 -1.89
N ALA B 57 3.29 -17.17 -0.70
CA ALA B 57 4.60 -17.22 -0.08
C ALA B 57 4.44 -17.69 1.37
N ASP B 58 5.56 -17.88 2.06
CA ASP B 58 5.52 -18.47 3.40
C ASP B 58 6.13 -17.52 4.42
N ALA B 59 7.27 -16.91 4.07
CA ALA B 59 8.03 -16.10 5.01
C ALA B 59 8.59 -14.86 4.33
N VAL B 60 8.65 -13.76 5.11
CA VAL B 60 9.41 -12.57 4.77
C VAL B 60 9.87 -11.93 6.07
N THR B 61 11.00 -11.22 6.02
CA THR B 61 11.57 -10.58 7.19
C THR B 61 11.38 -9.06 7.09
N LEU B 62 10.90 -8.47 8.19
CA LEU B 62 10.31 -7.13 8.18
C LEU B 62 10.88 -6.27 9.29
N ASP B 63 10.86 -4.95 9.04
CA ASP B 63 11.04 -3.94 10.08
C ASP B 63 9.82 -3.93 10.97
N ALA B 64 9.98 -3.45 12.21
CA ALA B 64 8.93 -3.46 13.23
C ALA B 64 7.64 -2.84 12.70
N GLY B 65 7.77 -1.80 11.87
CA GLY B 65 6.63 -1.14 11.25
C GLY B 65 5.78 -2.13 10.47
N LEU B 66 6.43 -2.87 9.57
CA LEU B 66 5.76 -3.85 8.74
C LEU B 66 5.30 -5.05 9.57
N VAL B 67 5.93 -5.26 10.74
CA VAL B 67 5.59 -6.38 11.61
C VAL B 67 4.22 -6.14 12.23
N TYR B 68 3.89 -4.86 12.45
CA TYR B 68 2.56 -4.47 12.93
C TYR B 68 1.56 -4.60 11.78
N ASP B 69 1.91 -4.00 10.63
CA ASP B 69 1.08 -4.04 9.44
C ASP B 69 0.71 -5.48 9.10
N ALA B 70 1.69 -6.39 9.25
CA ALA B 70 1.51 -7.79 8.91
C ALA B 70 0.61 -8.48 9.92
N TYR B 71 0.58 -7.95 11.15
CA TYR B 71 -0.25 -8.48 12.23
C TYR B 71 -1.72 -8.19 11.96
N LEU B 72 -1.99 -7.02 11.38
CA LEU B 72 -3.35 -6.52 11.20
C LEU B 72 -4.14 -7.42 10.26
N ALA B 73 -5.46 -7.37 10.38
CA ALA B 73 -6.40 -8.04 9.49
C ALA B 73 -6.31 -7.40 8.11
N PRO B 74 -6.55 -8.16 7.01
CA PRO B 74 -6.89 -9.58 7.10
C PRO B 74 -5.69 -10.51 7.15
N ASN B 75 -4.49 -9.93 7.07
CA ASN B 75 -3.23 -10.66 6.93
C ASN B 75 -3.04 -11.58 8.13
N ASN B 76 -2.92 -10.96 9.31
CA ASN B 76 -2.78 -11.67 10.58
C ASN B 76 -1.60 -12.64 10.51
N LEU B 77 -0.40 -12.07 10.35
CA LEU B 77 0.84 -12.84 10.36
C LEU B 77 1.44 -12.75 11.77
N LYS B 78 2.43 -13.62 12.05
CA LYS B 78 3.07 -13.61 13.35
C LYS B 78 4.59 -13.71 13.19
N PRO B 79 5.36 -13.09 14.12
CA PRO B 79 6.82 -13.26 14.16
C PRO B 79 7.18 -14.68 14.59
N VAL B 80 8.25 -15.23 14.00
CA VAL B 80 8.61 -16.62 14.18
C VAL B 80 10.12 -16.78 14.33
N VAL B 81 10.88 -15.97 13.60
CA VAL B 81 12.34 -15.98 13.66
C VAL B 81 12.84 -14.54 13.76
N ALA B 82 13.93 -14.34 14.50
CA ALA B 82 14.49 -13.01 14.71
C ALA B 82 15.97 -12.98 14.37
N GLU B 83 16.41 -11.89 13.73
CA GLU B 83 17.82 -11.60 13.50
C GLU B 83 18.42 -11.01 14.76
N PHE B 84 19.66 -11.42 15.08
CA PHE B 84 20.38 -10.87 16.23
C PHE B 84 21.71 -10.30 15.75
N TYR B 85 22.32 -9.44 16.57
CA TYR B 85 23.31 -8.49 16.10
C TYR B 85 24.59 -8.51 16.96
N GLY B 86 24.74 -9.51 17.83
CA GLY B 86 25.89 -9.58 18.71
C GLY B 86 26.52 -10.96 18.73
N SER B 87 26.41 -11.63 19.88
CA SER B 87 26.88 -12.99 20.07
C SER B 87 25.74 -13.84 20.66
N LYS B 88 26.06 -15.09 21.01
CA LYS B 88 25.10 -15.94 21.71
C LYS B 88 24.98 -15.48 23.16
N GLU B 89 26.05 -14.85 23.67
CA GLU B 89 26.06 -14.22 24.97
C GLU B 89 25.11 -13.02 24.97
N ASP B 90 25.34 -12.08 24.04
CA ASP B 90 24.56 -10.87 23.93
C ASP B 90 23.87 -10.84 22.56
N PRO B 91 22.59 -11.26 22.47
CA PRO B 91 21.86 -11.24 21.20
C PRO B 91 21.74 -9.85 20.58
N GLN B 92 21.06 -8.94 21.29
CA GLN B 92 20.70 -7.62 20.79
C GLN B 92 19.74 -7.77 19.61
N THR B 93 18.64 -8.48 19.84
CA THR B 93 17.63 -8.70 18.82
C THR B 93 16.73 -7.47 18.72
N PHE B 94 16.59 -6.78 19.85
CA PHE B 94 15.78 -5.57 19.95
C PHE B 94 16.70 -4.36 20.07
N TYR B 95 16.10 -3.17 19.96
CA TYR B 95 16.73 -1.93 20.36
C TYR B 95 15.71 -1.12 21.16
N TYR B 96 16.17 -0.03 21.79
CA TYR B 96 15.31 0.78 22.64
C TYR B 96 15.40 2.24 22.21
N ALA B 97 14.25 2.83 21.91
CA ALA B 97 14.12 4.26 21.68
C ALA B 97 14.00 4.95 23.04
N VAL B 98 14.77 6.03 23.22
CA VAL B 98 14.89 6.66 24.53
C VAL B 98 14.80 8.17 24.39
N ALA B 99 14.59 8.84 25.53
CA ALA B 99 14.59 10.29 25.63
C ALA B 99 15.71 10.72 26.58
N VAL B 100 16.87 11.04 25.98
CA VAL B 100 18.06 11.42 26.73
C VAL B 100 17.94 12.90 27.10
N VAL B 101 18.20 13.21 28.37
CA VAL B 101 18.11 14.56 28.89
C VAL B 101 19.37 14.86 29.71
N LYS B 102 19.52 16.14 30.09
CA LYS B 102 20.58 16.59 30.97
C LYS B 102 20.27 16.14 32.39
N LYS B 103 21.33 16.07 33.22
CA LYS B 103 21.18 15.76 34.64
C LYS B 103 20.53 16.95 35.34
N ASP B 104 19.60 16.65 36.26
CA ASP B 104 18.87 17.65 37.02
C ASP B 104 18.46 18.81 36.12
N SER B 105 17.84 18.48 34.98
CA SER B 105 17.30 19.49 34.08
C SER B 105 15.89 19.89 34.54
N GLY B 106 15.22 18.97 35.23
CA GLY B 106 14.03 19.27 36.01
C GLY B 106 12.75 19.26 35.16
N PHE B 107 12.39 18.08 34.65
CA PHE B 107 11.10 17.82 34.03
C PHE B 107 10.96 16.33 33.79
N GLN B 108 9.71 15.90 33.55
CA GLN B 108 9.41 14.51 33.24
C GLN B 108 8.79 14.41 31.86
N MET B 109 8.41 13.19 31.47
CA MET B 109 7.83 12.89 30.17
C MET B 109 6.55 13.72 29.98
N ASN B 110 5.71 13.77 31.02
CA ASN B 110 4.40 14.38 30.97
C ASN B 110 4.52 15.91 31.00
N GLN B 111 5.75 16.42 31.01
CA GLN B 111 6.01 17.84 31.19
C GLN B 111 6.67 18.43 29.95
N LEU B 112 6.72 17.64 28.86
CA LEU B 112 7.54 17.97 27.71
C LEU B 112 6.97 19.14 26.91
N ARG B 113 5.69 19.47 27.14
CA ARG B 113 5.04 20.55 26.42
C ARG B 113 5.84 21.84 26.63
N GLY B 114 6.29 22.44 25.53
CA GLY B 114 6.93 23.74 25.57
C GLY B 114 8.45 23.64 25.68
N LYS B 115 8.97 22.43 25.90
CA LYS B 115 10.40 22.20 25.94
C LYS B 115 10.96 22.26 24.52
N LYS B 116 12.27 22.01 24.38
CA LYS B 116 12.93 21.99 23.09
C LYS B 116 13.42 20.58 22.78
N SER B 117 13.16 20.14 21.55
CA SER B 117 13.35 18.74 21.16
C SER B 117 14.41 18.61 20.07
N CYS B 118 15.09 17.46 20.07
CA CYS B 118 16.08 17.12 19.07
C CYS B 118 15.73 15.76 18.48
N HIS B 119 15.40 15.74 17.19
CA HIS B 119 14.97 14.53 16.49
C HIS B 119 16.09 14.03 15.58
N THR B 120 16.23 12.70 15.48
CA THR B 120 17.20 12.08 14.60
C THR B 120 16.81 12.38 13.16
N GLY B 121 15.50 12.48 12.93
CA GLY B 121 14.93 12.79 11.62
C GLY B 121 13.43 12.55 11.63
N LEU B 122 12.70 13.38 10.87
CA LEU B 122 11.26 13.23 10.71
C LEU B 122 11.01 11.93 9.94
N GLY B 123 10.23 11.03 10.57
CA GLY B 123 9.82 9.79 9.93
C GLY B 123 10.72 8.62 10.32
N ARG B 124 11.76 8.92 11.11
CA ARG B 124 12.57 7.89 11.75
C ARG B 124 11.78 7.36 12.94
N SER B 125 11.91 6.06 13.23
CA SER B 125 11.09 5.42 14.25
C SER B 125 11.41 5.98 15.64
N ALA B 126 12.64 5.74 16.10
CA ALA B 126 13.09 6.10 17.44
C ALA B 126 13.15 7.63 17.59
N GLY B 127 13.41 8.32 16.48
CA GLY B 127 13.65 9.76 16.49
C GLY B 127 12.35 10.56 16.45
N TRP B 128 11.36 10.05 15.70
CA TRP B 128 10.15 10.81 15.44
C TRP B 128 8.90 10.00 15.82
N ASN B 129 8.68 8.90 15.09
CA ASN B 129 7.45 8.14 15.14
C ASN B 129 7.11 7.75 16.58
N ILE B 130 8.05 7.07 17.24
CA ILE B 130 7.82 6.55 18.57
C ILE B 130 7.52 7.69 19.55
N PRO B 131 8.40 8.72 19.69
CA PRO B 131 8.11 9.85 20.57
C PRO B 131 6.77 10.53 20.30
N ILE B 132 6.64 11.13 19.10
CA ILE B 132 5.44 11.87 18.72
C ILE B 132 4.22 10.97 18.89
N GLY B 133 4.38 9.69 18.55
CA GLY B 133 3.32 8.70 18.68
C GLY B 133 2.78 8.63 20.11
N LEU B 134 3.70 8.55 21.08
CA LEU B 134 3.35 8.47 22.49
C LEU B 134 2.81 9.81 22.98
N LEU B 135 3.31 10.89 22.38
CA LEU B 135 2.98 12.26 22.78
C LEU B 135 1.66 12.70 22.18
N TYR B 136 1.10 11.88 21.28
CA TYR B 136 0.01 12.28 20.38
C TYR B 136 -1.09 13.03 21.12
N CYS B 137 -1.54 12.48 22.26
CA CYS B 137 -2.71 13.00 22.95
C CYS B 137 -2.41 14.33 23.64
N ASP B 138 -1.12 14.60 23.87
CA ASP B 138 -0.68 15.77 24.60
C ASP B 138 -0.48 16.94 23.63
N LEU B 139 -0.63 16.67 22.33
CA LEU B 139 -0.49 17.68 21.28
C LEU B 139 -1.75 18.53 21.22
N PRO B 140 -1.66 19.80 20.74
CA PRO B 140 -2.85 20.63 20.54
C PRO B 140 -3.70 20.22 19.34
N GLU B 141 -5.03 20.25 19.52
CA GLU B 141 -5.98 20.11 18.43
C GLU B 141 -6.04 21.44 17.67
N PRO B 142 -5.91 21.44 16.32
CA PRO B 142 -5.96 20.21 15.51
C PRO B 142 -4.70 19.35 15.55
N ARG B 143 -4.91 18.03 15.60
CA ARG B 143 -3.83 17.06 15.65
C ARG B 143 -3.14 16.98 14.29
N LYS B 144 -3.93 17.15 13.22
CA LYS B 144 -3.43 17.12 11.86
C LYS B 144 -3.39 18.55 11.30
N PRO B 145 -2.46 18.86 10.38
CA PRO B 145 -1.34 17.97 10.04
C PRO B 145 -0.36 17.91 11.21
N LEU B 146 0.15 16.69 11.46
CA LEU B 146 0.92 16.38 12.66
C LEU B 146 2.10 17.35 12.81
N GLU B 147 2.76 17.67 11.68
CA GLU B 147 3.92 18.53 11.66
C GLU B 147 3.62 19.85 12.38
N LYS B 148 2.42 20.40 12.15
CA LYS B 148 2.01 21.69 12.71
C LYS B 148 1.78 21.56 14.21
N ALA B 149 1.22 20.41 14.64
CA ALA B 149 0.82 20.21 16.02
C ALA B 149 2.02 19.94 16.92
N VAL B 150 3.14 19.51 16.30
CA VAL B 150 4.37 19.27 17.02
C VAL B 150 5.06 20.61 17.28
N ALA B 151 4.97 21.51 16.29
CA ALA B 151 5.59 22.81 16.35
C ALA B 151 4.93 23.69 17.41
N ASN B 152 3.64 23.43 17.67
CA ASN B 152 2.89 24.18 18.67
C ASN B 152 3.14 23.61 20.07
N PHE B 153 3.51 22.32 20.11
CA PHE B 153 3.76 21.62 21.36
C PHE B 153 5.08 22.09 21.95
N PHE B 154 6.18 21.73 21.27
CA PHE B 154 7.52 22.19 21.62
C PHE B 154 7.66 23.65 21.17
N SER B 155 8.34 24.45 22.01
CA SER B 155 8.61 25.85 21.69
C SER B 155 9.49 25.92 20.44
N GLY B 156 10.56 25.12 20.44
CA GLY B 156 11.46 24.97 19.31
C GLY B 156 11.94 23.53 19.19
N SER B 157 12.28 23.12 17.96
CA SER B 157 12.63 21.74 17.68
C SER B 157 13.77 21.69 16.67
N CYS B 158 14.43 20.53 16.59
CA CYS B 158 15.19 20.17 15.41
C CYS B 158 14.61 18.90 14.80
N ALA B 159 13.91 19.07 13.68
CA ALA B 159 13.30 17.97 12.95
C ALA B 159 13.94 17.87 11.57
N PRO B 160 15.06 17.11 11.40
CA PRO B 160 15.65 16.88 10.09
C PRO B 160 14.64 16.32 9.09
N CYS B 161 14.68 16.83 7.86
CA CYS B 161 13.84 16.39 6.75
C CYS B 161 12.39 16.75 6.99
N ALA B 162 12.16 17.91 7.62
CA ALA B 162 10.81 18.43 7.82
C ALA B 162 10.54 19.55 6.81
N ASP B 163 9.31 20.04 6.79
CA ASP B 163 8.96 21.20 5.99
C ASP B 163 9.09 22.45 6.85
N GLY B 164 10.29 23.02 6.86
CA GLY B 164 10.59 24.21 7.65
C GLY B 164 9.95 25.47 7.07
N THR B 165 9.74 25.45 5.74
CA THR B 165 9.21 26.59 5.03
C THR B 165 7.72 26.78 5.34
N ASP B 166 7.15 25.82 6.08
CA ASP B 166 5.75 25.86 6.44
C ASP B 166 5.58 25.81 7.96
N PHE B 167 6.53 25.16 8.64
CA PHE B 167 6.46 24.99 10.09
C PHE B 167 7.83 25.32 10.70
N PRO B 168 8.19 26.63 10.82
CA PRO B 168 9.55 27.03 11.17
C PRO B 168 10.13 26.52 12.50
N GLN B 169 9.27 26.39 13.52
CA GLN B 169 9.70 26.09 14.88
C GLN B 169 10.40 24.73 14.94
N LEU B 170 10.30 23.97 13.85
CA LEU B 170 10.88 22.63 13.76
C LEU B 170 12.36 22.74 13.40
N CYS B 171 12.79 23.94 12.98
CA CYS B 171 14.15 24.16 12.50
C CYS B 171 14.81 25.26 13.32
N GLN B 172 14.18 25.65 14.44
CA GLN B 172 14.69 26.71 15.29
C GLN B 172 16.05 26.29 15.86
N LEU B 173 16.27 24.97 15.95
CA LEU B 173 17.51 24.41 16.46
C LEU B 173 18.39 23.94 15.32
N CYS B 174 17.80 23.76 14.12
CA CYS B 174 18.56 23.46 12.92
C CYS B 174 18.02 24.26 11.75
N PRO B 175 18.48 25.51 11.56
CA PRO B 175 17.90 26.42 10.56
C PRO B 175 17.99 25.83 9.16
N GLY B 176 16.82 25.44 8.62
CA GLY B 176 16.74 24.90 7.27
C GLY B 176 16.19 23.47 7.27
N CYS B 177 16.45 22.73 8.35
CA CYS B 177 16.01 21.36 8.52
C CYS B 177 16.70 20.45 7.51
N GLY B 178 18.04 20.42 7.60
CA GLY B 178 18.89 19.65 6.70
C GLY B 178 18.59 18.15 6.78
N CYS B 179 18.74 17.46 5.65
CA CYS B 179 18.33 16.08 5.52
C CYS B 179 19.56 15.19 5.32
N SER B 180 20.74 15.73 5.63
CA SER B 180 22.00 15.01 5.56
C SER B 180 22.96 15.54 6.62
N THR B 181 24.17 14.99 6.66
CA THR B 181 25.15 15.25 7.71
C THR B 181 25.59 16.72 7.68
N LEU B 182 25.20 17.45 6.63
CA LEU B 182 25.40 18.88 6.53
C LEU B 182 24.75 19.58 7.74
N ASN B 183 23.66 18.98 8.24
CA ASN B 183 23.06 19.38 9.50
C ASN B 183 23.85 18.70 10.63
N GLN B 184 24.50 19.52 11.46
CA GLN B 184 25.32 19.05 12.56
C GLN B 184 24.43 18.43 13.65
N TYR B 185 23.12 18.68 13.54
CA TYR B 185 22.14 18.20 14.50
C TYR B 185 21.26 17.13 13.86
N PHE B 186 21.77 16.51 12.79
CA PHE B 186 21.06 15.50 12.01
C PHE B 186 21.58 14.11 12.38
N GLY B 187 20.66 13.13 12.36
CA GLY B 187 21.00 11.74 12.63
C GLY B 187 21.04 11.46 14.12
N TYR B 188 21.70 10.36 14.50
CA TYR B 188 21.81 9.96 15.89
C TYR B 188 22.87 10.81 16.60
N SER B 189 24.04 10.93 15.97
CA SER B 189 25.14 11.73 16.49
C SER B 189 24.75 13.21 16.50
N GLY B 190 23.89 13.59 15.55
CA GLY B 190 23.44 14.96 15.41
C GLY B 190 22.41 15.33 16.48
N ALA B 191 21.38 14.49 16.64
CA ALA B 191 20.32 14.73 17.61
C ALA B 191 20.90 14.71 19.03
N PHE B 192 22.00 13.97 19.22
CA PHE B 192 22.66 13.91 20.51
C PHE B 192 23.47 15.19 20.74
N LYS B 193 24.09 15.68 19.66
CA LYS B 193 24.89 16.91 19.70
C LYS B 193 23.97 18.08 20.07
N CYS B 194 22.74 18.02 19.58
CA CYS B 194 21.71 19.02 19.82
C CYS B 194 21.48 19.18 21.32
N LEU B 195 21.50 18.07 22.05
CA LEU B 195 21.30 18.06 23.49
C LEU B 195 22.58 18.57 24.18
N LYS B 196 23.72 18.02 23.76
CA LYS B 196 25.02 18.31 24.35
C LYS B 196 25.30 19.81 24.27
N ASP B 197 24.89 20.44 23.16
CA ASP B 197 25.10 21.86 22.94
C ASP B 197 24.02 22.67 23.66
N GLY B 198 23.21 21.99 24.47
CA GLY B 198 22.17 22.61 25.26
C GLY B 198 21.17 23.38 24.40
N ALA B 199 21.21 23.12 23.08
CA ALA B 199 20.32 23.73 22.12
C ALA B 199 18.89 23.22 22.36
N GLY B 200 18.79 21.93 22.71
CA GLY B 200 17.52 21.30 23.03
C GLY B 200 17.55 20.66 24.43
N ASP B 201 16.36 20.45 24.99
CA ASP B 201 16.18 19.98 26.35
C ASP B 201 16.09 18.46 26.38
N VAL B 202 15.55 17.89 25.29
CA VAL B 202 15.38 16.45 25.17
C VAL B 202 15.83 16.01 23.78
N ALA B 203 16.55 14.90 23.73
CA ALA B 203 16.97 14.28 22.48
C ALA B 203 16.44 12.86 22.41
N PHE B 204 15.72 12.55 21.32
CA PHE B 204 15.18 11.22 21.10
C PHE B 204 16.13 10.48 20.16
N VAL B 205 16.83 9.48 20.70
CA VAL B 205 17.81 8.72 19.94
C VAL B 205 17.67 7.24 20.29
N LYS B 206 18.69 6.45 19.93
CA LYS B 206 18.77 5.04 20.26
C LYS B 206 19.38 4.90 21.64
N HIS B 207 19.29 3.69 22.21
CA HIS B 207 19.79 3.41 23.54
C HIS B 207 21.31 3.56 23.58
N SER B 208 21.96 3.21 22.47
CA SER B 208 23.40 3.06 22.41
C SER B 208 24.07 4.32 21.87
N THR B 209 23.26 5.31 21.47
CA THR B 209 23.76 6.54 20.86
C THR B 209 24.67 7.27 21.84
N ILE B 210 24.22 7.34 23.12
CA ILE B 210 24.96 7.98 24.19
C ILE B 210 26.36 7.40 24.27
N PHE B 211 26.46 6.06 24.18
CA PHE B 211 27.68 5.32 24.39
C PHE B 211 28.55 5.37 23.12
N GLU B 212 27.98 5.90 22.04
CA GLU B 212 28.67 6.00 20.76
C GLU B 212 29.34 7.37 20.62
N ASN B 213 28.93 8.32 21.47
CA ASN B 213 29.38 9.70 21.36
C ASN B 213 30.29 10.06 22.54
N LEU B 214 29.99 9.50 23.72
CA LEU B 214 30.78 9.77 24.92
C LEU B 214 31.43 8.46 25.38
N ALA B 215 32.77 8.47 25.42
CA ALA B 215 33.54 7.28 25.73
C ALA B 215 33.66 7.10 27.24
N ASN B 216 33.65 8.21 27.97
CA ASN B 216 33.89 8.20 29.40
C ASN B 216 32.58 8.04 30.16
N LYS B 217 32.57 7.12 31.13
CA LYS B 217 31.49 6.92 32.08
C LYS B 217 31.25 8.22 32.84
N ALA B 218 32.21 9.15 32.72
CA ALA B 218 32.23 10.40 33.46
C ALA B 218 31.20 11.38 32.88
N ASP B 219 31.27 11.61 31.57
CA ASP B 219 30.50 12.65 30.91
C ASP B 219 29.03 12.26 30.82
N ARG B 220 28.79 10.95 30.64
CA ARG B 220 27.46 10.39 30.47
C ARG B 220 26.69 10.52 31.79
N ASP B 221 27.43 10.78 32.88
CA ASP B 221 26.85 10.86 34.21
C ASP B 221 26.12 12.19 34.41
N GLN B 222 26.22 13.09 33.43
CA GLN B 222 25.41 14.31 33.43
C GLN B 222 24.27 14.13 32.43
N TYR B 223 23.75 12.90 32.36
CA TYR B 223 22.67 12.56 31.44
C TYR B 223 21.73 11.54 32.10
N GLU B 224 20.43 11.76 31.90
CA GLU B 224 19.40 10.85 32.37
C GLU B 224 18.50 10.46 31.21
N LEU B 225 17.69 9.42 31.44
CA LEU B 225 16.67 9.00 30.50
C LEU B 225 15.29 9.24 31.11
N LEU B 226 14.42 9.92 30.35
CA LEU B 226 13.04 10.10 30.73
C LEU B 226 12.33 8.75 30.67
N CYS B 227 11.60 8.41 31.75
CA CYS B 227 10.82 7.19 31.78
C CYS B 227 9.35 7.54 31.53
N LEU B 228 8.53 6.50 31.27
CA LEU B 228 7.13 6.67 30.94
C LEU B 228 6.32 6.95 32.20
N ASP B 229 6.76 6.37 33.33
CA ASP B 229 6.09 6.54 34.61
C ASP B 229 6.43 7.90 35.21
N ASN B 230 7.13 8.73 34.43
CA ASN B 230 7.53 10.07 34.82
C ASN B 230 8.53 10.01 35.97
N THR B 231 9.37 8.97 35.97
CA THR B 231 10.56 8.97 36.80
C THR B 231 11.77 9.20 35.89
N ARG B 232 12.98 9.20 36.47
CA ARG B 232 14.19 9.26 35.68
C ARG B 232 15.11 8.09 36.07
N LYS B 233 16.06 7.78 35.20
CA LYS B 233 17.03 6.73 35.42
C LYS B 233 18.37 7.12 34.78
N PRO B 234 19.50 6.51 35.20
CA PRO B 234 20.78 6.67 34.50
C PRO B 234 20.70 6.11 33.08
N VAL B 235 21.65 6.53 32.24
CA VAL B 235 21.67 6.17 30.83
C VAL B 235 22.03 4.69 30.68
N ASP B 236 22.55 4.10 31.76
CA ASP B 236 22.91 2.69 31.80
C ASP B 236 21.65 1.83 31.88
N GLU B 237 20.58 2.39 32.44
CA GLU B 237 19.38 1.65 32.75
C GLU B 237 18.30 1.94 31.71
N TYR B 238 18.59 1.59 30.45
CA TYR B 238 17.71 1.91 29.33
C TYR B 238 16.69 0.78 29.14
N LYS B 239 17.05 -0.43 29.59
CA LYS B 239 16.17 -1.58 29.51
C LYS B 239 15.04 -1.43 30.53
N ASP B 240 15.16 -0.40 31.38
CA ASP B 240 14.19 -0.11 32.42
C ASP B 240 13.62 1.29 32.21
N CYS B 241 14.30 2.08 31.37
CA CYS B 241 13.86 3.42 31.05
C CYS B 241 13.99 3.68 29.55
N HIS B 242 13.01 3.17 28.79
CA HIS B 242 12.93 3.35 27.35
C HIS B 242 11.51 3.73 26.97
N LEU B 243 11.37 4.43 25.84
CA LEU B 243 10.08 4.80 25.29
C LEU B 243 9.43 3.58 24.63
N ALA B 244 10.24 2.79 23.92
CA ALA B 244 9.76 1.59 23.24
C ALA B 244 10.91 0.62 22.98
N GLN B 245 10.57 -0.68 22.98
CA GLN B 245 11.50 -1.74 22.64
C GLN B 245 11.11 -2.32 21.28
N VAL B 246 12.02 -2.18 20.31
CA VAL B 246 11.72 -2.40 18.91
C VAL B 246 12.57 -3.54 18.38
N PRO B 247 11.96 -4.66 17.91
CA PRO B 247 12.70 -5.73 17.23
C PRO B 247 13.36 -5.22 15.95
N SER B 248 14.65 -5.51 15.80
CA SER B 248 15.48 -4.93 14.76
C SER B 248 15.03 -5.41 13.39
N HIS B 249 14.96 -6.74 13.22
CA HIS B 249 14.47 -7.36 12.00
C HIS B 249 13.83 -8.70 12.37
N THR B 250 12.64 -8.96 11.81
CA THR B 250 11.83 -10.10 12.24
C THR B 250 11.28 -10.83 11.01
N VAL B 251 11.31 -12.17 11.07
CA VAL B 251 10.70 -13.00 10.04
C VAL B 251 9.25 -13.27 10.46
N VAL B 252 8.33 -13.15 9.49
CA VAL B 252 6.91 -13.34 9.74
C VAL B 252 6.39 -14.50 8.89
N ALA B 253 5.45 -15.25 9.46
CA ALA B 253 4.73 -16.30 8.75
C ALA B 253 3.24 -16.21 9.13
N ARG B 254 2.43 -17.10 8.53
CA ARG B 254 1.01 -17.18 8.85
C ARG B 254 0.81 -17.64 10.29
N SER B 255 -0.31 -17.22 10.89
CA SER B 255 -0.58 -17.45 12.30
C SER B 255 -0.75 -18.94 12.58
N MET B 256 -1.72 -19.57 11.92
CA MET B 256 -1.83 -21.02 11.91
C MET B 256 -1.60 -21.53 10.49
N GLY B 257 -0.96 -22.70 10.40
CA GLY B 257 -0.55 -23.28 9.13
C GLY B 257 0.46 -22.39 8.42
N GLY B 258 1.36 -21.80 9.21
CA GLY B 258 2.36 -20.86 8.70
C GLY B 258 3.67 -21.56 8.33
N LYS B 259 3.80 -22.82 8.78
CA LYS B 259 4.97 -23.66 8.57
C LYS B 259 6.17 -23.08 9.32
N GLU B 260 5.90 -22.43 10.46
CA GLU B 260 6.93 -21.78 11.28
C GLU B 260 8.11 -22.74 11.51
N ASP B 261 7.79 -24.01 11.79
CA ASP B 261 8.79 -25.04 12.06
C ASP B 261 9.77 -25.13 10.90
N LEU B 262 9.23 -25.23 9.67
CA LEU B 262 10.04 -25.35 8.47
C LEU B 262 10.97 -24.15 8.33
N ILE B 263 10.45 -22.95 8.60
CA ILE B 263 11.21 -21.72 8.48
C ILE B 263 12.42 -21.77 9.41
N TRP B 264 12.17 -22.05 10.69
CA TRP B 264 13.24 -22.16 11.67
C TRP B 264 14.28 -23.18 11.19
N GLU B 265 13.80 -24.39 10.88
CA GLU B 265 14.62 -25.50 10.45
C GLU B 265 15.55 -25.05 9.33
N LEU B 266 15.00 -24.34 8.34
CA LEU B 266 15.73 -23.91 7.17
C LEU B 266 16.80 -22.90 7.57
N LEU B 267 16.37 -21.78 8.17
CA LEU B 267 17.25 -20.66 8.49
C LEU B 267 18.34 -21.11 9.47
N ASN B 268 17.98 -22.02 10.39
CA ASN B 268 18.90 -22.47 11.43
C ASN B 268 20.08 -23.20 10.80
N GLN B 269 19.78 -24.11 9.86
CA GLN B 269 20.82 -24.84 9.16
C GLN B 269 21.53 -23.92 8.16
N ALA B 270 20.85 -22.85 7.75
CA ALA B 270 21.39 -21.91 6.79
C ALA B 270 22.47 -21.04 7.44
N GLN B 271 22.25 -20.65 8.71
CA GLN B 271 23.19 -19.83 9.44
C GLN B 271 24.37 -20.70 9.88
N GLU B 272 24.09 -21.97 10.16
CA GLU B 272 25.10 -22.95 10.50
C GLU B 272 26.12 -23.03 9.38
N HIS B 273 25.61 -23.18 8.14
CA HIS B 273 26.44 -23.41 6.97
C HIS B 273 26.96 -22.09 6.40
N PHE B 274 26.05 -21.18 6.06
CA PHE B 274 26.42 -19.99 5.30
C PHE B 274 26.26 -18.73 6.14
N GLY B 275 26.20 -18.90 7.47
CA GLY B 275 25.94 -17.79 8.38
C GLY B 275 27.14 -16.87 8.52
N LYS B 276 27.37 -16.42 9.76
CA LYS B 276 28.40 -15.43 10.06
C LYS B 276 29.79 -16.03 9.82
N ASP B 277 30.29 -15.84 8.59
CA ASP B 277 31.65 -16.20 8.19
C ASP B 277 31.82 -17.71 8.10
N LYS B 278 30.71 -18.46 8.22
CA LYS B 278 30.77 -19.90 8.36
C LYS B 278 30.99 -20.58 7.00
N SER B 279 30.97 -19.77 5.94
CA SER B 279 31.43 -20.15 4.61
C SER B 279 32.02 -18.91 3.94
N LYS B 280 32.89 -19.14 2.94
CA LYS B 280 33.45 -18.05 2.18
C LYS B 280 32.98 -18.14 0.73
N GLU B 281 32.05 -19.06 0.47
CA GLU B 281 31.55 -19.28 -0.89
C GLU B 281 30.20 -18.58 -1.07
N PHE B 282 29.36 -18.61 -0.02
CA PHE B 282 28.11 -17.86 -0.02
C PHE B 282 27.84 -17.33 1.38
N GLN B 283 27.61 -16.01 1.45
CA GLN B 283 27.28 -15.34 2.70
C GLN B 283 25.78 -15.04 2.72
N LEU B 284 25.13 -15.41 3.83
CA LEU B 284 23.71 -15.21 4.00
C LEU B 284 23.44 -13.75 4.39
N PHE B 285 24.39 -13.17 5.13
CA PHE B 285 24.25 -11.80 5.63
C PHE B 285 25.22 -10.88 4.89
N SER B 286 25.36 -11.11 3.58
CA SER B 286 26.18 -10.26 2.74
C SER B 286 25.59 -10.25 1.34
N SER B 287 25.16 -9.05 0.92
CA SER B 287 24.58 -8.83 -0.39
C SER B 287 25.68 -8.57 -1.42
N PRO B 288 25.87 -9.47 -2.41
CA PRO B 288 26.85 -9.27 -3.47
C PRO B 288 26.37 -8.27 -4.53
N HIS B 289 25.08 -7.92 -4.45
CA HIS B 289 24.42 -7.12 -5.47
C HIS B 289 24.09 -5.73 -4.95
N GLY B 290 23.72 -5.64 -3.66
CA GLY B 290 23.34 -4.38 -3.06
C GLY B 290 23.73 -4.31 -1.58
N LYS B 291 22.75 -3.97 -0.73
CA LYS B 291 22.95 -3.87 0.69
C LYS B 291 21.67 -4.30 1.41
N ASP B 292 21.81 -5.26 2.33
CA ASP B 292 20.75 -5.69 3.22
C ASP B 292 19.65 -6.41 2.44
N LEU B 293 20.07 -7.29 1.53
CA LEU B 293 19.15 -8.08 0.72
C LEU B 293 18.71 -9.31 1.52
N LEU B 294 17.38 -9.47 1.64
CA LEU B 294 16.75 -10.55 2.38
C LEU B 294 16.91 -10.36 3.88
N PHE B 295 18.14 -10.04 4.31
CA PHE B 295 18.44 -9.83 5.72
C PHE B 295 19.44 -8.68 5.84
N LYS B 296 19.36 -7.95 6.95
CA LYS B 296 20.31 -6.89 7.25
C LYS B 296 21.70 -7.51 7.40
N ASP B 297 22.69 -6.86 6.76
CA ASP B 297 24.06 -7.35 6.72
C ASP B 297 24.69 -7.25 8.11
N SER B 298 23.94 -6.67 9.06
CA SER B 298 24.40 -6.46 10.42
C SER B 298 24.19 -7.74 11.25
N ALA B 299 23.22 -8.55 10.84
CA ALA B 299 22.77 -9.70 11.61
C ALA B 299 23.88 -10.73 11.74
N HIS B 300 24.09 -11.20 12.98
CA HIS B 300 25.07 -12.24 13.26
C HIS B 300 24.39 -13.61 13.32
N GLY B 301 23.05 -13.63 13.18
CA GLY B 301 22.35 -14.90 13.09
C GLY B 301 20.86 -14.80 13.42
N PHE B 302 20.27 -15.95 13.77
CA PHE B 302 18.84 -16.12 13.96
C PHE B 302 18.55 -16.84 15.26
N LEU B 303 17.49 -16.40 15.94
CA LEU B 303 16.96 -17.07 17.12
C LEU B 303 15.51 -17.45 16.84
N LYS B 304 15.10 -18.61 17.38
CA LYS B 304 13.70 -19.00 17.34
C LYS B 304 12.92 -18.12 18.31
N VAL B 305 11.80 -17.57 17.83
CA VAL B 305 10.88 -16.80 18.66
C VAL B 305 9.90 -17.78 19.29
N PRO B 306 9.65 -17.68 20.62
CA PRO B 306 8.70 -18.58 21.31
C PRO B 306 7.33 -18.61 20.65
N PRO B 307 6.64 -19.78 20.65
CA PRO B 307 5.39 -19.96 19.90
C PRO B 307 4.21 -19.07 20.28
N ARG B 308 4.04 -18.81 21.57
CA ARG B 308 2.87 -18.13 22.09
C ARG B 308 3.01 -16.62 21.88
N MET B 309 4.03 -16.21 21.11
CA MET B 309 4.30 -14.81 20.87
C MET B 309 3.44 -14.29 19.73
N ASP B 310 2.50 -13.39 20.07
CA ASP B 310 1.77 -12.63 19.06
C ASP B 310 2.52 -11.32 18.82
N ALA B 311 2.24 -10.69 17.68
CA ALA B 311 2.98 -9.50 17.25
C ALA B 311 2.84 -8.38 18.29
N LYS B 312 1.60 -8.12 18.72
CA LYS B 312 1.34 -7.08 19.71
C LYS B 312 2.26 -7.26 20.91
N MET B 313 2.46 -8.52 21.31
CA MET B 313 3.26 -8.86 22.48
C MET B 313 4.74 -8.71 22.16
N TYR B 314 5.11 -9.01 20.90
CA TYR B 314 6.50 -9.03 20.49
C TYR B 314 7.02 -7.60 20.31
N LEU B 315 6.16 -6.71 19.82
CA LEU B 315 6.50 -5.31 19.63
C LEU B 315 6.68 -4.65 20.99
N GLY B 316 5.71 -4.85 21.89
CA GLY B 316 5.68 -4.20 23.18
C GLY B 316 4.61 -3.11 23.22
N TYR B 317 3.84 -3.07 24.31
CA TYR B 317 2.63 -2.26 24.40
C TYR B 317 2.94 -0.78 24.16
N GLU B 318 4.19 -0.39 24.45
CA GLU B 318 4.64 0.99 24.26
C GLU B 318 4.63 1.33 22.78
N TYR B 319 5.23 0.45 21.98
CA TYR B 319 5.38 0.66 20.55
C TYR B 319 4.00 0.72 19.89
N VAL B 320 3.12 -0.22 20.26
CA VAL B 320 1.82 -0.35 19.63
C VAL B 320 0.98 0.89 19.91
N THR B 321 1.28 1.58 21.03
CA THR B 321 0.60 2.81 21.39
C THR B 321 1.02 3.91 20.42
N ALA B 322 2.32 3.98 20.13
CA ALA B 322 2.86 4.99 19.24
C ALA B 322 2.16 4.95 17.89
N ILE B 323 2.28 3.80 17.20
CA ILE B 323 1.72 3.63 15.86
C ILE B 323 0.20 3.70 15.92
N ARG B 324 -0.39 3.05 16.92
CA ARG B 324 -1.85 3.02 17.07
C ARG B 324 -2.36 4.46 17.10
N ASN B 325 -1.66 5.32 17.85
CA ASN B 325 -2.02 6.72 17.97
C ASN B 325 -1.84 7.42 16.63
N LEU B 326 -0.65 7.26 16.02
CA LEU B 326 -0.31 7.95 14.79
C LEU B 326 -1.30 7.58 13.69
N ARG B 327 -1.74 6.32 13.68
CA ARG B 327 -2.52 5.76 12.57
C ARG B 327 -4.01 5.97 12.80
N GLU B 328 -4.49 5.68 14.01
CA GLU B 328 -5.91 5.77 14.34
C GLU B 328 -6.25 7.22 14.69
N GLY B 329 -5.40 7.83 15.52
CA GLY B 329 -5.44 9.26 15.80
C GLY B 329 -6.68 9.68 16.58
N THR B 330 -7.04 8.88 17.60
CA THR B 330 -8.26 9.10 18.36
C THR B 330 -7.93 9.09 19.85
N CYS B 331 -7.91 10.30 20.44
CA CYS B 331 -7.71 10.47 21.87
C CYS B 331 -9.04 10.76 22.54
N PRO B 332 -9.24 10.33 23.82
CA PRO B 332 -10.47 10.62 24.55
C PRO B 332 -10.53 12.07 25.02
N GLU B 333 -11.73 12.52 25.39
CA GLU B 333 -11.90 13.80 26.05
C GLU B 333 -12.22 13.56 27.53
N ALA B 334 -12.06 12.29 27.95
CA ALA B 334 -12.27 11.89 29.34
C ALA B 334 -11.45 12.78 30.26
N PRO B 335 -12.01 13.21 31.42
CA PRO B 335 -11.30 14.08 32.36
C PRO B 335 -9.93 13.51 32.73
N THR B 336 -8.94 14.41 32.87
CA THR B 336 -7.53 14.05 32.88
C THR B 336 -7.14 13.37 34.19
N ASP B 337 -7.90 13.61 35.26
CA ASP B 337 -7.49 13.21 36.60
C ASP B 337 -8.28 12.00 37.07
N GLU B 338 -9.42 11.73 36.45
CA GLU B 338 -10.29 10.62 36.85
C GLU B 338 -9.73 9.32 36.29
N CYS B 339 -9.82 8.26 37.12
CA CYS B 339 -9.37 6.93 36.74
C CYS B 339 -10.44 6.25 35.89
N LYS B 340 -10.03 5.78 34.70
CA LYS B 340 -10.88 4.97 33.86
C LYS B 340 -11.27 3.71 34.63
N PRO B 341 -12.48 3.14 34.40
CA PRO B 341 -12.91 1.94 35.12
C PRO B 341 -11.88 0.83 34.93
N VAL B 342 -11.72 -0.01 35.97
CA VAL B 342 -10.69 -1.04 35.95
C VAL B 342 -11.26 -2.35 35.45
N LYS B 343 -10.73 -2.80 34.31
CA LYS B 343 -11.18 -4.00 33.61
C LYS B 343 -10.53 -5.22 34.25
N TRP B 344 -11.35 -6.01 34.95
CA TRP B 344 -10.89 -7.21 35.64
C TRP B 344 -10.96 -8.41 34.69
N CYS B 345 -10.06 -9.38 34.89
CA CYS B 345 -9.97 -10.54 34.02
C CYS B 345 -10.54 -11.78 34.71
N ALA B 346 -11.57 -12.36 34.09
CA ALA B 346 -12.15 -13.63 34.53
C ALA B 346 -11.73 -14.72 33.55
N LEU B 347 -11.54 -15.94 34.07
CA LEU B 347 -11.05 -17.04 33.25
C LEU B 347 -11.94 -18.27 33.39
N SER B 348 -13.11 -18.09 34.00
CA SER B 348 -14.13 -19.12 34.06
C SER B 348 -15.51 -18.48 33.96
N HIS B 349 -16.51 -19.29 33.60
CA HIS B 349 -17.87 -18.81 33.39
C HIS B 349 -18.43 -18.24 34.70
N HIS B 350 -18.20 -18.96 35.80
CA HIS B 350 -18.67 -18.53 37.10
C HIS B 350 -17.91 -17.27 37.55
N GLU B 351 -16.61 -17.21 37.23
CA GLU B 351 -15.78 -16.05 37.53
C GLU B 351 -16.34 -14.81 36.83
N ARG B 352 -16.76 -14.99 35.56
CA ARG B 352 -17.31 -13.90 34.78
C ARG B 352 -18.62 -13.43 35.39
N LEU B 353 -19.43 -14.38 35.88
CA LEU B 353 -20.75 -14.09 36.41
C LEU B 353 -20.66 -13.41 37.77
N LYS B 354 -19.58 -13.70 38.50
CA LYS B 354 -19.31 -13.03 39.76
C LYS B 354 -18.76 -11.64 39.48
N CYS B 355 -17.94 -11.53 38.43
CA CYS B 355 -17.37 -10.27 37.99
C CYS B 355 -18.48 -9.33 37.55
N ASP B 356 -19.48 -9.88 36.84
CA ASP B 356 -20.56 -9.11 36.26
C ASP B 356 -21.43 -8.51 37.35
N GLU B 357 -21.71 -9.28 38.41
CA GLU B 357 -22.47 -8.81 39.54
C GLU B 357 -21.67 -7.70 40.25
N TRP B 358 -20.36 -7.90 40.34
CA TRP B 358 -19.45 -6.90 40.90
C TRP B 358 -19.50 -5.62 40.06
N SER B 359 -19.48 -5.81 38.73
CA SER B 359 -19.43 -4.71 37.78
C SER B 359 -20.58 -3.73 37.99
N VAL B 360 -21.78 -4.27 38.23
CA VAL B 360 -22.99 -3.45 38.32
C VAL B 360 -23.00 -2.72 39.66
N ASN B 361 -22.64 -3.43 40.74
CA ASN B 361 -22.70 -2.88 42.09
C ASN B 361 -21.57 -1.87 42.31
N SER B 362 -20.53 -1.96 41.47
CA SER B 362 -19.40 -1.06 41.54
C SER B 362 -19.73 0.28 40.91
N VAL B 363 -20.95 0.39 40.37
CA VAL B 363 -21.48 1.58 39.71
C VAL B 363 -20.57 1.99 38.54
N GLY B 364 -20.04 0.99 37.85
CA GLY B 364 -19.29 1.20 36.62
C GLY B 364 -17.80 1.43 36.89
N LYS B 365 -17.36 1.18 38.13
CA LYS B 365 -15.98 1.38 38.51
C LYS B 365 -15.15 0.15 38.14
N ILE B 366 -15.82 -1.01 38.04
CA ILE B 366 -15.20 -2.27 37.66
C ILE B 366 -15.86 -2.77 36.38
N GLU B 367 -15.04 -3.11 35.39
CA GLU B 367 -15.51 -3.76 34.17
C GLU B 367 -14.89 -5.16 34.11
N CYS B 368 -15.35 -5.98 33.15
CA CYS B 368 -14.93 -7.38 33.11
C CYS B 368 -14.44 -7.76 31.71
N VAL B 369 -13.51 -8.74 31.69
CA VAL B 369 -12.97 -9.30 30.45
C VAL B 369 -12.80 -10.80 30.65
N SER B 370 -13.36 -11.60 29.75
CA SER B 370 -13.17 -13.04 29.76
C SER B 370 -11.97 -13.42 28.89
N ALA B 371 -11.11 -14.29 29.43
CA ALA B 371 -10.03 -14.92 28.69
C ALA B 371 -10.04 -16.43 28.99
N GLU B 372 -9.36 -17.22 28.15
CA GLU B 372 -9.43 -18.66 28.29
C GLU B 372 -8.68 -19.13 29.53
N THR B 373 -7.36 -18.87 29.55
CA THR B 373 -6.50 -19.40 30.61
C THR B 373 -6.01 -18.27 31.50
N THR B 374 -5.29 -18.64 32.57
CA THR B 374 -4.68 -17.70 33.49
C THR B 374 -3.60 -16.91 32.74
N GLU B 375 -2.85 -17.60 31.89
CA GLU B 375 -1.75 -17.01 31.12
C GLU B 375 -2.33 -16.04 30.09
N ASP B 376 -3.45 -16.45 29.47
CA ASP B 376 -4.15 -15.61 28.50
C ASP B 376 -4.50 -14.28 29.15
N CYS B 377 -5.05 -14.33 30.37
CA CYS B 377 -5.41 -13.15 31.13
C CYS B 377 -4.21 -12.23 31.33
N ILE B 378 -3.06 -12.81 31.71
CA ILE B 378 -1.85 -12.06 31.96
C ILE B 378 -1.44 -11.33 30.67
N ALA B 379 -1.55 -12.02 29.54
CA ALA B 379 -1.27 -11.45 28.23
C ALA B 379 -2.18 -10.25 27.97
N LYS B 380 -3.43 -10.34 28.44
CA LYS B 380 -4.41 -9.28 28.25
C LYS B 380 -4.05 -8.07 29.12
N ILE B 381 -3.40 -8.32 30.26
CA ILE B 381 -2.99 -7.27 31.17
C ILE B 381 -1.82 -6.50 30.56
N MET B 382 -0.91 -7.23 29.89
CA MET B 382 0.34 -6.65 29.42
C MET B 382 0.19 -5.99 28.06
N ASN B 383 -0.87 -6.32 27.30
CA ASN B 383 -1.13 -5.61 26.06
C ASN B 383 -2.13 -4.49 26.31
N GLY B 384 -2.99 -4.68 27.31
CA GLY B 384 -3.82 -3.59 27.84
C GLY B 384 -5.32 -3.83 27.64
N GLU B 385 -5.67 -5.02 27.14
CA GLU B 385 -7.06 -5.40 26.93
C GLU B 385 -7.72 -5.66 28.28
N ALA B 386 -6.91 -5.72 29.34
CA ALA B 386 -7.37 -5.92 30.70
C ALA B 386 -6.46 -5.18 31.68
N ASP B 387 -6.93 -5.03 32.93
CA ASP B 387 -6.28 -4.18 33.90
C ASP B 387 -5.69 -5.01 35.05
N ALA B 388 -6.55 -5.68 35.82
CA ALA B 388 -6.09 -6.34 37.03
C ALA B 388 -6.74 -7.70 37.22
N MET B 389 -5.98 -8.60 37.88
CA MET B 389 -6.45 -9.92 38.27
C MET B 389 -5.65 -10.38 39.50
N SER B 390 -6.19 -11.33 40.25
CA SER B 390 -5.50 -11.90 41.39
C SER B 390 -4.75 -13.17 40.97
N LEU B 391 -3.53 -13.34 41.50
CA LEU B 391 -2.64 -14.41 41.07
C LEU B 391 -1.99 -15.09 42.27
N ASP B 392 -1.71 -16.39 42.12
CA ASP B 392 -0.96 -17.17 43.09
C ASP B 392 0.53 -16.92 42.90
N GLY B 393 1.33 -17.36 43.87
CA GLY B 393 2.77 -17.12 43.90
C GLY B 393 3.46 -17.43 42.57
N GLY B 394 3.21 -18.63 42.04
CA GLY B 394 3.84 -19.12 40.83
C GLY B 394 3.53 -18.22 39.61
N PHE B 395 2.32 -17.65 39.59
CA PHE B 395 1.85 -16.83 38.50
C PHE B 395 2.18 -15.36 38.74
N VAL B 396 2.43 -15.01 40.01
CA VAL B 396 2.94 -13.70 40.37
C VAL B 396 4.35 -13.57 39.79
N TYR B 397 5.11 -14.65 39.90
CA TYR B 397 6.45 -14.74 39.34
C TYR B 397 6.39 -14.50 37.83
N ILE B 398 5.53 -15.26 37.15
CA ILE B 398 5.42 -15.24 35.71
C ILE B 398 4.97 -13.85 35.24
N ALA B 399 4.06 -13.24 36.00
CA ALA B 399 3.60 -11.89 35.72
C ALA B 399 4.74 -10.90 35.87
N GLY B 400 5.55 -11.09 36.91
CA GLY B 400 6.70 -10.25 37.17
C GLY B 400 7.69 -10.27 36.00
N LYS B 401 8.10 -11.48 35.61
CA LYS B 401 8.99 -11.69 34.48
C LYS B 401 8.40 -11.04 33.24
N CYS B 402 7.07 -11.03 33.16
CA CYS B 402 6.34 -10.45 32.03
C CYS B 402 6.15 -8.95 32.22
N GLY B 403 6.70 -8.41 33.31
CA GLY B 403 6.79 -6.97 33.50
C GLY B 403 5.57 -6.40 34.22
N LEU B 404 4.73 -7.29 34.76
CA LEU B 404 3.61 -6.87 35.60
C LEU B 404 4.08 -6.77 37.04
N VAL B 405 3.30 -6.08 37.88
CA VAL B 405 3.71 -5.76 39.24
C VAL B 405 2.56 -6.02 40.20
N PRO B 406 2.82 -6.67 41.36
CA PRO B 406 1.81 -6.83 42.41
C PRO B 406 1.55 -5.50 43.11
N VAL B 407 0.31 -5.30 43.56
CA VAL B 407 -0.14 -4.02 44.07
C VAL B 407 -0.86 -4.23 45.41
N LEU B 408 -1.78 -5.19 45.44
CA LEU B 408 -2.50 -5.54 46.65
C LEU B 408 -2.28 -7.02 46.93
N ALA B 409 -2.23 -7.37 48.23
CA ALA B 409 -2.16 -8.75 48.66
C ALA B 409 -3.45 -9.14 49.35
N GLU B 410 -3.85 -10.41 49.18
CA GLU B 410 -4.98 -10.98 49.88
C GLU B 410 -4.55 -11.33 51.30
N ASN B 411 -5.12 -10.62 52.28
CA ASN B 411 -4.88 -10.91 53.68
C ASN B 411 -5.91 -11.93 54.18
N TYR B 412 -5.42 -12.90 54.97
CA TYR B 412 -6.23 -14.05 55.34
C TYR B 412 -6.57 -14.00 56.83
N ASN B 413 -5.70 -13.38 57.63
CA ASN B 413 -5.89 -13.32 59.08
C ASN B 413 -6.66 -12.06 59.45
N LYS B 414 -7.56 -12.20 60.44
CA LYS B 414 -8.38 -11.10 60.92
C LYS B 414 -7.51 -10.11 61.71
N SER B 415 -7.63 -8.83 61.35
CA SER B 415 -6.80 -7.77 61.88
C SER B 415 -7.55 -6.44 61.74
N ASP B 416 -7.32 -5.53 62.70
CA ASP B 416 -8.03 -4.27 62.77
C ASP B 416 -7.65 -3.38 61.59
N ASN B 417 -6.35 -3.21 61.36
CA ASN B 417 -5.85 -2.40 60.26
C ASN B 417 -5.03 -3.28 59.31
N CYS B 418 -5.70 -4.30 58.75
CA CYS B 418 -5.08 -5.25 57.84
C CYS B 418 -4.83 -4.58 56.49
N GLU B 419 -5.49 -3.44 56.25
CA GLU B 419 -5.34 -2.67 55.03
C GLU B 419 -3.93 -2.07 54.97
N ASP B 420 -3.30 -1.89 56.14
CA ASP B 420 -2.03 -1.20 56.24
C ASP B 420 -0.94 -2.15 56.72
N THR B 421 -1.08 -3.46 56.43
CA THR B 421 -0.07 -4.43 56.80
C THR B 421 -0.19 -5.68 55.92
N PRO B 422 0.73 -5.87 54.93
CA PRO B 422 0.78 -7.11 54.15
C PRO B 422 1.16 -8.31 55.02
N GLU B 423 0.91 -9.52 54.51
CA GLU B 423 1.13 -10.74 55.27
C GLU B 423 2.43 -11.42 54.83
N ALA B 424 2.51 -11.76 53.54
CA ALA B 424 3.62 -12.48 52.94
C ALA B 424 3.52 -13.99 53.21
N GLY B 425 2.63 -14.37 54.14
CA GLY B 425 2.15 -15.75 54.24
C GLY B 425 2.96 -16.60 55.22
N TYR B 426 2.72 -17.92 55.14
CA TYR B 426 3.28 -18.90 56.06
C TYR B 426 4.63 -19.40 55.54
N PHE B 427 5.33 -20.14 56.39
CA PHE B 427 6.67 -20.65 56.10
C PHE B 427 6.59 -22.11 55.68
N ALA B 428 7.42 -22.47 54.69
CA ALA B 428 7.58 -23.86 54.28
C ALA B 428 8.95 -24.37 54.73
N VAL B 429 8.95 -25.57 55.31
CA VAL B 429 10.15 -26.14 55.91
C VAL B 429 10.06 -27.66 55.85
N ALA B 430 11.14 -28.34 56.26
CA ALA B 430 11.22 -29.79 56.24
C ALA B 430 11.42 -30.32 57.66
N VAL B 431 10.64 -31.36 58.01
CA VAL B 431 10.69 -31.98 59.32
C VAL B 431 11.61 -33.21 59.26
N VAL B 432 12.61 -33.23 60.15
CA VAL B 432 13.45 -34.39 60.37
C VAL B 432 13.43 -34.70 61.87
N LYS B 433 13.53 -35.99 62.20
CA LYS B 433 13.65 -36.43 63.59
C LYS B 433 15.11 -36.35 64.00
N LYS B 434 15.35 -35.97 65.25
CA LYS B 434 16.68 -35.84 65.83
C LYS B 434 17.34 -37.21 65.89
N SER B 435 16.52 -38.26 65.70
CA SER B 435 16.95 -39.65 65.75
C SER B 435 18.04 -39.91 64.71
N ALA B 436 17.82 -39.44 63.49
CA ALA B 436 18.83 -39.48 62.44
C ALA B 436 19.58 -38.15 62.42
N SER B 437 20.66 -38.09 63.21
CA SER B 437 21.32 -36.83 63.54
C SER B 437 22.46 -36.53 62.57
N ASP B 438 22.64 -37.40 61.58
CA ASP B 438 23.68 -37.24 60.57
C ASP B 438 23.15 -36.43 59.39
N LEU B 439 21.84 -36.13 59.43
CA LEU B 439 21.13 -35.55 58.31
C LEU B 439 21.23 -34.02 58.32
N THR B 440 21.78 -33.49 57.21
CA THR B 440 21.75 -32.07 56.93
C THR B 440 21.36 -31.86 55.46
N TRP B 441 21.11 -30.59 55.09
CA TRP B 441 20.60 -30.20 53.78
C TRP B 441 21.36 -30.88 52.65
N ASP B 442 22.68 -31.07 52.85
CA ASP B 442 23.60 -31.37 51.77
C ASP B 442 23.72 -32.88 51.56
N ASN B 443 23.23 -33.67 52.52
CA ASN B 443 23.29 -35.11 52.42
C ASN B 443 21.89 -35.72 52.37
N LEU B 444 20.91 -34.92 51.91
CA LEU B 444 19.56 -35.39 51.71
C LEU B 444 19.52 -36.43 50.58
N LYS B 445 20.48 -36.31 49.64
CA LYS B 445 20.51 -37.08 48.42
C LYS B 445 20.43 -38.58 48.73
N GLY B 446 19.40 -39.22 48.19
CA GLY B 446 19.25 -40.67 48.24
C GLY B 446 18.53 -41.16 49.49
N LYS B 447 17.97 -40.22 50.26
CA LYS B 447 17.25 -40.56 51.48
C LYS B 447 15.78 -40.87 51.15
N LYS B 448 14.98 -41.11 52.20
CA LYS B 448 13.56 -41.40 52.03
C LYS B 448 12.76 -40.15 52.40
N SER B 449 11.92 -39.71 51.45
CA SER B 449 11.22 -38.43 51.54
C SER B 449 9.70 -38.64 51.57
N CYS B 450 8.99 -37.61 52.04
CA CYS B 450 7.54 -37.64 52.13
C CYS B 450 6.98 -36.26 51.80
N HIS B 451 6.15 -36.20 50.76
CA HIS B 451 5.63 -34.95 50.23
C HIS B 451 4.13 -34.90 50.49
N THR B 452 3.62 -33.70 50.81
CA THR B 452 2.19 -33.48 50.99
C THR B 452 1.47 -34.01 49.75
N ALA B 453 1.89 -33.51 48.59
CA ALA B 453 1.56 -34.05 47.28
C ALA B 453 2.48 -33.39 46.24
N VAL B 454 2.45 -33.92 45.01
CA VAL B 454 3.17 -33.33 43.90
C VAL B 454 2.39 -32.11 43.40
N GLY B 455 3.10 -31.00 43.21
CA GLY B 455 2.48 -29.78 42.73
C GLY B 455 2.25 -28.76 43.84
N ARG B 456 2.05 -29.28 45.07
CA ARG B 456 1.85 -28.46 46.25
C ARG B 456 3.06 -27.54 46.46
N THR B 457 2.83 -26.41 47.13
CA THR B 457 3.83 -25.35 47.27
C THR B 457 4.89 -25.80 48.28
N ALA B 458 4.43 -26.19 49.47
CA ALA B 458 5.31 -26.53 50.58
C ALA B 458 5.89 -27.93 50.40
N GLY B 459 5.01 -28.88 50.05
CA GLY B 459 5.37 -30.29 50.01
C GLY B 459 6.19 -30.67 48.79
N TRP B 460 6.25 -29.78 47.79
CA TRP B 460 6.89 -30.13 46.52
C TRP B 460 7.70 -28.96 45.95
N ASN B 461 7.01 -27.88 45.58
CA ASN B 461 7.55 -26.86 44.71
C ASN B 461 8.82 -26.23 45.28
N ILE B 462 8.71 -25.71 46.50
CA ILE B 462 9.80 -24.97 47.14
C ILE B 462 11.02 -25.87 47.28
N PRO B 463 10.91 -27.06 47.92
CA PRO B 463 12.03 -28.01 47.97
C PRO B 463 12.68 -28.28 46.61
N MET B 464 11.92 -28.88 45.70
CA MET B 464 12.43 -29.31 44.40
C MET B 464 13.22 -28.17 43.74
N GLY B 465 12.73 -26.94 43.89
CA GLY B 465 13.37 -25.77 43.33
C GLY B 465 14.73 -25.49 43.97
N LEU B 466 14.78 -25.60 45.30
CA LEU B 466 16.00 -25.42 46.07
C LEU B 466 16.92 -26.62 45.84
N LEU B 467 16.31 -27.79 45.62
CA LEU B 467 17.03 -29.04 45.39
C LEU B 467 17.59 -29.07 43.97
N TYR B 468 17.03 -28.25 43.07
CA TYR B 468 17.30 -28.34 41.64
C TYR B 468 18.77 -28.08 41.34
N ASN B 469 19.39 -27.19 42.11
CA ASN B 469 20.78 -26.80 41.91
C ASN B 469 21.66 -28.03 41.80
N LYS B 470 21.35 -29.05 42.64
CA LYS B 470 22.06 -30.31 42.66
C LYS B 470 21.66 -31.15 41.45
N ILE B 471 20.38 -31.59 41.44
CA ILE B 471 19.86 -32.53 40.47
C ILE B 471 20.14 -32.03 39.05
N ASN B 472 19.86 -30.74 38.81
CA ASN B 472 20.20 -30.04 37.57
C ASN B 472 19.40 -30.62 36.40
N HIS B 473 18.86 -31.84 36.58
CA HIS B 473 18.07 -32.48 35.56
C HIS B 473 16.65 -32.73 36.09
N CYS B 474 15.74 -33.10 35.18
CA CYS B 474 14.32 -33.18 35.48
C CYS B 474 13.90 -34.63 35.71
N ARG B 475 14.61 -35.30 36.64
CA ARG B 475 14.29 -36.65 37.04
C ARG B 475 14.34 -36.73 38.58
N PHE B 476 13.32 -36.13 39.20
CA PHE B 476 13.25 -35.96 40.64
C PHE B 476 12.98 -37.31 41.32
N ASP B 477 12.46 -38.25 40.54
CA ASP B 477 12.27 -39.64 40.95
C ASP B 477 13.61 -40.23 41.40
N GLU B 478 14.70 -39.76 40.79
CA GLU B 478 16.02 -40.32 41.01
C GLU B 478 16.62 -39.82 42.33
N PHE B 479 16.54 -38.50 42.55
CA PHE B 479 17.21 -37.84 43.66
C PHE B 479 17.01 -38.62 44.96
N PHE B 480 15.75 -38.98 45.25
CA PHE B 480 15.40 -39.70 46.46
C PHE B 480 15.23 -41.18 46.15
N SER B 481 15.79 -42.03 47.02
CA SER B 481 15.73 -43.47 46.88
C SER B 481 14.28 -43.94 46.84
N GLU B 482 13.54 -43.64 47.91
CA GLU B 482 12.13 -43.96 48.03
C GLU B 482 11.42 -42.82 48.75
N GLY B 483 10.22 -42.47 48.28
CA GLY B 483 9.46 -41.37 48.86
C GLY B 483 7.97 -41.65 48.86
N CYS B 484 7.19 -40.65 49.31
CA CYS B 484 5.75 -40.65 49.14
C CYS B 484 5.29 -39.28 48.67
N ALA B 485 5.08 -39.17 47.36
CA ALA B 485 4.53 -37.98 46.73
C ALA B 485 3.23 -38.33 46.04
N PRO B 486 2.09 -38.34 46.78
CA PRO B 486 0.78 -38.68 46.18
C PRO B 486 0.51 -37.83 44.95
N GLY B 487 0.18 -38.49 43.85
CA GLY B 487 -0.13 -37.82 42.59
C GLY B 487 0.90 -38.13 41.51
N SER B 488 2.04 -38.70 41.91
CA SER B 488 3.09 -39.10 40.98
C SER B 488 2.66 -40.35 40.22
N LYS B 489 3.55 -40.86 39.36
CA LYS B 489 3.29 -42.09 38.61
C LYS B 489 3.28 -43.28 39.55
N LYS B 490 2.32 -44.19 39.33
CA LYS B 490 2.08 -45.33 40.20
C LYS B 490 3.32 -46.21 40.33
N ASP B 491 4.19 -46.16 39.32
CA ASP B 491 5.37 -47.00 39.29
C ASP B 491 6.63 -46.13 39.26
N SER B 492 6.64 -45.10 40.12
CA SER B 492 7.82 -44.31 40.37
C SER B 492 8.28 -44.51 41.81
N SER B 493 9.53 -44.13 42.09
CA SER B 493 10.16 -44.31 43.39
C SER B 493 9.46 -43.47 44.45
N LEU B 494 8.53 -42.62 44.01
CA LEU B 494 7.86 -41.66 44.87
C LEU B 494 6.47 -42.18 45.23
N CYS B 495 6.27 -43.49 45.09
CA CYS B 495 5.01 -44.14 45.45
C CYS B 495 5.27 -45.48 46.14
N LYS B 496 6.48 -45.66 46.67
CA LYS B 496 6.86 -46.92 47.30
C LYS B 496 6.49 -46.94 48.78
N LEU B 497 6.21 -45.76 49.35
CA LEU B 497 6.07 -45.63 50.79
C LEU B 497 4.64 -45.29 51.18
N CYS B 498 3.79 -45.03 50.18
CA CYS B 498 2.44 -44.56 50.42
C CYS B 498 1.56 -45.71 50.90
N MET B 499 1.14 -45.64 52.17
CA MET B 499 0.40 -46.68 52.87
C MET B 499 -1.06 -46.72 52.43
N GLY B 500 -1.33 -46.38 51.16
CA GLY B 500 -2.69 -46.39 50.64
C GLY B 500 -3.16 -47.80 50.31
N SER B 501 -4.47 -47.94 50.06
CA SER B 501 -5.04 -49.21 49.62
C SER B 501 -4.52 -49.53 48.23
N GLY B 502 -4.28 -50.83 47.98
CA GLY B 502 -3.71 -51.31 46.73
C GLY B 502 -4.17 -50.50 45.52
N LEU B 503 -5.49 -50.26 45.43
CA LEU B 503 -6.10 -49.62 44.28
C LEU B 503 -5.95 -48.10 44.35
N ASN B 504 -6.76 -47.44 45.21
CA ASN B 504 -6.68 -46.00 45.41
C ASN B 504 -5.44 -45.68 46.25
N LEU B 505 -4.26 -45.87 45.65
CA LEU B 505 -3.01 -45.85 46.40
C LEU B 505 -2.38 -44.46 46.30
N CYS B 506 -1.61 -44.23 45.24
CA CYS B 506 -0.79 -43.04 45.11
C CYS B 506 -1.62 -41.90 44.54
N GLU B 507 -2.85 -41.76 45.05
CA GLU B 507 -3.79 -40.73 44.63
C GLU B 507 -3.74 -39.57 45.62
N PRO B 508 -3.75 -38.31 45.15
CA PRO B 508 -3.75 -37.15 46.05
C PRO B 508 -5.13 -36.87 46.64
N ASN B 509 -5.38 -37.42 47.84
CA ASN B 509 -6.61 -37.20 48.58
C ASN B 509 -6.49 -37.79 49.98
N ASN B 510 -7.51 -37.52 50.82
CA ASN B 510 -7.52 -37.91 52.22
C ASN B 510 -7.47 -39.43 52.39
N LYS B 511 -7.76 -40.15 51.30
CA LYS B 511 -7.81 -41.61 51.32
C LYS B 511 -6.45 -42.18 50.92
N GLU B 512 -5.42 -41.33 51.03
CA GLU B 512 -4.03 -41.77 50.95
C GLU B 512 -3.50 -41.94 52.38
N GLY B 513 -3.71 -40.91 53.21
CA GLY B 513 -3.29 -40.94 54.60
C GLY B 513 -1.87 -40.39 54.77
N TYR B 514 -1.04 -40.59 53.74
CA TYR B 514 0.29 -40.01 53.68
C TYR B 514 0.26 -38.77 52.78
N TYR B 515 -0.96 -38.27 52.53
CA TYR B 515 -1.18 -37.08 51.75
C TYR B 515 -1.52 -35.91 52.67
N GLY B 516 -1.02 -34.72 52.32
CA GLY B 516 -1.34 -33.50 53.03
C GLY B 516 -0.26 -33.17 54.06
N TYR B 517 -0.50 -32.08 54.82
CA TYR B 517 0.44 -31.62 55.83
C TYR B 517 0.55 -32.65 56.94
N THR B 518 -0.56 -33.32 57.25
CA THR B 518 -0.60 -34.33 58.30
C THR B 518 -0.05 -35.65 57.77
N GLY B 519 -0.31 -35.92 56.50
CA GLY B 519 0.01 -37.20 55.87
C GLY B 519 1.52 -37.44 55.83
N ALA B 520 2.27 -36.39 55.48
CA ALA B 520 3.72 -36.47 55.35
C ALA B 520 4.36 -36.77 56.70
N PHE B 521 3.69 -36.33 57.78
CA PHE B 521 4.21 -36.51 59.14
C PHE B 521 4.14 -37.98 59.52
N ARG B 522 3.03 -38.64 59.15
CA ARG B 522 2.85 -40.06 59.40
C ARG B 522 3.92 -40.83 58.64
N CYS B 523 4.11 -40.44 57.36
CA CYS B 523 5.16 -40.98 56.52
C CYS B 523 6.52 -40.79 57.18
N LEU B 524 6.72 -39.61 57.79
CA LEU B 524 7.97 -39.27 58.46
C LEU B 524 8.15 -40.12 59.71
N VAL B 525 7.14 -40.10 60.60
CA VAL B 525 7.24 -40.74 61.90
C VAL B 525 7.29 -42.26 61.71
N GLU B 526 6.59 -42.76 60.68
CA GLU B 526 6.57 -44.18 60.40
C GLU B 526 7.79 -44.57 59.55
N LYS B 527 7.78 -44.18 58.28
CA LYS B 527 8.63 -44.82 57.28
C LYS B 527 9.52 -43.81 56.56
N GLY B 528 9.80 -42.66 57.19
CA GLY B 528 10.46 -41.57 56.48
C GLY B 528 11.68 -41.04 57.22
N ASP B 529 12.47 -40.22 56.50
CA ASP B 529 13.59 -39.48 57.08
C ASP B 529 13.29 -37.98 57.03
N VAL B 530 12.65 -37.56 55.93
CA VAL B 530 12.37 -36.15 55.68
C VAL B 530 10.94 -36.02 55.13
N ALA B 531 10.23 -35.00 55.60
CA ALA B 531 8.91 -34.64 55.09
C ALA B 531 8.80 -33.12 55.01
N PHE B 532 8.09 -32.63 53.99
CA PHE B 532 8.02 -31.22 53.69
C PHE B 532 6.62 -30.70 53.98
N VAL B 533 6.55 -29.68 54.85
CA VAL B 533 5.30 -29.17 55.38
C VAL B 533 5.46 -27.70 55.76
N LYS B 534 4.39 -27.13 56.35
CA LYS B 534 4.41 -25.77 56.85
C LYS B 534 5.04 -25.74 58.24
N HIS B 535 5.23 -24.52 58.77
CA HIS B 535 5.93 -24.31 60.03
C HIS B 535 5.06 -24.75 61.21
N GLN B 536 3.74 -24.76 61.01
CA GLN B 536 2.81 -25.04 62.08
C GLN B 536 2.29 -26.48 62.00
N THR B 537 3.02 -27.35 61.30
CA THR B 537 2.55 -28.71 61.07
C THR B 537 2.98 -29.62 62.21
N VAL B 538 4.21 -29.43 62.68
CA VAL B 538 4.74 -30.19 63.81
C VAL B 538 3.99 -29.78 65.08
N PRO B 539 3.96 -28.48 65.46
CA PRO B 539 3.28 -28.04 66.68
C PRO B 539 1.81 -28.44 66.81
N GLN B 540 1.14 -28.70 65.67
CA GLN B 540 -0.28 -28.96 65.68
C GLN B 540 -0.55 -30.46 65.51
N ASN B 541 0.52 -31.28 65.57
CA ASN B 541 0.37 -32.73 65.46
C ASN B 541 1.06 -33.42 66.63
N THR B 542 1.87 -32.66 67.38
CA THR B 542 2.59 -33.19 68.53
C THR B 542 1.89 -32.76 69.81
N GLY B 543 2.41 -33.22 70.96
CA GLY B 543 1.93 -32.84 72.27
C GLY B 543 0.48 -33.26 72.50
N GLY B 544 0.01 -34.23 71.70
CA GLY B 544 -1.32 -34.78 71.83
C GLY B 544 -2.40 -33.79 71.38
N LYS B 545 -2.02 -32.81 70.56
CA LYS B 545 -2.96 -31.90 69.94
C LYS B 545 -3.68 -32.64 68.81
N ASN B 546 -3.19 -33.85 68.52
CA ASN B 546 -3.73 -34.72 67.49
C ASN B 546 -4.26 -35.99 68.15
N PRO B 547 -5.57 -36.30 68.01
CA PRO B 547 -6.19 -37.40 68.75
C PRO B 547 -6.08 -38.82 68.16
N ASP B 548 -5.49 -38.91 66.97
CA ASP B 548 -5.46 -40.17 66.21
C ASP B 548 -4.37 -41.09 66.75
N PRO B 549 -4.49 -42.43 66.53
CA PRO B 549 -3.54 -43.41 67.07
C PRO B 549 -2.04 -43.11 67.02
N TRP B 550 -1.58 -42.57 65.89
CA TRP B 550 -0.16 -42.47 65.60
C TRP B 550 0.47 -41.20 66.18
N ALA B 551 -0.37 -40.19 66.46
CA ALA B 551 0.12 -38.86 66.81
C ALA B 551 -0.29 -38.48 68.23
N LYS B 552 -0.38 -39.49 69.12
CA LYS B 552 -0.76 -39.28 70.50
C LYS B 552 0.42 -38.74 71.29
N ASN B 553 1.51 -39.53 71.30
CA ASN B 553 2.60 -39.35 72.25
C ASN B 553 3.86 -38.88 71.53
N LEU B 554 3.68 -38.05 70.50
CA LEU B 554 4.80 -37.47 69.77
C LEU B 554 5.04 -36.06 70.30
N ASN B 555 6.31 -35.66 70.40
CA ASN B 555 6.66 -34.38 70.99
C ASN B 555 7.47 -33.53 70.01
N GLU B 556 7.32 -32.21 70.11
CA GLU B 556 7.98 -31.22 69.28
C GLU B 556 9.50 -31.34 69.42
N LYS B 557 9.95 -31.87 70.57
CA LYS B 557 11.35 -31.91 70.93
C LYS B 557 12.08 -33.01 70.14
N ASP B 558 11.31 -33.97 69.61
CA ASP B 558 11.85 -35.14 68.94
C ASP B 558 12.43 -34.76 67.58
N TYR B 559 11.92 -33.67 67.00
CA TYR B 559 12.22 -33.34 65.62
C TYR B 559 12.94 -31.99 65.54
N GLU B 560 14.10 -32.00 64.89
CA GLU B 560 14.81 -30.77 64.56
C GLU B 560 14.21 -30.20 63.27
N LEU B 561 14.48 -28.92 63.03
CA LEU B 561 13.96 -28.23 61.87
C LEU B 561 15.09 -28.07 60.86
N LEU B 562 15.22 -29.06 59.96
CA LEU B 562 16.13 -29.06 58.83
C LEU B 562 16.26 -27.66 58.23
N CYS B 563 17.49 -27.23 57.93
CA CYS B 563 17.69 -25.85 57.48
C CYS B 563 18.61 -25.75 56.28
N LEU B 564 18.75 -24.50 55.80
CA LEU B 564 19.47 -24.12 54.59
C LEU B 564 20.94 -23.83 54.90
N ASP B 565 21.21 -23.28 56.09
CA ASP B 565 22.55 -22.91 56.50
C ASP B 565 23.37 -24.17 56.74
N GLY B 566 22.84 -25.30 56.23
CA GLY B 566 23.40 -26.62 56.50
C GLY B 566 23.18 -27.03 57.95
N THR B 567 22.58 -26.11 58.73
CA THR B 567 22.43 -26.28 60.17
C THR B 567 21.11 -27.00 60.48
N ARG B 568 20.92 -27.33 61.76
CA ARG B 568 19.67 -27.82 62.29
C ARG B 568 19.28 -26.95 63.48
N LYS B 569 17.97 -26.72 63.65
CA LYS B 569 17.46 -25.89 64.74
C LYS B 569 16.16 -26.50 65.28
N PRO B 570 15.58 -25.96 66.37
CA PRO B 570 14.29 -26.45 66.88
C PRO B 570 13.08 -25.97 66.08
N VAL B 571 11.90 -26.45 66.47
CA VAL B 571 10.67 -26.30 65.71
C VAL B 571 10.19 -24.84 65.71
N GLU B 572 10.52 -24.09 66.78
CA GLU B 572 9.96 -22.76 66.97
C GLU B 572 10.76 -21.73 66.18
N GLU B 573 12.02 -22.04 65.86
CA GLU B 573 12.93 -21.10 65.24
C GLU B 573 12.77 -21.14 63.72
N TYR B 574 11.54 -21.38 63.26
CA TYR B 574 11.20 -21.45 61.85
C TYR B 574 11.49 -20.10 61.19
N ALA B 575 11.41 -19.02 61.99
CA ALA B 575 11.56 -17.66 61.51
C ALA B 575 13.01 -17.42 61.06
N ASN B 576 13.89 -18.35 61.43
CA ASN B 576 15.31 -18.30 61.07
C ASN B 576 15.67 -19.57 60.31
N CYS B 577 14.89 -20.63 60.53
CA CYS B 577 15.06 -21.87 59.79
C CYS B 577 13.84 -22.10 58.91
N HIS B 578 13.92 -21.57 57.68
CA HIS B 578 12.87 -21.76 56.70
C HIS B 578 13.49 -22.06 55.34
N LEU B 579 12.70 -22.69 54.47
CA LEU B 579 13.08 -22.92 53.08
C LEU B 579 12.68 -21.68 52.28
N ALA B 580 11.38 -21.39 52.25
CA ALA B 580 10.84 -20.18 51.67
C ALA B 580 9.49 -19.87 52.30
N ARG B 581 9.19 -18.58 52.42
CA ARG B 581 7.89 -18.13 52.92
C ARG B 581 6.88 -18.23 51.78
N ALA B 582 6.08 -19.31 51.80
CA ALA B 582 5.08 -19.59 50.78
C ALA B 582 4.06 -18.47 50.75
N PRO B 583 3.98 -17.69 49.64
CA PRO B 583 3.32 -16.39 49.65
C PRO B 583 1.79 -16.46 49.56
N ASN B 584 1.15 -15.30 49.73
CA ASN B 584 -0.29 -15.18 49.57
C ASN B 584 -0.60 -14.80 48.13
N HIS B 585 -1.88 -14.98 47.75
CA HIS B 585 -2.38 -14.52 46.45
C HIS B 585 -2.33 -12.99 46.42
N ALA B 586 -2.08 -12.44 45.23
CA ALA B 586 -1.87 -11.01 45.08
C ALA B 586 -2.43 -10.51 43.76
N VAL B 587 -3.02 -9.31 43.80
CA VAL B 587 -3.56 -8.64 42.63
C VAL B 587 -2.39 -8.06 41.83
N VAL B 588 -2.44 -8.27 40.51
CA VAL B 588 -1.36 -7.87 39.61
C VAL B 588 -1.95 -6.98 38.52
N THR B 589 -1.31 -5.82 38.29
CA THR B 589 -1.75 -4.87 37.29
C THR B 589 -0.55 -4.30 36.52
N ARG B 590 -0.85 -3.55 35.46
CA ARG B 590 0.16 -2.86 34.67
C ARG B 590 0.63 -1.64 35.46
N LYS B 591 1.91 -1.30 35.29
CA LYS B 591 2.58 -0.27 36.07
C LYS B 591 1.87 1.07 35.91
N ASP B 592 1.45 1.38 34.68
CA ASP B 592 0.83 2.65 34.35
C ASP B 592 -0.54 2.76 35.03
N LYS B 593 -1.12 1.62 35.40
CA LYS B 593 -2.47 1.59 35.96
C LYS B 593 -2.42 1.29 37.46
N GLU B 594 -1.21 1.28 38.03
CA GLU B 594 -1.00 0.90 39.42
C GLU B 594 -1.79 1.81 40.36
N ALA B 595 -1.61 3.13 40.19
CA ALA B 595 -2.16 4.14 41.08
C ALA B 595 -3.67 4.02 41.18
N CYS B 596 -4.33 3.93 40.02
CA CYS B 596 -5.78 3.83 39.94
C CYS B 596 -6.25 2.55 40.63
N VAL B 597 -5.56 1.44 40.37
CA VAL B 597 -5.91 0.13 40.90
C VAL B 597 -5.92 0.17 42.43
N HIS B 598 -4.89 0.81 43.01
CA HIS B 598 -4.81 0.98 44.45
C HIS B 598 -6.10 1.61 44.97
N LYS B 599 -6.53 2.69 44.29
CA LYS B 599 -7.69 3.47 44.70
C LYS B 599 -8.96 2.64 44.58
N ILE B 600 -9.30 2.24 43.35
CA ILE B 600 -10.59 1.66 43.03
C ILE B 600 -10.88 0.49 43.96
N LEU B 601 -9.94 -0.46 44.03
CA LEU B 601 -10.10 -1.70 44.79
C LEU B 601 -10.32 -1.39 46.27
N ARG B 602 -9.60 -0.40 46.79
CA ARG B 602 -9.71 -0.03 48.19
C ARG B 602 -11.11 0.52 48.48
N GLN B 603 -11.64 1.32 47.56
CA GLN B 603 -13.00 1.85 47.66
C GLN B 603 -13.99 0.70 47.58
N GLN B 604 -13.67 -0.30 46.75
CA GLN B 604 -14.56 -1.42 46.44
C GLN B 604 -14.71 -2.35 47.64
N GLN B 605 -13.60 -2.61 48.34
CA GLN B 605 -13.59 -3.56 49.45
C GLN B 605 -14.21 -2.92 50.68
N HIS B 606 -14.36 -1.59 50.67
CA HIS B 606 -15.09 -0.89 51.72
C HIS B 606 -16.58 -1.22 51.61
N LEU B 607 -17.05 -1.29 50.36
CA LEU B 607 -18.46 -1.52 50.06
C LEU B 607 -18.82 -2.99 50.26
N PHE B 608 -17.98 -3.89 49.72
CA PHE B 608 -18.32 -5.30 49.62
C PHE B 608 -17.29 -6.17 50.32
N GLY B 609 -16.35 -5.53 51.04
CA GLY B 609 -15.31 -6.23 51.77
C GLY B 609 -15.89 -7.04 52.94
N SER B 610 -15.01 -7.81 53.60
CA SER B 610 -15.37 -8.74 54.65
C SER B 610 -16.32 -8.11 55.68
N ASN B 611 -16.30 -6.77 55.74
CA ASN B 611 -17.01 -5.98 56.73
C ASN B 611 -18.52 -6.22 56.64
N VAL B 612 -18.99 -6.63 55.46
CA VAL B 612 -20.41 -6.63 55.13
C VAL B 612 -21.07 -7.91 55.65
N THR B 613 -22.14 -7.72 56.43
CA THR B 613 -23.07 -8.77 56.83
C THR B 613 -24.25 -8.76 55.84
N ASP B 614 -25.17 -9.72 56.01
CA ASP B 614 -26.32 -9.88 55.14
C ASP B 614 -25.85 -9.94 53.68
N CYS B 615 -25.05 -10.97 53.38
CA CYS B 615 -24.54 -11.19 52.03
C CYS B 615 -25.67 -11.70 51.13
N SER B 616 -26.64 -12.36 51.75
CA SER B 616 -27.79 -12.91 51.04
C SER B 616 -28.48 -11.79 50.24
N GLY B 617 -29.05 -10.82 50.95
CA GLY B 617 -29.73 -9.70 50.31
C GLY B 617 -28.76 -8.58 49.94
N ASN B 618 -27.56 -8.96 49.47
CA ASN B 618 -26.52 -8.01 49.10
C ASN B 618 -25.47 -8.70 48.24
N PHE B 619 -24.25 -8.15 48.25
CA PHE B 619 -23.12 -8.73 47.53
C PHE B 619 -21.85 -8.50 48.35
N CYS B 620 -21.08 -9.59 48.50
CA CYS B 620 -19.84 -9.58 49.26
C CYS B 620 -18.72 -10.08 48.34
N LEU B 621 -17.71 -9.23 48.12
CA LEU B 621 -16.70 -9.42 47.10
C LEU B 621 -15.93 -10.71 47.34
N PHE B 622 -15.98 -11.21 48.59
CA PHE B 622 -15.11 -12.31 49.00
C PHE B 622 -15.92 -13.58 49.26
N ARG B 623 -17.17 -13.59 48.79
CA ARG B 623 -17.98 -14.80 48.81
C ARG B 623 -18.29 -15.22 47.37
N SER B 624 -18.03 -16.50 47.07
CA SER B 624 -18.21 -17.05 45.74
C SER B 624 -19.39 -18.01 45.73
N GLU B 625 -19.97 -18.19 44.53
CA GLU B 625 -21.08 -19.11 44.33
C GLU B 625 -20.57 -20.54 44.36
N THR B 626 -19.40 -20.78 43.73
CA THR B 626 -18.79 -22.09 43.75
C THR B 626 -17.63 -22.12 44.73
N LYS B 627 -16.46 -21.61 44.33
CA LYS B 627 -15.29 -21.61 45.21
C LYS B 627 -14.19 -20.70 44.66
N ASP B 628 -13.81 -19.71 45.48
CA ASP B 628 -12.64 -18.86 45.26
C ASP B 628 -12.69 -18.21 43.88
N LEU B 629 -13.79 -17.53 43.58
CA LEU B 629 -13.95 -16.79 42.34
C LEU B 629 -13.33 -15.40 42.52
N LEU B 630 -12.43 -15.05 41.59
CA LEU B 630 -11.77 -13.75 41.53
C LEU B 630 -10.72 -13.66 42.64
N PHE B 631 -11.16 -13.87 43.89
CA PHE B 631 -10.30 -13.89 45.06
C PHE B 631 -10.61 -15.14 45.87
N ARG B 632 -9.58 -15.65 46.58
CA ARG B 632 -9.77 -16.74 47.53
C ARG B 632 -10.76 -16.28 48.60
N ASP B 633 -11.59 -17.22 49.08
CA ASP B 633 -12.72 -16.91 49.94
C ASP B 633 -12.26 -16.58 51.35
N ASP B 634 -10.98 -16.82 51.64
CA ASP B 634 -10.44 -16.63 52.98
C ASP B 634 -10.11 -15.16 53.22
N THR B 635 -10.04 -14.38 52.13
CA THR B 635 -9.58 -13.00 52.18
C THR B 635 -10.48 -12.18 53.09
N VAL B 636 -9.84 -11.38 53.95
CA VAL B 636 -10.54 -10.49 54.86
C VAL B 636 -10.49 -9.08 54.27
N CYS B 637 -9.37 -8.75 53.64
CA CYS B 637 -9.12 -7.45 53.04
C CYS B 637 -7.95 -7.56 52.08
N LEU B 638 -7.74 -6.49 51.29
CA LEU B 638 -6.59 -6.38 50.41
C LEU B 638 -5.61 -5.37 51.02
N ALA B 639 -4.40 -5.85 51.30
CA ALA B 639 -3.37 -5.03 51.92
C ALA B 639 -2.57 -4.28 50.86
N LYS B 640 -2.07 -3.10 51.22
CA LYS B 640 -1.29 -2.26 50.34
C LYS B 640 0.16 -2.76 50.32
N LEU B 641 0.83 -2.57 49.19
CA LEU B 641 2.18 -3.08 48.99
C LEU B 641 3.16 -1.93 48.76
N HIS B 642 3.25 -1.04 49.75
CA HIS B 642 4.31 -0.03 49.75
C HIS B 642 5.62 -0.73 50.09
N ASP B 643 6.60 -0.56 49.18
CA ASP B 643 7.95 -1.09 49.32
C ASP B 643 8.01 -2.58 48.96
N ARG B 644 7.04 -3.04 48.16
CA ARG B 644 6.94 -4.46 47.84
C ARG B 644 6.31 -4.65 46.46
N ASN B 645 6.39 -3.61 45.63
CA ASN B 645 5.62 -3.54 44.38
C ASN B 645 6.47 -4.01 43.19
N THR B 646 7.27 -5.06 43.40
CA THR B 646 7.88 -5.84 42.33
C THR B 646 7.79 -7.31 42.71
N TYR B 647 7.78 -8.19 41.71
CA TYR B 647 7.64 -9.63 41.94
C TYR B 647 8.81 -10.11 42.79
N GLU B 648 10.00 -9.57 42.51
CA GLU B 648 11.25 -9.92 43.17
C GLU B 648 11.15 -9.61 44.66
N LYS B 649 10.49 -8.50 44.99
CA LYS B 649 10.37 -8.04 46.37
C LYS B 649 9.27 -8.81 47.09
N TYR B 650 8.12 -8.99 46.42
CA TYR B 650 6.92 -9.53 47.06
C TYR B 650 7.13 -11.00 47.43
N LEU B 651 7.67 -11.78 46.49
CA LEU B 651 8.05 -13.16 46.75
C LEU B 651 9.46 -13.16 47.33
N GLY B 652 9.80 -14.22 48.06
CA GLY B 652 11.16 -14.39 48.56
C GLY B 652 12.12 -14.66 47.41
N GLU B 653 13.35 -14.16 47.53
CA GLU B 653 14.40 -14.50 46.60
C GLU B 653 14.62 -16.01 46.65
N GLU B 654 14.25 -16.59 47.80
CA GLU B 654 14.29 -18.04 48.03
C GLU B 654 13.17 -18.72 47.24
N TYR B 655 12.02 -18.05 47.15
CA TYR B 655 10.87 -18.56 46.42
C TYR B 655 11.13 -18.38 44.92
N VAL B 656 11.78 -17.27 44.56
CA VAL B 656 12.13 -16.93 43.18
C VAL B 656 13.10 -17.98 42.64
N LYS B 657 14.14 -18.28 43.43
CA LYS B 657 15.12 -19.30 43.09
C LYS B 657 14.40 -20.62 42.81
N ALA B 658 13.38 -20.90 43.62
CA ALA B 658 12.72 -22.20 43.66
C ALA B 658 11.77 -22.37 42.47
N VAL B 659 11.00 -21.32 42.17
CA VAL B 659 10.03 -21.36 41.08
C VAL B 659 10.76 -21.29 39.75
N GLY B 660 11.73 -20.38 39.67
CA GLY B 660 12.57 -20.21 38.49
C GLY B 660 13.29 -21.51 38.12
N ASN B 661 13.71 -22.26 39.14
CA ASN B 661 14.35 -23.54 38.97
C ASN B 661 13.35 -24.56 38.44
N LEU B 662 12.10 -24.48 38.92
CA LEU B 662 11.06 -25.43 38.55
C LEU B 662 10.61 -25.20 37.11
N ARG B 663 10.61 -23.93 36.68
CA ARG B 663 10.12 -23.55 35.36
C ARG B 663 11.10 -23.96 34.28
N LYS B 664 12.25 -24.52 34.70
CA LYS B 664 13.22 -25.07 33.78
C LYS B 664 12.77 -26.47 33.37
N CYS B 665 11.93 -27.10 34.21
CA CYS B 665 11.44 -28.43 33.95
C CYS B 665 10.01 -28.39 33.42
N SER B 666 9.21 -27.44 33.93
CA SER B 666 7.84 -27.25 33.47
C SER B 666 7.72 -25.89 32.78
N THR B 667 7.95 -25.88 31.46
CA THR B 667 7.96 -24.66 30.68
C THR B 667 6.55 -24.07 30.62
N SER B 668 6.49 -22.73 30.65
CA SER B 668 5.28 -21.97 30.45
C SER B 668 5.42 -21.15 29.17
N SER B 669 4.56 -21.44 28.19
CA SER B 669 4.61 -20.81 26.88
C SER B 669 4.77 -19.30 27.01
N LEU B 670 4.03 -18.71 27.97
CA LEU B 670 4.02 -17.27 28.20
C LEU B 670 5.34 -16.83 28.83
N LEU B 671 5.88 -17.67 29.73
CA LEU B 671 7.11 -17.33 30.44
C LEU B 671 8.24 -17.20 29.43
N GLU B 672 8.49 -18.27 28.67
CA GLU B 672 9.58 -18.32 27.72
C GLU B 672 9.41 -17.23 26.66
N ALA B 673 8.16 -16.79 26.45
CA ALA B 673 7.86 -15.71 25.53
C ALA B 673 8.32 -14.37 26.09
N CYS B 674 8.05 -14.14 27.37
CA CYS B 674 8.39 -12.88 28.02
C CYS B 674 9.90 -12.77 28.20
N THR B 675 10.54 -13.91 28.48
CA THR B 675 11.95 -13.97 28.83
C THR B 675 12.82 -13.77 27.59
N PHE B 676 12.26 -14.10 26.41
CA PHE B 676 12.93 -13.85 25.15
C PHE B 676 13.04 -12.34 24.94
N ARG B 677 12.04 -11.61 25.42
CA ARG B 677 11.96 -10.17 25.29
C ARG B 677 12.78 -9.48 26.38
N ARG B 678 12.99 -10.19 27.50
CA ARG B 678 13.69 -9.61 28.64
C ARG B 678 14.35 -10.73 29.45
N PRO B 679 15.62 -11.10 29.13
CA PRO B 679 16.34 -12.13 29.89
C PRO B 679 17.09 -11.58 31.09
#